data_7UAO
#
_entry.id   7UAO
#
_cell.length_a   59.488
_cell.length_b   152.846
_cell.length_c   108.741
_cell.angle_alpha   90.000
_cell.angle_beta   90.750
_cell.angle_gamma   90.000
#
_symmetry.space_group_name_H-M   'P 1 21 1'
#
loop_
_entity.id
_entity.type
_entity.pdbx_description
1 polymer 'Nitric oxide synthase, endothelial'
2 non-polymer 'PROTOPORPHYRIN IX CONTAINING FE'
3 non-polymer 5,6,7,8-TETRAHYDROBIOPTERIN
4 non-polymer 6-[3-(4,4-difluoropiperidin-1-yl)propyl]-4-methylpyridin-2-amine
5 non-polymer 2-[BIS-(2-HYDROXY-ETHYL)-AMINO]-2-HYDROXYMETHYL-PROPANE-1,3-DIOL
6 non-polymer GLYCEROL
7 non-polymer 'CHLORIDE ION'
8 non-polymer 'GADOLINIUM ATOM'
9 non-polymer 'ZINC ION'
10 water water
#
_entity_poly.entity_id   1
_entity_poly.type   'polypeptide(L)'
_entity_poly.pdbx_seq_one_letter_code
;APASLLPPAPEHSPPSSPLTQPPEGPKFPRVKNWEVGSITYDTLSAQAQQDGPCTPRRCLGSLVFPRKLQGRPSPGPPAP
EQLLSQARDFINQYYSSIKRSGSQAHEQRLQEVEAEVAATGTYQLRESELVFGAKQAWRNAPRCVGRIQWGKLQVFDARD
CRSAQEMFTYICNHIKYATNRGNLRSAITVFPQRCPGRGDFRIWNSQLVRYAGYRQQDGSVRGDPANVEITELCIQHGWT
PGNGRFDVLPLLLQAPDEPPELFLLPPELVLEVPLEHPTLEWFAALGLRWYALPAVSNMLLEIGGLEFPAAPFSGWYMST
EIGTRNLCDPHRYNILEDVAVCMDLDTRTTSSLWKDKAAVEINVAVLHSYQLAKVTIVDHHAATASFMKHLENEQKARGG
CPADWAWIVPPISGSLTPVFHQEMVNYFLSPAFRYQPDPW
;
_entity_poly.pdbx_strand_id   A,B,C,D
#
loop_
_chem_comp.id
_chem_comp.type
_chem_comp.name
_chem_comp.formula
BTB non-polymer 2-[BIS-(2-HYDROXY-ETHYL)-AMINO]-2-HYDROXYMETHYL-PROPANE-1,3-DIOL 'C8 H19 N O5'
CL non-polymer 'CHLORIDE ION' 'Cl -1'
GD non-polymer 'GADOLINIUM ATOM' Gd
GOL non-polymer GLYCEROL 'C3 H8 O3'
H4B non-polymer 5,6,7,8-TETRAHYDROBIOPTERIN 'C9 H15 N5 O3'
HEM non-polymer 'PROTOPORPHYRIN IX CONTAINING FE' 'C34 H32 Fe N4 O4'
M5L non-polymer 6-[3-(4,4-difluoropiperidin-1-yl)propyl]-4-methylpyridin-2-amine 'C14 H21 F2 N3'
ZN non-polymer 'ZINC ION' 'Zn 2'
#
# COMPACT_ATOMS: atom_id res chain seq x y z
N LYS A 27 -25.32 21.95 40.11
CA LYS A 27 -24.13 22.67 40.54
C LYS A 27 -22.89 21.75 40.55
N PHE A 28 -23.08 20.50 40.14
CA PHE A 28 -21.96 19.58 39.92
C PHE A 28 -21.94 19.21 38.44
N PRO A 29 -20.96 19.71 37.67
CA PRO A 29 -21.01 19.58 36.20
C PRO A 29 -21.11 18.14 35.76
N ARG A 30 -22.12 17.86 34.93
CA ARG A 30 -22.27 16.56 34.29
C ARG A 30 -21.30 16.47 33.12
N VAL A 31 -20.61 15.34 33.01
CA VAL A 31 -19.51 15.15 32.08
C VAL A 31 -19.72 13.82 31.38
N LYS A 32 -19.79 13.85 30.05
CA LYS A 32 -20.07 12.65 29.28
C LYS A 32 -18.84 12.26 28.47
N ASN A 33 -18.65 10.94 28.33
CA ASN A 33 -17.74 10.40 27.32
C ASN A 33 -18.57 9.85 26.18
N TRP A 34 -18.33 10.36 24.96
CA TRP A 34 -19.18 10.12 23.81
C TRP A 34 -18.83 8.84 23.06
N GLU A 35 -17.66 8.25 23.30
CA GLU A 35 -17.32 6.98 22.67
C GLU A 35 -17.99 5.82 23.37
N VAL A 36 -18.13 5.89 24.69
CA VAL A 36 -18.70 4.81 25.47
C VAL A 36 -20.12 5.10 25.91
N GLY A 37 -20.46 6.37 26.16
CA GLY A 37 -21.75 6.74 26.67
C GLY A 37 -21.82 6.94 28.16
N SER A 38 -20.68 6.88 28.86
CA SER A 38 -20.65 6.97 30.31
C SER A 38 -20.75 8.41 30.78
N ILE A 39 -21.29 8.57 31.99
CA ILE A 39 -21.53 9.86 32.63
C ILE A 39 -20.83 9.86 33.98
N THR A 40 -20.16 10.97 34.30
CA THR A 40 -19.63 11.22 35.64
C THR A 40 -19.99 12.65 36.06
N TYR A 41 -19.75 12.96 37.33
CA TYR A 41 -19.93 14.31 37.86
C TYR A 41 -18.62 14.78 38.48
N ASP A 42 -18.19 15.99 38.11
CA ASP A 42 -16.95 16.56 38.64
C ASP A 42 -17.31 17.34 39.91
N THR A 43 -17.32 16.63 41.03
CA THR A 43 -17.54 17.29 42.30
C THR A 43 -16.31 18.07 42.75
N LEU A 44 -15.12 17.64 42.31
CA LEU A 44 -13.89 18.33 42.69
C LEU A 44 -13.89 19.79 42.24
N SER A 45 -14.60 20.09 41.14
CA SER A 45 -14.64 21.45 40.62
C SER A 45 -15.16 22.44 41.64
N ALA A 46 -15.87 21.96 42.67
CA ALA A 46 -16.46 22.84 43.68
C ALA A 46 -15.42 23.52 44.57
N GLN A 47 -14.12 23.19 44.42
CA GLN A 47 -13.07 23.80 45.23
C GLN A 47 -12.32 24.93 44.55
N ALA A 48 -12.55 25.19 43.26
CA ALA A 48 -11.66 26.02 42.45
C ALA A 48 -11.32 27.37 43.11
N GLN A 49 -10.01 27.63 43.25
CA GLN A 49 -9.52 28.88 43.85
C GLN A 49 -9.35 29.95 42.79
N GLN A 50 -8.19 30.05 42.14
CA GLN A 50 -7.87 31.20 41.30
C GLN A 50 -8.81 31.22 40.11
N ASP A 51 -9.90 31.97 40.24
CA ASP A 51 -10.94 31.96 39.22
C ASP A 51 -10.35 32.24 37.85
N GLY A 52 -10.78 31.44 36.87
CA GLY A 52 -10.26 31.52 35.53
C GLY A 52 -10.88 32.63 34.68
N PRO A 53 -10.66 32.56 33.37
CA PRO A 53 -10.98 33.69 32.49
C PRO A 53 -12.40 33.74 31.93
N CYS A 54 -13.19 32.68 32.09
CA CYS A 54 -14.49 32.58 31.45
C CYS A 54 -15.57 33.25 32.30
N THR A 55 -16.62 33.70 31.63
CA THR A 55 -17.83 34.23 32.25
C THR A 55 -19.03 33.61 31.56
N PRO A 56 -20.22 33.69 32.17
CA PRO A 56 -21.44 33.23 31.49
C PRO A 56 -21.64 33.89 30.14
N ARG A 57 -21.05 35.06 29.94
CA ARG A 57 -21.19 35.82 28.71
C ARG A 57 -20.26 35.36 27.57
N ARG A 58 -19.09 34.79 27.87
CA ARG A 58 -18.13 34.45 26.82
C ARG A 58 -17.10 33.47 27.37
N CYS A 59 -16.76 32.46 26.57
CA CYS A 59 -15.76 31.47 26.95
C CYS A 59 -14.41 31.87 26.34
N LEU A 60 -13.37 31.86 27.17
CA LEU A 60 -12.00 32.17 26.76
C LEU A 60 -11.10 30.97 26.94
N GLY A 61 -11.67 29.77 26.87
CA GLY A 61 -10.92 28.54 27.09
C GLY A 61 -9.77 28.32 26.12
N SER A 62 -9.81 28.95 24.95
CA SER A 62 -8.79 28.75 23.95
C SER A 62 -7.61 29.72 24.07
N LEU A 63 -7.61 30.64 25.03
CA LEU A 63 -6.52 31.60 25.15
C LEU A 63 -5.34 30.95 25.88
N VAL A 64 -4.12 31.16 25.36
CA VAL A 64 -2.93 30.55 25.95
C VAL A 64 -2.64 31.14 27.31
N PHE A 65 -2.36 32.44 27.37
CA PHE A 65 -2.18 33.17 28.62
C PHE A 65 -3.38 34.10 28.80
N PRO A 66 -4.42 33.67 29.51
CA PRO A 66 -5.73 34.36 29.58
C PRO A 66 -5.65 35.79 30.12
N PRO A 80 -1.28 42.07 54.07
CA PRO A 80 -0.38 41.05 53.51
C PRO A 80 -0.65 39.63 54.02
N GLU A 81 -1.43 39.49 55.09
CA GLU A 81 -1.60 38.22 55.80
C GLU A 81 -2.72 37.35 55.20
N GLN A 82 -2.94 37.42 53.89
CA GLN A 82 -3.68 36.40 53.17
C GLN A 82 -2.86 35.12 53.00
N LEU A 83 -1.57 35.18 53.29
CA LEU A 83 -0.69 34.01 53.21
C LEU A 83 -1.12 32.89 54.15
N LEU A 84 -1.73 33.25 55.28
CA LEU A 84 -2.18 32.25 56.24
C LEU A 84 -3.33 31.42 55.69
N SER A 85 -4.22 32.04 54.90
CA SER A 85 -5.35 31.32 54.32
C SER A 85 -4.88 30.17 53.44
N GLN A 86 -3.94 30.45 52.54
CA GLN A 86 -3.41 29.43 51.66
C GLN A 86 -2.52 28.44 52.39
N ALA A 87 -1.94 28.83 53.53
CA ALA A 87 -1.10 27.92 54.32
C ALA A 87 -1.94 26.90 55.07
N ARG A 88 -2.93 27.38 55.85
CA ARG A 88 -3.87 26.47 56.50
C ARG A 88 -4.37 25.43 55.52
N ASP A 89 -4.88 25.88 54.36
CA ASP A 89 -5.48 24.97 53.40
C ASP A 89 -4.49 23.94 52.87
N PHE A 90 -3.25 24.35 52.60
CA PHE A 90 -2.29 23.40 52.08
C PHE A 90 -1.90 22.37 53.14
N ILE A 91 -1.67 22.82 54.39
CA ILE A 91 -1.35 21.89 55.47
C ILE A 91 -2.49 20.89 55.67
N ASN A 92 -3.74 21.36 55.57
CA ASN A 92 -4.88 20.46 55.66
C ASN A 92 -4.87 19.42 54.55
N GLN A 93 -4.57 19.86 53.33
CA GLN A 93 -4.35 18.93 52.21
C GLN A 93 -3.33 17.86 52.59
N TYR A 94 -2.16 18.28 53.08
CA TYR A 94 -1.07 17.34 53.36
C TYR A 94 -1.51 16.25 54.31
N TYR A 95 -2.23 16.61 55.39
CA TYR A 95 -2.51 15.60 56.41
C TYR A 95 -3.65 14.68 56.00
N SER A 96 -4.64 15.18 55.26
CA SER A 96 -5.65 14.27 54.71
C SER A 96 -5.03 13.23 53.79
N SER A 97 -4.04 13.63 52.98
CA SER A 97 -3.40 12.71 52.05
C SER A 97 -2.62 11.60 52.75
N ILE A 98 -2.17 11.83 53.99
CA ILE A 98 -1.53 10.77 54.76
C ILE A 98 -2.49 10.16 55.78
N LYS A 99 -3.80 10.41 55.64
CA LYS A 99 -4.83 9.85 56.52
C LYS A 99 -4.63 10.26 57.97
N ARG A 100 -4.13 11.48 58.19
CA ARG A 100 -3.77 11.97 59.51
C ARG A 100 -4.38 13.34 59.75
N SER A 101 -5.63 13.53 59.36
CA SER A 101 -6.35 14.75 59.69
C SER A 101 -6.87 14.68 61.11
N GLY A 102 -6.97 15.84 61.75
CA GLY A 102 -7.54 15.92 63.09
C GLY A 102 -6.85 15.07 64.14
N SER A 103 -5.52 14.95 64.07
CA SER A 103 -4.78 14.18 65.04
C SER A 103 -3.45 14.88 65.31
N GLN A 104 -2.94 14.70 66.53
CA GLN A 104 -1.92 15.52 67.18
C GLN A 104 -0.90 16.19 66.24
N ALA A 105 -0.23 15.40 65.40
CA ALA A 105 0.78 15.96 64.49
C ALA A 105 0.20 17.01 63.55
N HIS A 106 -1.11 16.98 63.32
CA HIS A 106 -1.76 17.96 62.46
C HIS A 106 -1.88 19.31 63.16
N GLU A 107 -2.46 19.32 64.36
CA GLU A 107 -2.64 20.57 65.09
C GLU A 107 -1.30 21.24 65.36
N GLN A 108 -0.27 20.46 65.69
CA GLN A 108 1.04 21.04 65.99
C GLN A 108 1.61 21.81 64.80
N ARG A 109 1.53 21.23 63.61
CA ARG A 109 2.05 21.89 62.41
C ARG A 109 1.24 23.14 62.08
N LEU A 110 -0.04 23.18 62.45
CA LEU A 110 -0.86 24.37 62.23
C LEU A 110 -0.35 25.56 63.03
N GLN A 111 0.11 25.33 64.27
CA GLN A 111 0.53 26.42 65.13
C GLN A 111 1.88 26.98 64.71
N GLU A 112 2.79 26.11 64.28
CA GLU A 112 4.12 26.55 63.89
C GLU A 112 4.08 27.49 62.69
N VAL A 113 3.28 27.16 61.67
CA VAL A 113 3.13 28.08 60.53
C VAL A 113 2.53 29.39 61.00
N GLU A 114 1.55 29.33 61.91
CA GLU A 114 1.03 30.54 62.52
C GLU A 114 2.15 31.34 63.19
N ALA A 115 2.94 30.67 64.04
CA ALA A 115 3.99 31.36 64.79
C ALA A 115 5.06 31.94 63.86
N GLU A 116 5.46 31.18 62.82
CA GLU A 116 6.45 31.66 61.87
C GLU A 116 5.97 32.90 61.14
N VAL A 117 4.73 32.87 60.63
CA VAL A 117 4.21 34.02 59.89
C VAL A 117 3.98 35.20 60.83
N ALA A 118 3.56 34.94 62.07
CA ALA A 118 3.44 36.02 63.03
C ALA A 118 4.79 36.68 63.29
N ALA A 119 5.86 35.87 63.40
CA ALA A 119 7.19 36.38 63.71
C ALA A 119 7.93 36.91 62.48
N THR A 120 7.92 36.16 61.38
CA THR A 120 8.72 36.52 60.21
C THR A 120 7.92 36.99 59.01
N GLY A 121 6.59 36.85 59.01
CA GLY A 121 5.79 37.24 57.87
C GLY A 121 5.73 36.22 56.76
N THR A 122 6.32 35.04 56.95
CA THR A 122 6.31 33.97 55.97
C THR A 122 6.57 32.66 56.71
N TYR A 123 6.86 31.60 55.98
CA TYR A 123 7.14 30.33 56.65
C TYR A 123 7.93 29.43 55.69
N GLN A 124 8.60 28.44 56.28
CA GLN A 124 9.36 27.44 55.54
C GLN A 124 8.58 26.13 55.51
N LEU A 125 8.63 25.44 54.37
CA LEU A 125 7.96 24.16 54.20
C LEU A 125 8.84 23.01 54.70
N ARG A 126 8.24 22.13 55.51
CA ARG A 126 8.87 20.85 55.81
C ARG A 126 9.21 20.10 54.53
N GLU A 127 10.27 19.31 54.60
CA GLU A 127 10.77 18.57 53.45
C GLU A 127 9.66 17.78 52.76
N SER A 128 8.95 16.95 53.52
CA SER A 128 7.93 16.10 52.93
C SER A 128 6.77 16.91 52.38
N GLU A 129 6.46 18.04 53.00
CA GLU A 129 5.44 18.93 52.49
C GLU A 129 5.83 19.49 51.14
N LEU A 130 7.09 19.89 50.99
CA LEU A 130 7.58 20.38 49.71
C LEU A 130 7.49 19.30 48.64
N VAL A 131 7.87 18.07 49.01
CA VAL A 131 7.72 16.93 48.12
C VAL A 131 6.26 16.72 47.74
N PHE A 132 5.37 16.76 48.73
CA PHE A 132 3.97 16.49 48.46
C PHE A 132 3.32 17.61 47.65
N GLY A 133 3.76 18.86 47.86
CA GLY A 133 3.20 19.96 47.10
C GLY A 133 3.65 19.97 45.65
N ALA A 134 4.92 19.64 45.41
CA ALA A 134 5.40 19.54 44.03
C ALA A 134 4.61 18.50 43.26
N LYS A 135 4.32 17.35 43.87
CA LYS A 135 3.54 16.34 43.19
C LYS A 135 2.10 16.79 43.00
N GLN A 136 1.54 17.50 43.98
CA GLN A 136 0.18 18.00 43.82
C GLN A 136 0.09 19.04 42.73
N ALA A 137 1.10 19.91 42.63
CA ALA A 137 1.08 20.92 41.57
C ALA A 137 1.12 20.25 40.20
N TRP A 138 1.95 19.21 40.04
CA TRP A 138 1.91 18.42 38.81
C TRP A 138 0.51 17.83 38.59
N ARG A 139 -0.04 17.18 39.62
CA ARG A 139 -1.32 16.50 39.52
C ARG A 139 -2.44 17.46 39.16
N ASN A 140 -2.31 18.73 39.54
CA ASN A 140 -3.32 19.75 39.31
C ASN A 140 -3.17 20.47 37.97
N ALA A 141 -2.10 20.21 37.22
CA ALA A 141 -1.86 20.94 35.98
C ALA A 141 -2.85 20.53 34.89
N PRO A 142 -3.85 21.36 34.54
CA PRO A 142 -4.88 20.87 33.61
C PRO A 142 -4.38 20.65 32.20
N ARG A 143 -3.25 21.25 31.82
CA ARG A 143 -2.77 21.12 30.47
C ARG A 143 -1.79 19.97 30.28
N CYS A 144 -1.51 19.18 31.31
CA CYS A 144 -0.51 18.12 31.22
C CYS A 144 -1.19 16.78 30.97
N VAL A 145 -0.90 16.17 29.81
CA VAL A 145 -1.44 14.87 29.46
C VAL A 145 -0.74 13.72 30.17
N GLY A 146 0.42 13.98 30.78
CA GLY A 146 1.23 12.91 31.35
C GLY A 146 1.03 12.67 32.83
N ARG A 147 -0.07 13.17 33.42
CA ARG A 147 -0.26 13.14 34.87
C ARG A 147 -0.52 11.75 35.44
N ILE A 148 -0.64 10.71 34.61
CA ILE A 148 -0.66 9.37 35.18
C ILE A 148 0.61 9.13 35.98
N GLN A 149 1.69 9.83 35.63
CA GLN A 149 2.99 9.72 36.29
C GLN A 149 3.12 10.61 37.53
N TRP A 150 2.05 11.28 37.96
CA TRP A 150 2.22 12.33 38.96
C TRP A 150 2.79 11.80 40.25
N GLY A 151 2.54 10.55 40.58
CA GLY A 151 3.03 10.02 41.83
C GLY A 151 4.51 9.64 41.87
N LYS A 152 5.20 9.68 40.74
CA LYS A 152 6.60 9.28 40.64
C LYS A 152 7.40 10.50 40.19
N LEU A 153 7.90 11.26 41.16
CA LEU A 153 8.58 12.53 40.90
C LEU A 153 9.70 12.69 41.91
N GLN A 154 10.89 13.01 41.41
CA GLN A 154 12.08 13.19 42.22
C GLN A 154 12.25 14.68 42.52
N VAL A 155 12.23 15.04 43.80
CA VAL A 155 12.31 16.43 44.23
C VAL A 155 13.69 16.70 44.82
N PHE A 156 14.45 17.59 44.19
CA PHE A 156 15.72 18.07 44.72
C PHE A 156 15.47 19.39 45.42
N ASP A 157 15.80 19.44 46.70
CA ASP A 157 15.54 20.62 47.53
C ASP A 157 16.76 21.53 47.48
N ALA A 158 16.67 22.60 46.68
CA ALA A 158 17.75 23.57 46.49
C ALA A 158 17.46 24.88 47.20
N ARG A 159 16.72 24.83 48.31
CA ARG A 159 16.34 26.05 49.00
C ARG A 159 17.50 26.70 49.75
N ASP A 160 18.59 25.98 50.00
CA ASP A 160 19.76 26.59 50.64
C ASP A 160 20.77 27.09 49.62
N CYS A 161 20.30 27.62 48.50
CA CYS A 161 21.16 28.04 47.40
C CYS A 161 21.51 29.53 47.51
N ARG A 162 22.66 29.88 46.94
CA ARG A 162 23.08 31.27 46.82
C ARG A 162 24.04 31.39 45.65
N SER A 163 23.70 32.28 44.69
CA SER A 163 24.49 32.68 43.53
C SER A 163 24.27 31.78 42.31
N ALA A 164 24.52 32.36 41.13
CA ALA A 164 24.36 31.66 39.86
C ALA A 164 25.30 30.47 39.70
N GLN A 165 26.41 30.44 40.44
CA GLN A 165 27.28 29.27 40.37
C GLN A 165 26.68 28.08 41.11
N GLU A 166 25.97 28.33 42.22
CA GLU A 166 25.31 27.24 42.93
C GLU A 166 24.13 26.69 42.12
N MET A 167 23.34 27.60 41.51
CA MET A 167 22.27 27.16 40.62
C MET A 167 22.82 26.24 39.55
N PHE A 168 23.90 26.66 38.89
CA PHE A 168 24.43 25.90 37.76
C PHE A 168 24.77 24.47 38.17
N THR A 169 25.40 24.28 39.33
CA THR A 169 25.67 22.93 39.78
C THR A 169 24.40 22.20 40.18
N TYR A 170 23.41 22.91 40.74
CA TYR A 170 22.11 22.31 41.00
C TYR A 170 21.41 21.92 39.71
N ILE A 171 21.36 22.84 38.74
CA ILE A 171 20.74 22.54 37.46
C ILE A 171 21.47 21.41 36.77
N CYS A 172 22.80 21.41 36.85
CA CYS A 172 23.59 20.35 36.23
C CYS A 172 23.36 19.00 36.89
N ASN A 173 23.13 18.98 38.21
CA ASN A 173 22.81 17.72 38.87
C ASN A 173 21.45 17.20 38.44
N HIS A 174 20.45 18.09 38.38
CA HIS A 174 19.13 17.74 37.85
C HIS A 174 19.25 17.11 36.47
N ILE A 175 19.89 17.81 35.53
CA ILE A 175 19.93 17.39 34.14
C ILE A 175 20.52 15.99 34.01
N LYS A 176 21.67 15.76 34.65
CA LYS A 176 22.29 14.45 34.54
C LYS A 176 21.49 13.36 35.26
N TYR A 177 20.83 13.71 36.36
CA TYR A 177 19.94 12.74 37.00
C TYR A 177 18.72 12.45 36.12
N ALA A 178 18.07 13.50 35.63
CA ALA A 178 16.86 13.29 34.85
C ALA A 178 17.18 12.58 33.54
N THR A 179 18.33 12.88 32.93
CA THR A 179 18.66 12.30 31.64
C THR A 179 19.00 10.82 31.79
N ASN A 180 19.89 10.47 32.72
CA ASN A 180 20.10 9.08 33.11
C ASN A 180 20.44 8.21 31.90
N ARG A 181 21.31 8.73 31.03
CA ARG A 181 21.72 8.01 29.82
C ARG A 181 20.52 7.67 28.93
N GLY A 182 19.48 8.49 28.96
CA GLY A 182 18.32 8.28 28.12
C GLY A 182 17.18 7.54 28.78
N ASN A 183 17.40 6.93 29.94
CA ASN A 183 16.29 6.34 30.69
C ASN A 183 15.70 7.43 31.59
N LEU A 184 14.91 8.31 30.97
CA LEU A 184 14.51 9.55 31.60
C LEU A 184 13.71 9.31 32.88
N ARG A 185 13.88 10.21 33.86
CA ARG A 185 13.18 10.17 35.13
C ARG A 185 12.72 11.58 35.45
N SER A 186 11.41 11.74 35.71
CA SER A 186 10.86 13.04 36.04
C SER A 186 11.51 13.61 37.29
N ALA A 187 11.80 14.91 37.26
CA ALA A 187 12.41 15.56 38.41
C ALA A 187 12.08 17.04 38.41
N ILE A 188 12.08 17.62 39.61
CA ILE A 188 11.96 19.06 39.81
C ILE A 188 13.02 19.47 40.83
N THR A 189 13.65 20.61 40.60
CA THR A 189 14.59 21.21 41.54
C THR A 189 13.98 22.50 42.06
N VAL A 190 13.83 22.62 43.37
CA VAL A 190 13.15 23.76 43.98
C VAL A 190 14.19 24.70 44.57
N PHE A 191 14.42 25.81 43.90
CA PHE A 191 15.30 26.86 44.37
C PHE A 191 14.58 27.69 45.43
N PRO A 192 15.27 28.62 46.11
CA PRO A 192 14.68 29.26 47.29
C PRO A 192 13.41 30.03 46.98
N GLN A 193 12.50 30.04 47.96
CA GLN A 193 11.23 30.73 47.83
C GLN A 193 11.42 32.25 47.82
N ARG A 194 10.38 32.95 47.42
CA ARG A 194 10.39 34.41 47.32
C ARG A 194 10.03 35.05 48.67
N CYS A 195 10.72 36.14 48.98
CA CYS A 195 10.48 36.89 50.21
C CYS A 195 10.55 38.38 49.89
N PRO A 196 9.83 39.21 50.63
CA PRO A 196 9.77 40.64 50.28
C PRO A 196 11.12 41.33 50.42
N GLY A 197 11.30 42.38 49.60
CA GLY A 197 12.44 43.26 49.65
C GLY A 197 13.65 42.81 48.85
N ARG A 198 13.85 41.51 48.72
CA ARG A 198 15.02 40.95 48.04
C ARG A 198 14.58 40.30 46.74
N GLY A 199 15.41 40.45 45.71
CA GLY A 199 15.10 39.89 44.41
C GLY A 199 14.87 38.39 44.40
N ASP A 200 14.51 37.83 43.26
CA ASP A 200 14.19 36.42 43.17
C ASP A 200 15.23 35.65 42.38
N PHE A 201 15.29 34.35 42.62
CA PHE A 201 15.96 33.44 41.70
C PHE A 201 15.11 33.26 40.45
N ARG A 202 15.76 33.30 39.29
CA ARG A 202 15.11 33.13 37.99
C ARG A 202 16.07 32.46 37.03
N ILE A 203 15.56 31.52 36.23
CA ILE A 203 16.25 31.02 35.06
C ILE A 203 15.67 31.75 33.85
N TRP A 204 16.51 32.52 33.15
CA TRP A 204 16.02 33.36 32.07
C TRP A 204 15.59 32.56 30.84
N ASN A 205 16.02 31.31 30.72
CA ASN A 205 15.63 30.46 29.61
C ASN A 205 14.31 29.80 29.93
N SER A 206 13.47 29.64 28.89
CA SER A 206 12.18 28.98 29.09
C SER A 206 12.36 27.50 29.36
N GLN A 207 13.41 26.89 28.81
CA GLN A 207 13.77 25.50 29.07
C GLN A 207 15.27 25.42 29.33
N LEU A 208 15.69 24.32 29.95
CA LEU A 208 17.12 24.17 30.23
C LEU A 208 17.90 23.86 28.95
N VAL A 209 17.26 23.20 28.00
CA VAL A 209 17.83 22.94 26.67
C VAL A 209 16.95 23.66 25.65
N ARG A 210 17.53 24.64 24.95
CA ARG A 210 16.88 25.36 23.87
C ARG A 210 17.89 25.59 22.76
N TYR A 211 17.39 25.69 21.54
CA TYR A 211 18.24 25.92 20.38
C TYR A 211 18.24 27.39 19.98
N ALA A 212 19.38 27.85 19.46
CA ALA A 212 19.53 29.25 19.08
C ALA A 212 18.64 29.62 17.91
N GLY A 213 18.26 30.89 17.87
CA GLY A 213 17.59 31.48 16.72
C GLY A 213 18.23 32.79 16.31
N TYR A 214 18.90 32.81 15.16
CA TYR A 214 19.65 33.98 14.70
C TYR A 214 18.93 34.62 13.52
N ARG A 215 18.78 35.94 13.55
CA ARG A 215 18.23 36.71 12.43
C ARG A 215 19.23 36.72 11.27
N GLN A 216 18.91 37.45 10.20
CA GLN A 216 19.75 37.45 9.00
C GLN A 216 19.80 38.86 8.39
N GLN A 217 20.45 38.95 7.22
CA GLN A 217 20.47 40.14 6.39
C GLN A 217 19.08 40.48 5.85
N ASP A 218 18.04 39.95 6.51
CA ASP A 218 16.69 39.98 5.98
C ASP A 218 15.66 39.50 7.00
N GLY A 219 15.94 39.70 8.28
CA GLY A 219 14.98 39.32 9.33
C GLY A 219 14.74 37.84 9.62
N SER A 220 14.59 37.01 8.58
CA SER A 220 14.26 35.60 8.80
C SER A 220 15.36 34.89 9.56
N VAL A 221 15.00 33.79 10.22
CA VAL A 221 15.76 33.21 11.32
C VAL A 221 16.36 31.88 10.90
N ARG A 222 17.64 31.69 11.21
CA ARG A 222 18.29 30.38 11.19
C ARG A 222 18.29 29.82 12.61
N GLY A 223 17.90 28.55 12.75
CA GLY A 223 17.66 27.97 14.06
C GLY A 223 16.21 28.08 14.51
N ASP A 224 15.95 28.07 15.82
CA ASP A 224 14.59 28.03 16.33
C ASP A 224 14.05 29.44 16.49
N PRO A 225 12.93 29.80 15.83
CA PRO A 225 12.38 31.15 16.00
C PRO A 225 11.71 31.38 17.35
N ALA A 226 11.39 30.34 18.09
CA ALA A 226 10.82 30.53 19.43
C ALA A 226 11.79 31.17 20.41
N ASN A 227 13.09 31.20 20.11
CA ASN A 227 14.11 31.62 21.07
C ASN A 227 14.97 32.78 20.56
N VAL A 228 14.51 33.50 19.53
CA VAL A 228 15.30 34.61 18.99
C VAL A 228 15.52 35.68 20.04
N GLU A 229 14.60 35.80 20.99
CA GLU A 229 14.74 36.80 22.05
C GLU A 229 15.85 36.44 23.02
N ILE A 230 15.80 35.24 23.59
CA ILE A 230 16.80 34.82 24.56
C ILE A 230 18.14 34.55 23.89
N THR A 231 18.13 34.20 22.60
CA THR A 231 19.38 34.13 21.84
C THR A 231 20.04 35.51 21.75
N GLU A 232 19.24 36.54 21.49
CA GLU A 232 19.81 37.89 21.44
C GLU A 232 20.31 38.34 22.81
N LEU A 233 19.64 37.91 23.89
CA LEU A 233 20.13 38.24 25.24
C LEU A 233 21.42 37.48 25.55
N CYS A 234 21.51 36.21 25.15
CA CYS A 234 22.72 35.45 25.38
C CYS A 234 23.91 36.05 24.63
N ILE A 235 23.71 36.34 23.34
CA ILE A 235 24.73 37.04 22.58
C ILE A 235 25.06 38.38 23.22
N GLN A 236 24.04 39.11 23.68
CA GLN A 236 24.26 40.41 24.27
C GLN A 236 25.07 40.34 25.56
N HIS A 237 24.98 39.23 26.29
CA HIS A 237 25.64 39.08 27.59
C HIS A 237 26.99 38.37 27.47
N GLY A 238 27.55 38.27 26.28
CA GLY A 238 28.93 37.84 26.11
C GLY A 238 29.14 36.53 25.37
N TRP A 239 28.11 35.85 24.89
CA TRP A 239 28.27 34.54 24.28
C TRP A 239 28.57 34.66 22.79
N THR A 240 29.55 33.87 22.33
CA THR A 240 29.96 33.78 20.92
C THR A 240 29.00 32.87 20.18
N PRO A 241 28.11 33.42 19.34
CA PRO A 241 27.13 32.59 18.64
C PRO A 241 27.75 31.69 17.60
N GLY A 242 27.08 30.57 17.35
CA GLY A 242 27.45 29.69 16.26
C GLY A 242 26.77 30.14 14.98
N ASN A 243 26.88 29.29 13.96
CA ASN A 243 26.13 29.48 12.73
C ASN A 243 24.98 28.50 12.56
N GLY A 244 25.04 27.35 13.23
CA GLY A 244 24.18 26.23 12.92
C GLY A 244 22.71 26.46 13.20
N ARG A 245 21.91 25.49 12.76
CA ARG A 245 20.46 25.50 12.96
C ARG A 245 20.06 24.76 14.24
N PHE A 246 21.01 24.17 14.96
CA PHE A 246 20.74 23.43 16.19
C PHE A 246 21.87 23.65 17.21
N ASP A 247 22.15 24.91 17.53
CA ASP A 247 23.15 25.25 18.54
C ASP A 247 22.46 25.38 19.90
N VAL A 248 22.86 24.57 20.87
CA VAL A 248 22.30 24.64 22.21
C VAL A 248 22.70 25.96 22.86
N LEU A 249 21.70 26.73 23.29
CA LEU A 249 21.99 28.02 23.88
C LEU A 249 22.64 27.83 25.26
N PRO A 250 23.40 28.82 25.72
CA PRO A 250 23.86 28.81 27.10
C PRO A 250 22.76 29.23 28.07
N LEU A 251 22.99 28.95 29.34
CA LEU A 251 22.04 29.33 30.38
C LEU A 251 22.32 30.73 30.86
N LEU A 252 21.25 31.45 31.21
CA LEU A 252 21.34 32.75 31.87
C LEU A 252 20.69 32.58 33.24
N LEU A 253 21.51 32.50 34.28
CA LEU A 253 21.07 32.26 35.64
C LEU A 253 21.25 33.53 36.46
N GLN A 254 20.23 33.85 37.26
CA GLN A 254 20.16 35.14 37.95
C GLN A 254 19.87 34.90 39.42
N ALA A 255 20.84 35.30 40.28
CA ALA A 255 20.70 35.35 41.73
C ALA A 255 20.07 36.68 42.14
N PRO A 256 19.39 36.72 43.29
CA PRO A 256 18.64 37.93 43.68
C PRO A 256 19.46 39.21 43.57
N ASP A 257 18.86 40.22 42.96
CA ASP A 257 19.37 41.59 42.90
C ASP A 257 20.70 41.71 42.15
N GLU A 258 21.17 40.64 41.54
CA GLU A 258 22.41 40.71 40.78
C GLU A 258 22.13 40.50 39.30
N PRO A 259 22.96 41.05 38.41
CA PRO A 259 22.79 40.77 36.99
C PRO A 259 23.04 39.30 36.73
N PRO A 260 22.45 38.75 35.66
CA PRO A 260 22.61 37.32 35.40
C PRO A 260 24.03 36.96 35.00
N GLU A 261 24.30 35.65 34.84
CA GLU A 261 25.60 35.19 34.37
C GLU A 261 25.41 34.07 33.37
N LEU A 262 26.10 34.15 32.23
CA LEU A 262 26.08 33.08 31.24
C LEU A 262 26.80 31.84 31.76
N PHE A 263 26.30 30.67 31.36
CA PHE A 263 26.92 29.40 31.71
C PHE A 263 26.83 28.45 30.53
N LEU A 264 27.98 28.03 30.00
CA LEU A 264 27.96 27.03 28.94
C LEU A 264 27.60 25.67 29.52
N LEU A 265 26.69 24.97 28.86
CA LEU A 265 26.29 23.68 29.37
C LEU A 265 27.30 22.61 28.94
N PRO A 266 27.67 21.70 29.83
CA PRO A 266 28.61 20.64 29.44
C PRO A 266 28.07 19.83 28.29
N PRO A 267 28.80 19.76 27.17
CA PRO A 267 28.29 19.06 25.99
C PRO A 267 27.94 17.59 26.24
N GLU A 268 28.69 16.91 27.10
CA GLU A 268 28.38 15.52 27.40
C GLU A 268 27.13 15.38 28.27
N LEU A 269 26.60 16.46 28.82
CA LEU A 269 25.38 16.42 29.63
C LEU A 269 24.13 16.77 28.84
N VAL A 270 24.26 17.29 27.63
CA VAL A 270 23.11 17.62 26.80
C VAL A 270 22.92 16.46 25.81
N LEU A 271 22.05 15.54 26.18
CA LEU A 271 21.79 14.37 25.35
C LEU A 271 20.84 14.73 24.22
N GLU A 272 21.28 14.54 22.99
CA GLU A 272 20.49 14.84 21.81
C GLU A 272 20.31 13.60 20.97
N VAL A 273 19.32 13.64 20.09
CA VAL A 273 18.96 12.50 19.25
C VAL A 273 18.94 12.93 17.79
N PRO A 274 19.87 12.47 16.97
CA PRO A 274 19.75 12.76 15.53
C PRO A 274 18.55 12.03 14.96
N LEU A 275 17.86 12.68 14.03
CA LEU A 275 16.60 12.16 13.51
C LEU A 275 16.85 11.45 12.19
N GLU A 276 16.44 10.19 12.12
CA GLU A 276 16.43 9.42 10.89
C GLU A 276 15.09 8.71 10.79
N HIS A 277 14.73 8.29 9.58
CA HIS A 277 13.45 7.62 9.33
C HIS A 277 13.72 6.14 9.07
N PRO A 278 12.83 5.23 9.48
CA PRO A 278 13.16 3.79 9.31
C PRO A 278 13.34 3.35 7.87
N THR A 279 12.72 4.05 6.93
CA THR A 279 12.68 3.57 5.55
C THR A 279 12.96 4.65 4.52
N LEU A 280 12.88 5.92 4.89
CA LEU A 280 13.18 7.04 3.99
C LEU A 280 14.63 7.43 4.28
N GLU A 281 15.56 6.77 3.58
CA GLU A 281 16.99 6.89 3.81
C GLU A 281 17.51 8.31 3.67
N TRP A 282 16.81 9.19 2.96
CA TRP A 282 17.27 10.58 2.85
C TRP A 282 16.92 11.44 4.06
N PHE A 283 16.08 10.96 4.99
CA PHE A 283 15.64 11.82 6.09
C PHE A 283 16.81 12.22 6.97
N ALA A 284 17.74 11.28 7.23
CA ALA A 284 18.94 11.60 7.99
C ALA A 284 19.69 12.78 7.39
N ALA A 285 19.71 12.88 6.06
CA ALA A 285 20.45 13.94 5.36
C ALA A 285 19.90 15.34 5.66
N LEU A 286 18.62 15.44 6.02
CA LEU A 286 18.07 16.73 6.41
C LEU A 286 18.74 17.30 7.66
N GLY A 287 19.56 16.50 8.36
CA GLY A 287 20.32 17.00 9.50
C GLY A 287 19.51 17.43 10.71
N LEU A 288 18.32 16.86 10.92
CA LEU A 288 17.48 17.26 12.03
C LEU A 288 17.91 16.56 13.33
N ARG A 289 17.76 17.27 14.45
CA ARG A 289 18.00 16.73 15.78
C ARG A 289 16.96 17.31 16.73
N TRP A 290 16.73 16.62 17.86
CA TRP A 290 16.09 17.25 19.01
C TRP A 290 16.72 16.73 20.29
N TYR A 291 16.59 17.50 21.37
CA TYR A 291 17.20 17.09 22.63
C TYR A 291 16.29 16.15 23.42
N ALA A 292 16.91 15.47 24.39
CA ALA A 292 16.24 14.39 25.10
C ALA A 292 15.33 14.89 26.22
N LEU A 293 15.66 16.00 26.86
CA LEU A 293 15.06 16.32 28.15
C LEU A 293 14.16 17.56 28.06
N PRO A 294 12.82 17.42 28.15
CA PRO A 294 11.96 18.60 28.25
C PRO A 294 11.96 19.10 29.68
N ALA A 295 12.61 20.23 29.92
CA ALA A 295 12.82 20.74 31.28
C ALA A 295 12.38 22.20 31.35
N VAL A 296 11.24 22.44 31.99
CA VAL A 296 10.58 23.74 31.96
C VAL A 296 11.10 24.60 33.11
N SER A 297 11.74 25.72 32.76
CA SER A 297 12.47 26.53 33.72
C SER A 297 11.95 27.96 33.80
N ASN A 298 10.73 28.23 33.35
CA ASN A 298 10.20 29.59 33.43
C ASN A 298 8.88 29.65 34.19
N MET A 299 8.46 28.58 34.84
CA MET A 299 7.17 28.57 35.53
C MET A 299 7.36 28.68 37.04
N LEU A 300 6.38 29.29 37.68
CA LEU A 300 6.44 29.64 39.09
C LEU A 300 5.66 28.59 39.86
N LEU A 301 6.38 27.82 40.68
CA LEU A 301 5.76 26.84 41.55
C LEU A 301 5.21 27.53 42.78
N GLU A 302 3.97 27.25 43.11
CA GLU A 302 3.28 27.91 44.21
C GLU A 302 2.68 26.83 45.10
N ILE A 303 3.12 26.79 46.36
CA ILE A 303 2.64 25.84 47.36
C ILE A 303 2.30 26.59 48.63
N GLY A 304 1.10 26.36 49.16
CA GLY A 304 0.72 26.91 50.46
C GLY A 304 0.95 28.41 50.58
N GLY A 305 0.63 29.16 49.53
CA GLY A 305 0.87 30.58 49.55
C GLY A 305 2.30 31.00 49.33
N LEU A 306 3.23 30.05 49.22
CA LEU A 306 4.64 30.38 48.97
C LEU A 306 4.93 30.24 47.48
N GLU A 307 5.85 31.07 46.98
CA GLU A 307 6.10 31.19 45.56
C GLU A 307 7.57 30.93 45.26
N PHE A 308 7.83 29.97 44.36
CA PHE A 308 9.18 29.59 43.98
C PHE A 308 9.37 29.92 42.51
N PRO A 309 9.80 31.14 42.17
CA PRO A 309 9.96 31.50 40.74
C PRO A 309 11.07 30.74 40.00
N ALA A 310 11.93 30.02 40.71
CA ALA A 310 12.88 29.10 40.10
C ALA A 310 12.60 27.71 40.64
N ALA A 311 11.97 26.87 39.81
CA ALA A 311 11.66 25.49 40.17
C ALA A 311 11.56 24.66 38.90
N PRO A 312 12.69 24.40 38.24
CA PRO A 312 12.64 23.70 36.95
C PRO A 312 12.22 22.25 37.11
N PHE A 313 11.26 21.82 36.30
CA PHE A 313 10.77 20.45 36.29
C PHE A 313 10.95 19.83 34.91
N SER A 314 11.03 18.50 34.88
CA SER A 314 11.29 17.80 33.64
C SER A 314 10.63 16.43 33.68
N GLY A 315 10.40 15.89 32.49
CA GLY A 315 9.91 14.53 32.36
C GLY A 315 10.47 13.94 31.09
N TRP A 316 9.61 13.47 30.21
CA TRP A 316 10.02 13.00 28.89
C TRP A 316 8.99 13.44 27.87
N TYR A 317 9.42 13.43 26.61
CA TYR A 317 8.61 14.01 25.54
C TYR A 317 7.52 13.04 25.10
N MET A 318 6.35 13.60 24.80
CA MET A 318 5.41 12.99 23.87
C MET A 318 5.85 13.34 22.45
N SER A 319 5.80 12.37 21.55
CA SER A 319 6.47 12.55 20.26
C SER A 319 5.84 13.66 19.41
N THR A 320 4.52 13.93 19.54
CA THR A 320 3.94 15.01 18.75
C THR A 320 4.53 16.35 19.11
N GLU A 321 4.95 16.54 20.38
CA GLU A 321 5.55 17.81 20.78
C GLU A 321 6.74 18.16 19.89
N ILE A 322 7.58 17.17 19.60
CA ILE A 322 8.77 17.40 18.81
C ILE A 322 8.42 17.42 17.33
N GLY A 323 7.82 16.32 16.85
CA GLY A 323 7.62 16.13 15.43
C GLY A 323 6.50 16.99 14.85
N THR A 324 5.48 17.30 15.64
CA THR A 324 4.42 18.11 15.07
C THR A 324 4.55 19.59 15.41
N ARG A 325 4.74 19.93 16.68
CA ARG A 325 4.77 21.35 17.03
C ARG A 325 6.14 21.97 16.73
N ASN A 326 7.21 21.40 17.31
CA ASN A 326 8.53 22.04 17.23
C ASN A 326 9.08 22.05 15.80
N LEU A 327 8.88 20.97 15.05
CA LEU A 327 9.44 20.88 13.72
C LEU A 327 8.50 21.36 12.61
N CYS A 328 7.17 21.32 12.80
CA CYS A 328 6.25 21.62 11.70
C CYS A 328 5.44 22.90 11.85
N ASP A 329 5.39 23.50 13.04
CA ASP A 329 4.67 24.76 13.20
C ASP A 329 5.22 25.82 12.24
N PRO A 330 4.35 26.62 11.63
CA PRO A 330 4.83 27.64 10.69
C PRO A 330 5.79 28.61 11.31
N HIS A 331 5.66 28.88 12.61
CA HIS A 331 6.52 29.83 13.31
C HIS A 331 7.63 29.13 14.10
N ARG A 332 7.79 27.83 13.94
CA ARG A 332 8.91 27.08 14.52
C ARG A 332 9.85 26.68 13.39
N TYR A 333 10.34 25.43 13.35
CA TYR A 333 11.29 25.07 12.30
C TYR A 333 10.64 24.96 10.93
N ASN A 334 9.31 24.77 10.87
CA ASN A 334 8.57 24.92 9.61
C ASN A 334 9.09 23.98 8.51
N ILE A 335 9.36 22.73 8.86
CA ILE A 335 10.05 21.84 7.92
C ILE A 335 9.10 21.08 7.02
N LEU A 336 7.79 21.33 7.13
CA LEU A 336 6.79 20.42 6.58
C LEU A 336 6.93 20.28 5.07
N GLU A 337 7.01 21.40 4.35
CA GLU A 337 7.07 21.32 2.90
C GLU A 337 8.40 20.68 2.44
N ASP A 338 9.50 20.95 3.14
CA ASP A 338 10.78 20.36 2.72
C ASP A 338 10.73 18.84 2.76
N VAL A 339 10.12 18.27 3.81
CA VAL A 339 9.92 16.82 3.85
C VAL A 339 8.99 16.37 2.73
N ALA A 340 7.95 17.15 2.42
CA ALA A 340 7.00 16.73 1.38
C ALA A 340 7.68 16.71 0.01
N VAL A 341 8.55 17.68 -0.27
CA VAL A 341 9.31 17.69 -1.52
C VAL A 341 10.16 16.42 -1.63
N CYS A 342 10.84 16.04 -0.54
CA CYS A 342 11.66 14.84 -0.55
C CYS A 342 10.82 13.59 -0.77
N MET A 343 9.61 13.54 -0.21
CA MET A 343 8.71 12.41 -0.42
C MET A 343 8.03 12.49 -1.78
N ASP A 344 8.38 13.49 -2.61
CA ASP A 344 7.81 13.65 -3.94
C ASP A 344 6.30 13.84 -3.91
N LEU A 345 5.78 14.47 -2.86
CA LEU A 345 4.33 14.65 -2.78
C LEU A 345 3.88 15.85 -3.60
N ASP A 346 2.61 15.83 -3.97
CA ASP A 346 2.07 16.88 -4.81
C ASP A 346 1.64 18.05 -3.93
N THR A 347 2.56 19.00 -3.73
CA THR A 347 2.24 20.19 -2.95
C THR A 347 1.46 21.22 -3.73
N ARG A 348 0.88 20.87 -4.88
CA ARG A 348 0.19 21.86 -5.69
C ARG A 348 -1.28 22.00 -5.34
N THR A 349 -1.85 21.03 -4.62
CA THR A 349 -3.23 21.10 -4.18
C THR A 349 -3.31 20.58 -2.75
N THR A 350 -3.97 21.34 -1.87
CA THR A 350 -4.09 20.91 -0.49
C THR A 350 -4.87 19.61 -0.34
N SER A 351 -5.72 19.28 -1.31
CA SER A 351 -6.54 18.09 -1.20
C SER A 351 -5.79 16.81 -1.52
N SER A 352 -4.49 16.89 -1.85
CA SER A 352 -3.70 15.66 -1.84
C SER A 352 -3.33 15.22 -0.43
N LEU A 353 -3.63 16.05 0.59
CA LEU A 353 -3.30 15.81 1.99
C LEU A 353 -1.79 15.58 2.17
N TRP A 354 -1.01 16.28 1.36
CA TRP A 354 0.43 16.16 1.47
C TRP A 354 0.96 16.63 2.81
N LYS A 355 0.34 17.66 3.42
CA LYS A 355 0.78 18.10 4.76
C LYS A 355 0.58 17.00 5.78
N ASP A 356 -0.61 16.41 5.80
CA ASP A 356 -0.91 15.30 6.70
C ASP A 356 0.08 14.15 6.53
N LYS A 357 0.36 13.75 5.28
CA LYS A 357 1.28 12.64 5.03
C LYS A 357 2.68 12.96 5.53
N ALA A 358 3.21 14.12 5.19
CA ALA A 358 4.56 14.46 5.63
C ALA A 358 4.62 14.58 7.15
N ALA A 359 3.56 15.10 7.77
CA ALA A 359 3.55 15.24 9.22
C ALA A 359 3.61 13.87 9.88
N VAL A 360 2.84 12.91 9.38
CA VAL A 360 2.87 11.58 9.98
C VAL A 360 4.27 10.97 9.89
N GLU A 361 4.94 11.14 8.74
CA GLU A 361 6.26 10.53 8.57
C GLU A 361 7.32 11.21 9.43
N ILE A 362 7.21 12.53 9.59
CA ILE A 362 8.08 13.22 10.54
C ILE A 362 7.91 12.65 11.94
N ASN A 363 6.67 12.38 12.34
CA ASN A 363 6.41 11.83 13.67
C ASN A 363 6.98 10.42 13.79
N VAL A 364 6.81 9.61 12.76
CA VAL A 364 7.43 8.28 12.75
C VAL A 364 8.92 8.40 12.98
N ALA A 365 9.57 9.35 12.30
CA ALA A 365 11.01 9.47 12.43
C ALA A 365 11.39 9.86 13.85
N VAL A 366 10.55 10.65 14.52
CA VAL A 366 10.89 11.04 15.88
C VAL A 366 10.85 9.82 16.80
N LEU A 367 9.75 9.06 16.74
CA LEU A 367 9.59 7.87 17.55
C LEU A 367 10.71 6.87 17.29
N HIS A 368 11.00 6.63 16.01
CA HIS A 368 12.02 5.67 15.62
C HIS A 368 13.41 6.11 16.10
N SER A 369 13.72 7.38 15.95
CA SER A 369 15.04 7.88 16.33
C SER A 369 15.24 7.79 17.84
N TYR A 370 14.23 8.21 18.62
CA TYR A 370 14.34 8.14 20.07
C TYR A 370 14.41 6.70 20.55
N GLN A 371 13.64 5.81 19.92
CA GLN A 371 13.74 4.40 20.29
C GLN A 371 15.13 3.85 19.96
N LEU A 372 15.67 4.21 18.80
CA LEU A 372 16.98 3.64 18.44
C LEU A 372 18.07 4.22 19.31
N ALA A 373 17.95 5.48 19.73
CA ALA A 373 18.86 6.04 20.72
C ALA A 373 18.58 5.59 22.15
N LYS A 374 17.58 4.73 22.37
CA LYS A 374 17.19 4.30 23.72
C LYS A 374 16.95 5.50 24.65
N VAL A 375 16.17 6.46 24.16
CA VAL A 375 15.74 7.60 24.95
C VAL A 375 14.22 7.50 25.11
N THR A 376 13.76 7.60 26.35
CA THR A 376 12.34 7.54 26.63
C THR A 376 11.56 8.52 25.78
N ILE A 377 10.49 8.04 25.15
CA ILE A 377 9.52 8.88 24.46
C ILE A 377 8.20 8.15 24.49
N VAL A 378 7.09 8.89 24.42
CA VAL A 378 5.77 8.27 24.34
C VAL A 378 5.00 8.86 23.16
N ASP A 379 4.35 7.99 22.40
CA ASP A 379 3.52 8.45 21.29
C ASP A 379 2.17 8.93 21.82
N HIS A 380 1.47 9.72 21.00
CA HIS A 380 0.25 10.37 21.47
C HIS A 380 -0.90 9.38 21.71
N HIS A 381 -0.94 8.26 21.00
CA HIS A 381 -1.94 7.23 21.31
C HIS A 381 -1.69 6.62 22.68
N ALA A 382 -0.45 6.21 22.96
CA ALA A 382 -0.16 5.64 24.27
C ALA A 382 -0.41 6.66 25.37
N ALA A 383 0.01 7.91 25.15
CA ALA A 383 -0.13 8.92 26.18
C ALA A 383 -1.60 9.20 26.49
N THR A 384 -2.42 9.44 25.45
CA THR A 384 -3.82 9.78 25.70
C THR A 384 -4.56 8.62 26.34
N ALA A 385 -4.23 7.38 25.95
CA ALA A 385 -4.84 6.23 26.61
C ALA A 385 -4.50 6.19 28.10
N SER A 386 -3.25 6.53 28.48
CA SER A 386 -2.91 6.56 29.90
CA SER A 386 -2.91 6.57 29.90
C SER A 386 -3.63 7.71 30.61
N PHE A 387 -3.87 8.82 29.92
CA PHE A 387 -4.57 9.93 30.56
C PHE A 387 -6.01 9.55 30.86
N MET A 388 -6.65 8.82 29.97
CA MET A 388 -7.99 8.31 30.24
C MET A 388 -8.01 7.46 31.50
N LYS A 389 -6.97 6.64 31.67
CA LYS A 389 -6.83 5.87 32.90
C LYS A 389 -6.66 6.81 34.09
N HIS A 390 -5.85 7.87 33.90
CA HIS A 390 -5.66 8.83 34.97
C HIS A 390 -6.98 9.49 35.35
N LEU A 391 -7.82 9.81 34.36
CA LEU A 391 -9.11 10.42 34.67
C LEU A 391 -9.95 9.50 35.54
N GLU A 392 -9.97 8.21 35.19
CA GLU A 392 -10.73 7.23 35.93
C GLU A 392 -10.19 7.06 37.35
N ASN A 393 -8.85 6.97 37.51
CA ASN A 393 -8.24 6.97 38.84
C ASN A 393 -8.69 8.18 39.65
N GLU A 394 -8.62 9.36 39.05
CA GLU A 394 -8.87 10.61 39.78
C GLU A 394 -10.34 10.81 40.07
N GLN A 395 -11.22 10.21 39.25
CA GLN A 395 -12.64 10.24 39.56
C GLN A 395 -12.90 9.55 40.90
N LYS A 396 -12.25 8.41 41.14
CA LYS A 396 -12.40 7.70 42.40
C LYS A 396 -11.67 8.42 43.53
N ALA A 397 -10.41 8.79 43.30
CA ALA A 397 -9.61 9.37 44.39
C ALA A 397 -10.14 10.73 44.81
N ARG A 398 -10.48 11.60 43.85
CA ARG A 398 -10.88 12.96 44.20
C ARG A 398 -12.22 13.42 43.62
N GLY A 399 -12.93 12.57 42.89
CA GLY A 399 -14.17 13.02 42.29
C GLY A 399 -13.99 14.05 41.19
N GLY A 400 -12.92 13.95 40.43
CA GLY A 400 -12.78 14.80 39.27
C GLY A 400 -11.31 15.04 38.94
N CYS A 401 -11.11 15.86 37.93
CA CYS A 401 -9.78 16.14 37.42
C CYS A 401 -9.85 17.38 36.56
N PRO A 402 -9.11 18.44 36.88
CA PRO A 402 -9.05 19.59 35.98
C PRO A 402 -8.29 19.23 34.71
N ALA A 403 -8.91 19.48 33.58
CA ALA A 403 -8.30 19.11 32.32
C ALA A 403 -8.70 20.13 31.28
N ASP A 404 -7.71 20.55 30.49
CA ASP A 404 -7.87 21.59 29.48
C ASP A 404 -7.94 20.89 28.14
N TRP A 405 -9.17 20.70 27.65
CA TRP A 405 -9.42 19.84 26.48
C TRP A 405 -8.54 20.21 25.29
N ALA A 406 -8.41 21.50 25.01
CA ALA A 406 -7.64 21.95 23.85
C ALA A 406 -6.16 21.63 23.95
N TRP A 407 -5.65 21.36 25.16
CA TRP A 407 -4.23 21.03 25.36
C TRP A 407 -3.99 19.54 25.56
N ILE A 408 -5.00 18.80 26.01
CA ILE A 408 -4.87 17.36 26.17
C ILE A 408 -4.99 16.64 24.84
N VAL A 409 -5.96 17.05 24.02
CA VAL A 409 -6.11 16.48 22.68
C VAL A 409 -4.85 16.75 21.86
N PRO A 410 -4.25 15.74 21.23
CA PRO A 410 -2.95 15.94 20.56
C PRO A 410 -3.09 16.78 19.31
N PRO A 411 -2.01 17.38 18.80
CA PRO A 411 -2.14 18.28 17.63
C PRO A 411 -2.21 17.56 16.29
N ILE A 412 -2.11 16.24 16.24
CA ILE A 412 -2.44 15.47 15.06
C ILE A 412 -3.35 14.33 15.50
N SER A 413 -4.21 13.91 14.60
CA SER A 413 -5.04 12.72 14.84
C SER A 413 -5.90 12.85 16.09
N GLY A 414 -6.30 14.07 16.42
CA GLY A 414 -7.07 14.32 17.63
C GLY A 414 -8.23 13.36 17.85
N SER A 415 -9.13 13.21 16.86
CA SER A 415 -10.28 12.35 17.09
C SER A 415 -9.97 10.87 16.97
N LEU A 416 -8.73 10.49 16.64
CA LEU A 416 -8.31 9.10 16.74
C LEU A 416 -7.85 8.72 18.15
N THR A 417 -7.76 9.68 19.07
CA THR A 417 -7.40 9.36 20.44
C THR A 417 -8.62 9.47 21.34
N PRO A 418 -8.67 8.72 22.45
CA PRO A 418 -9.91 8.67 23.25
C PRO A 418 -10.27 9.99 23.93
N VAL A 419 -9.27 10.77 24.38
CA VAL A 419 -9.53 12.05 25.03
C VAL A 419 -10.38 13.00 24.18
N PHE A 420 -10.35 12.86 22.85
CA PHE A 420 -11.15 13.73 22.00
C PHE A 420 -12.62 13.59 22.34
N HIS A 421 -13.06 12.38 22.65
CA HIS A 421 -14.45 12.06 22.85
C HIS A 421 -14.89 12.20 24.29
N GLN A 422 -14.00 12.73 25.14
CA GLN A 422 -14.22 12.91 26.56
C GLN A 422 -14.45 14.39 26.84
N GLU A 423 -15.64 14.72 27.36
CA GLU A 423 -15.87 16.04 27.92
C GLU A 423 -15.00 16.25 29.17
N MET A 424 -14.52 17.46 29.35
CA MET A 424 -13.60 17.79 30.43
C MET A 424 -14.02 19.12 31.07
N VAL A 425 -13.65 19.28 32.33
CA VAL A 425 -13.92 20.49 33.10
C VAL A 425 -12.58 21.11 33.49
N ASN A 426 -12.44 22.41 33.24
CA ASN A 426 -11.19 23.11 33.47
C ASN A 426 -11.36 24.10 34.62
N TYR A 427 -10.41 24.09 35.56
CA TYR A 427 -10.46 24.94 36.74
C TYR A 427 -9.10 24.88 37.44
N PHE A 428 -8.89 25.80 38.37
CA PHE A 428 -7.61 25.99 39.04
C PHE A 428 -7.69 25.45 40.46
N LEU A 429 -6.88 24.43 40.76
CA LEU A 429 -6.65 23.97 42.12
C LEU A 429 -5.23 24.35 42.57
N SER A 430 -5.06 24.46 43.87
CA SER A 430 -3.74 24.72 44.43
C SER A 430 -3.26 23.52 45.23
N PRO A 431 -1.94 23.24 45.28
CA PRO A 431 -0.83 23.98 44.67
C PRO A 431 -0.75 23.87 43.15
N ALA A 432 0.02 24.76 42.53
CA ALA A 432 -0.03 24.84 41.07
C ALA A 432 1.28 25.31 40.49
N PHE A 433 1.48 24.97 39.22
CA PHE A 433 2.44 25.64 38.36
C PHE A 433 1.73 26.79 37.67
N ARG A 434 2.32 27.99 37.74
CA ARG A 434 1.72 29.18 37.15
C ARG A 434 2.71 29.83 36.20
N TYR A 435 2.18 30.52 35.19
CA TYR A 435 3.03 31.32 34.33
C TYR A 435 3.44 32.60 35.07
N GLN A 436 4.54 33.20 34.60
CA GLN A 436 5.03 34.40 35.25
C GLN A 436 5.72 35.28 34.22
N PRO A 437 5.83 36.59 34.47
CA PRO A 437 6.49 37.47 33.50
C PRO A 437 7.94 37.09 33.27
N ASP A 438 8.39 37.32 32.04
CA ASP A 438 9.82 37.26 31.75
C ASP A 438 10.55 38.14 32.76
N PRO A 439 11.74 37.74 33.23
CA PRO A 439 12.46 38.55 34.21
C PRO A 439 13.02 39.84 33.65
N TRP A 440 12.43 40.37 32.58
CA TRP A 440 12.87 41.64 32.01
C TRP A 440 11.72 42.36 31.30
N PHE B 28 -12.71 44.22 27.15
CA PHE B 28 -12.79 43.45 25.90
C PHE B 28 -11.65 42.45 25.77
N PRO B 29 -11.98 41.18 25.49
CA PRO B 29 -10.97 40.13 25.41
C PRO B 29 -9.91 40.43 24.35
N ARG B 30 -8.64 40.24 24.72
CA ARG B 30 -7.55 40.31 23.75
C ARG B 30 -7.25 38.92 23.18
N VAL B 31 -7.21 38.84 21.85
CA VAL B 31 -7.13 37.59 21.10
C VAL B 31 -5.86 37.62 20.26
N LYS B 32 -5.04 36.58 20.38
CA LYS B 32 -3.76 36.51 19.67
C LYS B 32 -3.75 35.38 18.66
N ASN B 33 -3.24 35.65 17.46
CA ASN B 33 -2.88 34.60 16.52
C ASN B 33 -1.41 34.25 16.74
N TRP B 34 -1.13 32.98 17.02
CA TRP B 34 0.22 32.58 17.39
C TRP B 34 1.13 32.27 16.20
N GLU B 35 0.59 32.18 14.99
CA GLU B 35 1.42 31.89 13.83
C GLU B 35 2.03 33.17 13.24
N VAL B 36 1.27 34.26 13.25
CA VAL B 36 1.70 35.54 12.67
C VAL B 36 2.17 36.49 13.77
N GLY B 37 1.59 36.38 14.97
CA GLY B 37 1.84 37.30 16.06
C GLY B 37 0.76 38.35 16.29
N SER B 38 -0.21 38.48 15.37
CA SER B 38 -1.18 39.57 15.40
C SER B 38 -2.14 39.48 16.59
N ILE B 39 -2.68 40.64 16.97
CA ILE B 39 -3.52 40.78 18.16
C ILE B 39 -4.74 41.63 17.81
N THR B 40 -5.92 41.18 18.24
CA THR B 40 -7.16 41.93 18.07
C THR B 40 -7.98 41.80 19.36
N TYR B 41 -9.03 42.62 19.47
CA TYR B 41 -9.92 42.64 20.62
C TYR B 41 -11.34 42.35 20.16
N ASP B 42 -12.02 41.44 20.87
CA ASP B 42 -13.37 41.02 20.47
C ASP B 42 -14.38 41.91 21.18
N THR B 43 -14.66 43.07 20.57
CA THR B 43 -15.67 43.98 21.11
C THR B 43 -17.09 43.46 20.93
N LEU B 44 -17.32 42.66 19.87
CA LEU B 44 -18.65 42.09 19.64
C LEU B 44 -19.11 41.23 20.82
N SER B 45 -18.17 40.58 21.51
CA SER B 45 -18.53 39.68 22.61
C SER B 45 -19.30 40.40 23.71
N ALA B 46 -19.07 41.70 23.91
CA ALA B 46 -19.78 42.42 24.97
C ALA B 46 -21.29 42.52 24.71
N GLN B 47 -21.72 42.35 23.46
CA GLN B 47 -23.13 42.34 23.10
C GLN B 47 -23.78 40.96 23.23
N ALA B 48 -23.06 39.98 23.76
CA ALA B 48 -23.58 38.61 23.83
C ALA B 48 -24.80 38.60 24.73
N GLN B 49 -25.93 38.22 24.17
CA GLN B 49 -27.14 38.24 24.97
C GLN B 49 -27.19 37.01 25.87
N GLN B 50 -27.61 35.87 25.36
CA GLN B 50 -27.86 34.72 26.23
C GLN B 50 -26.55 34.16 26.78
N ASP B 51 -26.66 33.47 27.91
CA ASP B 51 -25.50 33.07 28.69
C ASP B 51 -25.10 31.64 28.36
N GLY B 52 -23.79 31.39 28.47
CA GLY B 52 -23.23 30.08 28.23
C GLY B 52 -22.92 29.36 29.53
N PRO B 53 -22.26 28.21 29.44
CA PRO B 53 -22.10 27.33 30.60
C PRO B 53 -20.89 27.59 31.49
N CYS B 54 -20.03 28.54 31.15
CA CYS B 54 -18.81 28.74 31.93
C CYS B 54 -19.02 29.77 33.02
N THR B 55 -18.21 29.66 34.07
CA THR B 55 -18.09 30.65 35.13
C THR B 55 -16.62 30.92 35.36
N PRO B 56 -16.29 31.96 36.14
CA PRO B 56 -14.88 32.15 36.52
C PRO B 56 -14.34 31.00 37.37
N ARG B 57 -15.22 30.24 38.03
CA ARG B 57 -14.79 29.03 38.73
C ARG B 57 -14.28 27.99 37.75
N ARG B 58 -15.06 27.70 36.70
CA ARG B 58 -14.77 26.56 35.83
C ARG B 58 -15.23 26.82 34.41
N CYS B 59 -14.43 26.34 33.47
CA CYS B 59 -14.74 26.38 32.05
C CYS B 59 -15.36 25.05 31.64
N LEU B 60 -16.51 25.11 30.96
CA LEU B 60 -17.17 23.93 30.41
C LEU B 60 -17.22 24.00 28.88
N GLY B 61 -16.23 24.65 28.28
CA GLY B 61 -16.22 24.82 26.83
C GLY B 61 -16.31 23.52 26.04
N SER B 62 -15.77 22.42 26.58
CA SER B 62 -15.73 21.17 25.82
C SER B 62 -17.02 20.36 25.92
N LEU B 63 -18.06 20.86 26.57
CA LEU B 63 -19.29 20.10 26.67
C LEU B 63 -20.06 20.25 25.36
N VAL B 64 -20.54 19.12 24.81
CA VAL B 64 -21.29 19.19 23.56
C VAL B 64 -22.61 19.92 23.78
N PHE B 65 -23.43 19.46 24.73
CA PHE B 65 -24.72 20.11 25.02
C PHE B 65 -24.69 20.69 26.43
N PRO B 66 -24.28 21.95 26.60
CA PRO B 66 -24.22 22.63 27.91
C PRO B 66 -25.56 22.65 28.65
N ALA B 79 -44.99 35.56 28.35
CA ALA B 79 -44.06 36.63 28.69
C ALA B 79 -43.86 37.59 27.51
N PRO B 80 -44.83 38.50 27.30
CA PRO B 80 -44.70 39.44 26.18
C PRO B 80 -43.52 40.39 26.31
N GLU B 81 -43.05 40.65 27.53
CA GLU B 81 -42.01 41.66 27.71
C GLU B 81 -40.68 41.20 27.13
N GLN B 82 -40.30 39.95 27.36
CA GLN B 82 -39.04 39.45 26.82
C GLN B 82 -39.14 39.18 25.31
N LEU B 83 -40.31 38.78 24.83
CA LEU B 83 -40.51 38.68 23.39
C LEU B 83 -40.28 40.02 22.71
N LEU B 84 -40.83 41.09 23.31
CA LEU B 84 -40.71 42.42 22.71
C LEU B 84 -39.27 42.87 22.62
N SER B 85 -38.49 42.68 23.68
CA SER B 85 -37.12 43.20 23.69
C SER B 85 -36.24 42.39 22.75
N GLN B 86 -36.47 41.07 22.66
CA GLN B 86 -35.83 40.27 21.62
C GLN B 86 -36.18 40.81 20.23
N ALA B 87 -37.47 41.02 19.99
CA ALA B 87 -37.92 41.47 18.66
C ALA B 87 -37.37 42.85 18.35
N ARG B 88 -37.35 43.74 19.35
CA ARG B 88 -36.85 45.08 19.15
C ARG B 88 -35.40 45.05 18.71
N ASP B 89 -34.61 44.14 19.28
CA ASP B 89 -33.19 44.07 18.96
C ASP B 89 -32.97 43.51 17.55
N PHE B 90 -33.77 42.51 17.16
CA PHE B 90 -33.63 41.98 15.80
C PHE B 90 -34.01 43.04 14.77
N ILE B 91 -35.13 43.75 15.00
CA ILE B 91 -35.57 44.80 14.08
C ILE B 91 -34.49 45.86 13.92
N ASN B 92 -33.88 46.28 15.04
CA ASN B 92 -32.78 47.25 14.96
C ASN B 92 -31.62 46.67 14.15
N GLN B 93 -31.30 45.39 14.36
CA GLN B 93 -30.30 44.75 13.51
C GLN B 93 -30.69 44.87 12.04
N TYR B 94 -31.93 44.50 11.71
CA TYR B 94 -32.34 44.47 10.31
C TYR B 94 -32.23 45.86 9.69
N TYR B 95 -32.77 46.87 10.37
CA TYR B 95 -32.69 48.22 9.81
C TYR B 95 -31.27 48.76 9.78
N SER B 96 -30.37 48.26 10.63
CA SER B 96 -28.96 48.63 10.47
C SER B 96 -28.40 48.06 9.16
N SER B 97 -28.72 46.80 8.84
CA SER B 97 -28.13 46.14 7.69
C SER B 97 -28.54 46.80 6.37
N ILE B 98 -29.75 47.37 6.30
CA ILE B 98 -30.23 47.98 5.06
C ILE B 98 -30.03 49.50 5.12
N LYS B 99 -29.23 49.96 6.08
CA LYS B 99 -28.83 51.37 6.17
C LYS B 99 -30.03 52.29 6.35
N ARG B 100 -30.95 51.89 7.24
CA ARG B 100 -32.11 52.72 7.55
C ARG B 100 -32.34 52.82 9.05
N SER B 101 -31.25 52.77 9.83
CA SER B 101 -31.36 52.86 11.28
CA SER B 101 -31.35 52.87 11.29
C SER B 101 -31.95 54.21 11.69
N GLY B 102 -32.97 54.16 12.54
CA GLY B 102 -33.65 55.36 13.02
C GLY B 102 -34.57 56.02 12.02
N SER B 103 -34.86 55.38 10.88
CA SER B 103 -35.68 55.99 9.85
C SER B 103 -37.17 55.90 10.23
N GLN B 104 -38.01 56.53 9.41
CA GLN B 104 -39.46 56.42 9.56
C GLN B 104 -39.89 54.97 9.53
N ALA B 105 -39.49 54.23 8.49
CA ALA B 105 -39.84 52.82 8.36
C ALA B 105 -39.38 52.02 9.58
N HIS B 106 -38.29 52.45 10.22
CA HIS B 106 -37.77 51.73 11.38
C HIS B 106 -38.72 51.86 12.56
N GLU B 107 -39.11 53.09 12.92
CA GLU B 107 -40.02 53.28 14.04
C GLU B 107 -41.35 52.61 13.75
N GLN B 108 -41.86 52.76 12.52
CA GLN B 108 -43.14 52.16 12.16
C GLN B 108 -43.16 50.68 12.49
N ARG B 109 -42.07 49.97 12.17
CA ARG B 109 -42.02 48.52 12.35
C ARG B 109 -41.94 48.14 13.83
N LEU B 110 -41.17 48.89 14.63
CA LEU B 110 -41.19 48.71 16.07
C LEU B 110 -42.62 48.85 16.60
N GLN B 111 -43.23 50.01 16.34
CA GLN B 111 -44.61 50.27 16.75
C GLN B 111 -45.55 49.17 16.29
N GLU B 112 -45.39 48.73 15.04
CA GLU B 112 -46.21 47.64 14.50
C GLU B 112 -46.02 46.35 15.32
N VAL B 113 -44.79 46.00 15.66
CA VAL B 113 -44.53 44.74 16.34
C VAL B 113 -45.11 44.76 17.76
N GLU B 114 -44.91 45.86 18.49
CA GLU B 114 -45.50 45.97 19.83
C GLU B 114 -47.02 45.87 19.77
N ALA B 115 -47.63 46.43 18.73
CA ALA B 115 -49.07 46.37 18.59
C ALA B 115 -49.53 44.95 18.27
N GLU B 116 -48.75 44.22 17.47
CA GLU B 116 -49.13 42.86 17.15
C GLU B 116 -48.95 41.94 18.35
N VAL B 117 -47.86 42.14 19.11
CA VAL B 117 -47.66 41.33 20.30
C VAL B 117 -48.73 41.62 21.34
N ALA B 118 -49.18 42.88 21.42
CA ALA B 118 -50.25 43.23 22.35
C ALA B 118 -51.56 42.54 21.97
N ALA B 119 -51.92 42.57 20.69
CA ALA B 119 -53.21 42.03 20.25
C ALA B 119 -53.22 40.52 20.09
N THR B 120 -52.06 39.88 19.93
CA THR B 120 -51.99 38.47 19.56
C THR B 120 -51.02 37.64 20.39
N GLY B 121 -50.16 38.26 21.21
CA GLY B 121 -49.12 37.54 21.90
C GLY B 121 -47.92 37.13 21.05
N THR B 122 -47.86 37.54 19.79
CA THR B 122 -46.78 37.17 18.88
C THR B 122 -46.72 38.20 17.75
N TYR B 123 -45.88 37.95 16.74
CA TYR B 123 -45.84 38.81 15.57
C TYR B 123 -45.31 37.98 14.40
N GLN B 124 -45.40 38.55 13.19
CA GLN B 124 -44.98 37.86 11.97
C GLN B 124 -43.84 38.60 11.29
N LEU B 125 -42.86 37.84 10.81
CA LEU B 125 -41.72 38.42 10.10
C LEU B 125 -42.11 38.76 8.67
N ARG B 126 -41.63 39.91 8.20
CA ARG B 126 -41.67 40.19 6.78
C ARG B 126 -40.68 39.27 6.07
N GLU B 127 -40.94 39.01 4.78
CA GLU B 127 -40.15 38.02 4.05
C GLU B 127 -38.66 38.39 4.04
N SER B 128 -38.34 39.67 3.81
CA SER B 128 -36.93 40.06 3.80
CA SER B 128 -36.94 40.10 3.81
C SER B 128 -36.32 40.01 5.20
N GLU B 129 -37.12 40.23 6.24
CA GLU B 129 -36.57 40.06 7.59
C GLU B 129 -36.23 38.61 7.85
N LEU B 130 -37.05 37.69 7.31
CA LEU B 130 -36.80 36.26 7.46
C LEU B 130 -35.51 35.86 6.74
N VAL B 131 -35.31 36.38 5.53
CA VAL B 131 -34.10 36.05 4.77
C VAL B 131 -32.86 36.54 5.52
N PHE B 132 -32.90 37.80 5.97
CA PHE B 132 -31.79 38.35 6.73
C PHE B 132 -31.58 37.59 8.03
N GLY B 133 -32.67 37.21 8.70
CA GLY B 133 -32.56 36.49 9.96
C GLY B 133 -31.95 35.11 9.81
N ALA B 134 -32.25 34.42 8.71
CA ALA B 134 -31.65 33.10 8.47
C ALA B 134 -30.15 33.20 8.18
N LYS B 135 -29.74 34.23 7.43
CA LYS B 135 -28.32 34.41 7.16
C LYS B 135 -27.54 34.77 8.41
N GLN B 136 -28.13 35.60 9.28
CA GLN B 136 -27.46 35.97 10.53
C GLN B 136 -27.31 34.78 11.45
N ALA B 137 -28.34 33.93 11.51
CA ALA B 137 -28.24 32.71 12.32
C ALA B 137 -27.03 31.88 11.90
N TRP B 138 -26.80 31.73 10.61
CA TRP B 138 -25.62 30.99 10.14
C TRP B 138 -24.35 31.74 10.50
N ARG B 139 -24.32 33.03 10.18
CA ARG B 139 -23.18 33.89 10.54
C ARG B 139 -22.83 33.76 12.03
N ASN B 140 -23.84 33.66 12.91
CA ASN B 140 -23.64 33.65 14.36
C ASN B 140 -23.31 32.28 14.95
N ALA B 141 -23.28 31.22 14.15
CA ALA B 141 -23.12 29.83 14.60
C ALA B 141 -21.65 29.56 14.95
N PRO B 142 -21.30 29.47 16.23
CA PRO B 142 -19.87 29.40 16.61
C PRO B 142 -19.19 28.11 16.19
N ARG B 143 -19.94 27.03 15.97
CA ARG B 143 -19.31 25.76 15.69
C ARG B 143 -19.19 25.45 14.20
N CYS B 144 -19.49 26.42 13.33
CA CYS B 144 -19.47 26.23 11.88
C CYS B 144 -18.21 26.85 11.27
N VAL B 145 -17.38 26.02 10.65
CA VAL B 145 -16.18 26.50 9.96
C VAL B 145 -16.47 27.00 8.56
N GLY B 146 -17.67 26.74 8.04
CA GLY B 146 -18.03 27.12 6.69
C GLY B 146 -18.53 28.53 6.51
N ARG B 147 -18.37 29.41 7.51
CA ARG B 147 -19.17 30.63 7.49
C ARG B 147 -18.66 31.70 6.55
N ILE B 148 -17.52 31.49 5.86
CA ILE B 148 -17.14 32.43 4.80
C ILE B 148 -18.31 32.62 3.83
N GLN B 149 -19.14 31.58 3.67
CA GLN B 149 -20.26 31.48 2.74
C GLN B 149 -21.57 32.12 3.25
N TRP B 150 -21.60 32.75 4.43
CA TRP B 150 -22.87 32.94 5.13
C TRP B 150 -23.85 33.80 4.34
N GLY B 151 -23.35 34.73 3.53
CA GLY B 151 -24.18 35.60 2.74
C GLY B 151 -24.80 34.94 1.53
N LYS B 152 -24.30 33.77 1.14
CA LYS B 152 -24.80 33.06 -0.04
C LYS B 152 -25.66 31.91 0.46
N LEU B 153 -26.95 32.20 0.66
CA LEU B 153 -27.86 31.22 1.28
C LEU B 153 -29.23 31.39 0.65
N GLN B 154 -29.76 30.31 0.09
CA GLN B 154 -31.08 30.32 -0.51
C GLN B 154 -32.12 30.04 0.57
N VAL B 155 -33.03 30.99 0.79
CA VAL B 155 -34.05 30.87 1.84
C VAL B 155 -35.38 30.51 1.20
N PHE B 156 -35.89 29.31 1.49
CA PHE B 156 -37.23 28.91 1.03
C PHE B 156 -38.25 29.17 2.15
N ASP B 157 -39.25 30.00 1.85
CA ASP B 157 -40.26 30.42 2.82
C ASP B 157 -41.43 29.43 2.75
N ALA B 158 -41.44 28.46 3.65
CA ALA B 158 -42.52 27.50 3.76
C ALA B 158 -43.45 27.78 4.95
N ARG B 159 -43.56 29.04 5.35
CA ARG B 159 -44.34 29.35 6.55
C ARG B 159 -45.84 29.17 6.35
N ASP B 160 -46.30 29.07 5.11
CA ASP B 160 -47.69 28.77 4.82
C ASP B 160 -47.96 27.28 4.80
N CYS B 161 -46.97 26.46 5.15
CA CYS B 161 -47.13 25.02 5.05
C CYS B 161 -48.29 24.53 5.92
N ARG B 162 -49.05 23.58 5.40
CA ARG B 162 -50.34 23.26 5.98
C ARG B 162 -50.44 21.86 6.56
N SER B 163 -49.54 20.95 6.21
CA SER B 163 -49.66 19.57 6.65
C SER B 163 -48.30 18.89 6.52
N ALA B 164 -48.24 17.66 7.03
CA ALA B 164 -47.02 16.87 6.84
C ALA B 164 -46.80 16.52 5.38
N GLN B 165 -47.89 16.33 4.61
CA GLN B 165 -47.73 15.97 3.20
C GLN B 165 -47.15 17.14 2.40
N GLU B 166 -47.63 18.35 2.65
CA GLU B 166 -47.04 19.52 2.01
C GLU B 166 -45.62 19.75 2.52
N MET B 167 -45.39 19.51 3.81
CA MET B 167 -44.04 19.59 4.36
C MET B 167 -43.08 18.70 3.59
N PHE B 168 -43.52 17.49 3.24
CA PHE B 168 -42.68 16.57 2.49
C PHE B 168 -42.29 17.15 1.12
N THR B 169 -43.24 17.80 0.42
CA THR B 169 -42.97 18.32 -0.92
C THR B 169 -41.96 19.46 -0.87
N TYR B 170 -42.11 20.35 0.09
CA TYR B 170 -41.12 21.40 0.33
C TYR B 170 -39.74 20.81 0.60
N ILE B 171 -39.67 19.70 1.34
CA ILE B 171 -38.38 19.10 1.69
C ILE B 171 -37.74 18.47 0.45
N CYS B 172 -38.54 17.75 -0.34
CA CYS B 172 -38.03 17.19 -1.59
C CYS B 172 -37.49 18.28 -2.50
N ASN B 173 -38.20 19.41 -2.60
CA ASN B 173 -37.68 20.48 -3.44
CA ASN B 173 -37.70 20.54 -3.41
C ASN B 173 -36.40 21.08 -2.83
N HIS B 174 -36.30 21.13 -1.50
CA HIS B 174 -35.07 21.59 -0.89
C HIS B 174 -33.90 20.69 -1.32
N ILE B 175 -34.05 19.37 -1.15
CA ILE B 175 -32.99 18.42 -1.48
C ILE B 175 -32.62 18.54 -2.95
N LYS B 176 -33.64 18.69 -3.81
CA LYS B 176 -33.40 18.77 -5.24
C LYS B 176 -32.59 20.02 -5.61
N TYR B 177 -33.03 21.18 -5.11
CA TYR B 177 -32.31 22.42 -5.34
C TYR B 177 -30.88 22.38 -4.78
N ALA B 178 -30.73 21.88 -3.55
CA ALA B 178 -29.43 21.97 -2.87
C ALA B 178 -28.43 21.01 -3.47
N THR B 179 -28.90 19.81 -3.85
CA THR B 179 -28.01 18.85 -4.48
C THR B 179 -27.56 19.32 -5.86
N ASN B 180 -28.52 19.66 -6.71
CA ASN B 180 -28.19 20.28 -8.00
C ASN B 180 -27.22 19.40 -8.79
N ARG B 181 -27.46 18.09 -8.77
CA ARG B 181 -26.67 17.13 -9.54
C ARG B 181 -25.20 17.09 -9.13
N GLY B 182 -24.86 17.51 -7.91
CA GLY B 182 -23.51 17.44 -7.38
C GLY B 182 -22.85 18.78 -7.20
N ASN B 183 -23.35 19.83 -7.84
CA ASN B 183 -22.87 21.20 -7.61
C ASN B 183 -23.73 21.83 -6.50
N LEU B 184 -23.38 21.51 -5.26
CA LEU B 184 -24.25 21.78 -4.11
C LEU B 184 -24.45 23.26 -3.88
N ARG B 185 -25.66 23.64 -3.43
CA ARG B 185 -26.00 25.01 -3.11
C ARG B 185 -26.54 25.04 -1.69
N SER B 186 -26.10 26.05 -0.93
CA SER B 186 -26.53 26.20 0.45
C SER B 186 -27.97 26.73 0.51
N ALA B 187 -28.80 26.11 1.35
CA ALA B 187 -30.20 26.50 1.40
C ALA B 187 -30.76 26.17 2.76
N ILE B 188 -31.86 26.86 3.09
CA ILE B 188 -32.66 26.56 4.26
C ILE B 188 -34.14 26.68 3.88
N THR B 189 -34.96 25.74 4.33
CA THR B 189 -36.42 25.87 4.21
C THR B 189 -37.02 26.14 5.58
N VAL B 190 -37.82 27.20 5.68
CA VAL B 190 -38.36 27.65 6.96
C VAL B 190 -39.85 27.34 7.03
N PHE B 191 -40.21 26.44 7.94
CA PHE B 191 -41.60 26.04 8.17
C PHE B 191 -42.23 26.93 9.25
N PRO B 192 -43.55 26.82 9.47
CA PRO B 192 -44.24 27.82 10.30
C PRO B 192 -43.68 27.91 11.73
N GLN B 193 -43.69 29.12 12.27
CA GLN B 193 -43.16 29.38 13.59
C GLN B 193 -44.02 28.75 14.70
N ARG B 194 -43.38 28.49 15.84
CA ARG B 194 -44.12 28.14 17.04
C ARG B 194 -45.09 29.28 17.37
N CYS B 195 -46.32 28.92 17.73
CA CYS B 195 -47.30 29.95 18.03
C CYS B 195 -48.27 29.40 19.06
N PRO B 196 -48.90 30.27 19.85
CA PRO B 196 -49.85 29.80 20.87
C PRO B 196 -51.10 29.17 20.25
N GLY B 197 -51.47 28.00 20.77
CA GLY B 197 -52.71 27.35 20.44
C GLY B 197 -52.53 26.09 19.62
N ARG B 198 -51.32 25.85 19.13
CA ARG B 198 -51.06 24.78 18.18
C ARG B 198 -49.70 24.18 18.49
N GLY B 199 -49.53 22.91 18.15
CA GLY B 199 -48.25 22.25 18.31
C GLY B 199 -47.28 22.69 17.23
N ASP B 200 -46.10 22.07 17.25
CA ASP B 200 -45.01 22.42 16.35
C ASP B 200 -44.98 21.53 15.11
N PHE B 201 -44.57 22.10 13.99
CA PHE B 201 -43.96 21.28 12.95
C PHE B 201 -42.61 20.75 13.47
N ARG B 202 -42.35 19.45 13.26
CA ARG B 202 -41.06 18.88 13.61
C ARG B 202 -40.67 17.87 12.55
N ILE B 203 -39.38 17.86 12.23
CA ILE B 203 -38.75 16.79 11.48
C ILE B 203 -38.04 15.92 12.52
N TRP B 204 -38.49 14.67 12.67
CA TRP B 204 -37.89 13.86 13.72
C TRP B 204 -36.47 13.42 13.37
N ASN B 205 -36.15 13.32 12.08
CA ASN B 205 -34.81 12.92 11.63
C ASN B 205 -33.80 14.01 11.95
N SER B 206 -32.61 13.61 12.42
CA SER B 206 -31.59 14.61 12.72
C SER B 206 -31.00 15.22 11.45
N GLN B 207 -30.92 14.46 10.36
CA GLN B 207 -30.61 15.00 9.04
C GLN B 207 -31.62 14.45 8.03
N LEU B 208 -31.77 15.17 6.92
CA LEU B 208 -32.66 14.69 5.85
C LEU B 208 -32.17 13.37 5.27
N VAL B 209 -30.85 13.18 5.17
CA VAL B 209 -30.29 11.95 4.63
C VAL B 209 -29.51 11.28 5.75
N ARG B 210 -29.93 10.06 6.12
CA ARG B 210 -29.29 9.32 7.19
C ARG B 210 -29.37 7.84 6.85
N TYR B 211 -28.35 7.09 7.26
CA TYR B 211 -28.34 5.65 7.08
C TYR B 211 -28.85 4.92 8.31
N ALA B 212 -29.63 3.87 8.08
CA ALA B 212 -30.21 3.13 9.18
C ALA B 212 -29.11 2.49 10.03
N GLY B 213 -29.44 2.26 11.30
CA GLY B 213 -28.60 1.48 12.19
C GLY B 213 -29.42 0.39 12.84
N TYR B 214 -29.10 -0.86 12.52
CA TYR B 214 -29.86 -2.01 12.97
C TYR B 214 -29.14 -2.69 14.12
N ARG B 215 -29.74 -2.66 15.31
CA ARG B 215 -29.24 -3.50 16.40
C ARG B 215 -29.24 -4.95 15.95
N GLN B 216 -28.32 -5.73 16.49
CA GLN B 216 -28.02 -7.01 15.88
C GLN B 216 -28.39 -8.18 16.77
N GLN B 217 -28.33 -9.35 16.15
CA GLN B 217 -28.41 -10.64 16.84
C GLN B 217 -27.50 -10.66 18.06
N ASP B 218 -26.20 -10.43 17.85
CA ASP B 218 -25.19 -10.49 18.91
C ASP B 218 -24.95 -9.14 19.59
N GLY B 219 -25.93 -8.25 19.62
CA GLY B 219 -25.83 -6.99 20.33
C GLY B 219 -25.12 -5.86 19.61
N SER B 220 -24.53 -6.12 18.45
CA SER B 220 -23.79 -5.11 17.71
C SER B 220 -24.77 -4.21 16.93
N VAL B 221 -24.24 -3.39 16.02
CA VAL B 221 -25.06 -2.55 15.16
C VAL B 221 -24.63 -2.79 13.72
N ARG B 222 -25.60 -2.96 12.82
CA ARG B 222 -25.34 -2.95 11.39
C ARG B 222 -25.78 -1.62 10.82
N GLY B 223 -24.91 -0.96 10.04
CA GLY B 223 -25.19 0.38 9.59
C GLY B 223 -24.57 1.44 10.49
N ASP B 224 -25.23 2.59 10.63
CA ASP B 224 -24.67 3.71 11.38
C ASP B 224 -25.16 3.66 12.82
N PRO B 225 -24.30 3.41 13.81
CA PRO B 225 -24.78 3.35 15.20
C PRO B 225 -25.35 4.66 15.71
N ALA B 226 -24.99 5.79 15.12
CA ALA B 226 -25.57 7.06 15.52
C ALA B 226 -27.09 7.11 15.31
N ASN B 227 -27.65 6.23 14.46
CA ASN B 227 -29.03 6.34 14.01
C ASN B 227 -29.90 5.19 14.50
N VAL B 228 -29.48 4.50 15.56
CA VAL B 228 -30.25 3.38 16.09
C VAL B 228 -31.64 3.84 16.54
N GLU B 229 -31.71 4.96 17.26
CA GLU B 229 -32.97 5.41 17.87
C GLU B 229 -34.01 5.75 16.81
N ILE B 230 -33.64 6.62 15.86
CA ILE B 230 -34.57 7.02 14.81
C ILE B 230 -34.94 5.84 13.92
N THR B 231 -34.01 4.89 13.75
CA THR B 231 -34.30 3.69 12.98
C THR B 231 -35.40 2.86 13.62
N GLU B 232 -35.33 2.68 14.95
CA GLU B 232 -36.38 1.93 15.64
C GLU B 232 -37.72 2.65 15.55
N LEU B 233 -37.69 3.98 15.62
CA LEU B 233 -38.92 4.76 15.48
C LEU B 233 -39.52 4.59 14.09
N CYS B 234 -38.69 4.56 13.04
CA CYS B 234 -39.21 4.38 11.69
C CYS B 234 -39.91 3.03 11.54
N ILE B 235 -39.28 1.98 12.05
CA ILE B 235 -39.87 0.65 12.01
C ILE B 235 -41.17 0.61 12.79
N GLN B 236 -41.15 1.14 14.01
CA GLN B 236 -42.36 1.22 14.83
C GLN B 236 -43.46 1.96 14.10
N HIS B 237 -43.11 2.89 13.20
CA HIS B 237 -44.08 3.68 12.47
C HIS B 237 -44.34 3.16 11.07
N GLY B 238 -44.17 1.85 10.86
CA GLY B 238 -44.60 1.19 9.64
C GLY B 238 -43.50 0.90 8.63
N TRP B 239 -42.29 1.41 8.82
CA TRP B 239 -41.26 1.23 7.81
C TRP B 239 -40.79 -0.22 7.79
N THR B 240 -40.71 -0.79 6.60
CA THR B 240 -40.16 -2.14 6.45
C THR B 240 -38.65 -2.02 6.33
N PRO B 241 -37.88 -2.43 7.34
CA PRO B 241 -36.44 -2.18 7.32
C PRO B 241 -35.75 -2.97 6.22
N GLY B 242 -34.56 -2.52 5.87
CA GLY B 242 -33.61 -3.30 5.12
C GLY B 242 -32.64 -4.01 6.05
N ASN B 243 -31.49 -4.40 5.48
CA ASN B 243 -30.45 -4.98 6.31
C ASN B 243 -29.06 -4.69 5.76
N GLY B 244 -28.93 -3.61 4.98
CA GLY B 244 -27.65 -3.14 4.53
C GLY B 244 -26.99 -2.23 5.57
N ARG B 245 -25.77 -1.81 5.24
CA ARG B 245 -25.03 -0.87 6.07
C ARG B 245 -25.26 0.58 5.67
N PHE B 246 -25.81 0.81 4.49
CA PHE B 246 -26.02 2.13 3.94
C PHE B 246 -27.46 2.31 3.45
N ASP B 247 -28.43 1.82 4.22
CA ASP B 247 -29.84 1.96 3.85
C ASP B 247 -30.34 3.34 4.23
N VAL B 248 -30.79 4.12 3.25
CA VAL B 248 -31.26 5.47 3.54
C VAL B 248 -32.58 5.40 4.32
N LEU B 249 -32.69 6.19 5.39
CA LEU B 249 -33.87 6.18 6.24
C LEU B 249 -35.02 6.98 5.61
N PRO B 250 -36.27 6.66 5.94
CA PRO B 250 -37.39 7.53 5.56
C PRO B 250 -37.51 8.70 6.52
N LEU B 251 -38.32 9.69 6.14
CA LEU B 251 -38.56 10.86 6.98
C LEU B 251 -39.79 10.64 7.86
N LEU B 252 -39.66 11.01 9.13
CA LEU B 252 -40.81 11.08 10.06
C LEU B 252 -41.15 12.55 10.23
N LEU B 253 -42.32 12.94 9.74
CA LEU B 253 -42.69 14.34 9.68
C LEU B 253 -43.91 14.61 10.56
N GLN B 254 -43.80 15.63 11.39
CA GLN B 254 -44.81 15.93 12.39
C GLN B 254 -45.41 17.29 12.05
N ALA B 255 -46.68 17.28 11.67
CA ALA B 255 -47.56 18.46 11.63
C ALA B 255 -48.15 18.74 13.00
N PRO B 256 -48.55 19.99 13.27
CA PRO B 256 -49.08 20.35 14.59
C PRO B 256 -50.15 19.40 15.10
N ASP B 257 -49.95 18.88 16.31
CA ASP B 257 -50.94 18.10 17.05
C ASP B 257 -51.36 16.84 16.29
N GLU B 258 -50.40 16.26 15.59
CA GLU B 258 -50.50 15.06 14.80
C GLU B 258 -49.41 14.10 15.24
N PRO B 259 -49.66 12.79 15.17
CA PRO B 259 -48.53 11.85 15.22
C PRO B 259 -47.60 12.08 14.04
N PRO B 260 -46.34 11.68 14.13
CA PRO B 260 -45.46 11.76 12.96
C PRO B 260 -45.96 10.85 11.85
N GLU B 261 -45.63 11.24 10.63
CA GLU B 261 -46.03 10.49 9.44
C GLU B 261 -44.77 10.10 8.67
N LEU B 262 -44.78 8.90 8.11
CA LEU B 262 -43.61 8.34 7.43
C LEU B 262 -43.66 8.67 5.95
N PHE B 263 -42.53 9.13 5.41
CA PHE B 263 -42.41 9.47 3.99
C PHE B 263 -41.10 8.89 3.45
N LEU B 264 -41.20 8.04 2.43
CA LEU B 264 -40.01 7.50 1.79
C LEU B 264 -39.42 8.54 0.85
N LEU B 265 -38.12 8.74 0.90
CA LEU B 265 -37.50 9.67 -0.03
C LEU B 265 -37.36 9.00 -1.39
N PRO B 266 -37.71 9.69 -2.48
CA PRO B 266 -37.52 9.11 -3.81
C PRO B 266 -36.06 8.80 -4.03
N PRO B 267 -35.74 7.57 -4.43
CA PRO B 267 -34.33 7.18 -4.58
C PRO B 267 -33.49 8.14 -5.42
N GLU B 268 -34.06 8.68 -6.50
CA GLU B 268 -33.28 9.53 -7.40
C GLU B 268 -33.06 10.93 -6.85
N LEU B 269 -33.66 11.27 -5.70
CA LEU B 269 -33.38 12.56 -5.10
C LEU B 269 -32.16 12.50 -4.17
N VAL B 270 -31.75 11.30 -3.75
CA VAL B 270 -30.67 11.09 -2.80
C VAL B 270 -29.40 10.74 -3.60
N LEU B 271 -28.57 11.73 -3.87
CA LEU B 271 -27.29 11.52 -4.53
C LEU B 271 -26.27 10.95 -3.53
N GLU B 272 -25.60 9.88 -3.92
CA GLU B 272 -24.58 9.22 -3.09
C GLU B 272 -23.29 9.07 -3.87
N VAL B 273 -22.22 8.74 -3.14
CA VAL B 273 -20.87 8.65 -3.69
C VAL B 273 -20.23 7.35 -3.20
N PRO B 274 -20.04 6.36 -4.07
CA PRO B 274 -19.25 5.19 -3.68
C PRO B 274 -17.81 5.63 -3.40
N LEU B 275 -17.21 5.06 -2.36
CA LEU B 275 -15.87 5.46 -1.95
C LEU B 275 -14.84 4.52 -2.54
N GLU B 276 -13.89 5.08 -3.28
CA GLU B 276 -12.72 4.34 -3.78
C GLU B 276 -11.46 5.15 -3.50
N HIS B 277 -10.30 4.47 -3.55
CA HIS B 277 -9.04 5.16 -3.28
C HIS B 277 -8.21 5.26 -4.56
N PRO B 278 -7.54 6.40 -4.80
CA PRO B 278 -6.88 6.59 -6.11
C PRO B 278 -5.76 5.62 -6.40
N THR B 279 -5.09 5.10 -5.37
CA THR B 279 -4.08 4.07 -5.57
C THR B 279 -4.39 2.74 -4.88
N LEU B 280 -5.07 2.71 -3.74
CA LEU B 280 -5.37 1.42 -3.10
C LEU B 280 -6.65 0.83 -3.71
N GLU B 281 -6.49 -0.08 -4.68
CA GLU B 281 -7.63 -0.56 -5.45
C GLU B 281 -8.54 -1.46 -4.63
N TRP B 282 -8.01 -2.13 -3.59
CA TRP B 282 -8.87 -2.95 -2.76
C TRP B 282 -9.87 -2.11 -1.97
N PHE B 283 -9.68 -0.79 -1.92
CA PHE B 283 -10.54 0.05 -1.10
C PHE B 283 -11.98 0.03 -1.60
N ALA B 284 -12.18 -0.04 -2.91
CA ALA B 284 -13.54 -0.11 -3.45
C ALA B 284 -14.26 -1.35 -2.95
N ALA B 285 -13.51 -2.41 -2.64
CA ALA B 285 -14.14 -3.64 -2.20
C ALA B 285 -14.68 -3.56 -0.78
N LEU B 286 -14.38 -2.51 -0.05
CA LEU B 286 -15.05 -2.32 1.24
C LEU B 286 -16.54 -2.04 1.08
N GLY B 287 -16.95 -1.58 -0.11
CA GLY B 287 -18.36 -1.29 -0.34
C GLY B 287 -18.82 -0.05 0.39
N LEU B 288 -17.94 0.91 0.62
CA LEU B 288 -18.32 2.08 1.37
C LEU B 288 -18.92 3.15 0.45
N ARG B 289 -19.81 3.95 1.04
CA ARG B 289 -20.54 5.02 0.39
C ARG B 289 -20.81 6.11 1.42
N TRP B 290 -21.04 7.32 0.93
CA TRP B 290 -21.66 8.37 1.72
C TRP B 290 -22.55 9.19 0.80
N TYR B 291 -23.45 9.98 1.39
CA TYR B 291 -24.38 10.80 0.62
C TYR B 291 -23.79 12.20 0.41
N ALA B 292 -24.31 12.89 -0.61
CA ALA B 292 -23.76 14.19 -1.03
C ALA B 292 -24.16 15.34 -0.11
N LEU B 293 -25.36 15.32 0.44
CA LEU B 293 -25.94 16.53 1.01
C LEU B 293 -25.98 16.46 2.52
N PRO B 294 -25.24 17.33 3.25
CA PRO B 294 -25.45 17.43 4.71
C PRO B 294 -26.57 18.41 5.05
N ALA B 295 -27.70 17.91 5.57
CA ALA B 295 -28.93 18.70 5.76
C ALA B 295 -29.41 18.49 7.18
N VAL B 296 -29.02 19.41 8.07
CA VAL B 296 -29.40 19.34 9.47
C VAL B 296 -30.88 19.71 9.59
N SER B 297 -31.65 18.86 10.27
CA SER B 297 -33.09 19.06 10.34
C SER B 297 -33.65 19.03 11.76
N ASN B 298 -32.81 18.97 12.81
CA ASN B 298 -33.32 18.90 14.16
C ASN B 298 -32.99 20.12 14.99
N MET B 299 -32.51 21.20 14.37
CA MET B 299 -32.18 22.39 15.14
C MET B 299 -33.31 23.42 15.05
N LEU B 300 -33.38 24.27 16.07
CA LEU B 300 -34.36 25.33 16.14
C LEU B 300 -33.75 26.63 15.63
N LEU B 301 -34.46 27.32 14.74
CA LEU B 301 -34.04 28.62 14.27
C LEU B 301 -34.79 29.69 15.06
N GLU B 302 -34.04 30.57 15.72
CA GLU B 302 -34.61 31.64 16.54
C GLU B 302 -34.27 32.98 15.92
N ILE B 303 -35.29 33.77 15.63
CA ILE B 303 -35.15 35.09 15.03
C ILE B 303 -36.09 36.03 15.79
N GLY B 304 -35.53 37.07 16.42
CA GLY B 304 -36.33 38.10 17.07
C GLY B 304 -37.31 37.58 18.10
N GLY B 305 -36.94 36.53 18.83
CA GLY B 305 -37.83 35.92 19.77
C GLY B 305 -38.78 34.88 19.19
N LEU B 306 -39.00 34.87 17.89
CA LEU B 306 -39.82 33.83 17.28
C LEU B 306 -38.99 32.56 17.09
N GLU B 307 -39.65 31.42 17.21
CA GLU B 307 -38.97 30.14 17.17
C GLU B 307 -39.55 29.31 16.03
N PHE B 308 -38.64 28.78 15.19
CA PHE B 308 -38.98 27.93 14.04
C PHE B 308 -38.38 26.56 14.35
N PRO B 309 -39.13 25.66 15.01
CA PRO B 309 -38.57 24.36 15.39
C PRO B 309 -38.29 23.46 14.20
N ALA B 310 -38.84 23.79 13.03
CA ALA B 310 -38.60 23.06 11.80
C ALA B 310 -38.05 24.03 10.77
N ALA B 311 -36.75 23.95 10.52
CA ALA B 311 -36.14 24.81 9.51
C ALA B 311 -34.87 24.14 9.03
N PRO B 312 -34.98 23.07 8.23
CA PRO B 312 -33.77 22.30 7.87
C PRO B 312 -32.86 23.11 6.98
N PHE B 313 -31.55 22.88 7.13
CA PHE B 313 -30.60 23.61 6.31
C PHE B 313 -29.46 22.69 5.84
N SER B 314 -28.90 23.04 4.69
CA SER B 314 -27.88 22.20 4.09
C SER B 314 -26.79 23.04 3.46
N GLY B 315 -25.58 22.47 3.42
CA GLY B 315 -24.49 23.10 2.71
C GLY B 315 -23.76 22.03 1.93
N TRP B 316 -22.45 21.91 2.13
CA TRP B 316 -21.73 20.77 1.58
C TRP B 316 -20.69 20.31 2.60
N TYR B 317 -20.20 19.10 2.40
CA TYR B 317 -19.32 18.47 3.39
C TYR B 317 -17.90 19.01 3.38
N MET B 318 -17.28 19.05 4.57
CA MET B 318 -15.83 19.03 4.72
C MET B 318 -15.40 17.58 4.86
N SER B 319 -14.34 17.20 4.13
CA SER B 319 -14.03 15.77 3.99
C SER B 319 -13.76 15.07 5.31
N THR B 320 -13.27 15.79 6.34
CA THR B 320 -13.00 15.12 7.61
C THR B 320 -14.27 14.68 8.33
N GLU B 321 -15.41 15.33 8.10
CA GLU B 321 -16.64 14.85 8.74
C GLU B 321 -16.92 13.42 8.33
N ILE B 322 -16.77 13.13 7.05
CA ILE B 322 -17.02 11.79 6.53
C ILE B 322 -15.86 10.86 6.84
N GLY B 323 -14.64 11.25 6.43
CA GLY B 323 -13.52 10.34 6.50
C GLY B 323 -13.02 10.06 7.90
N THR B 324 -12.89 11.10 8.72
CA THR B 324 -12.44 10.92 10.08
C THR B 324 -13.60 10.58 11.02
N ARG B 325 -14.61 11.45 11.11
CA ARG B 325 -15.60 11.20 12.16
C ARG B 325 -16.55 10.08 11.75
N ASN B 326 -17.31 10.26 10.67
CA ASN B 326 -18.38 9.30 10.41
C ASN B 326 -17.83 7.90 10.11
N LEU B 327 -16.65 7.79 9.49
CA LEU B 327 -16.13 6.47 9.18
C LEU B 327 -15.19 5.90 10.24
N CYS B 328 -14.41 6.75 10.92
CA CYS B 328 -13.38 6.24 11.83
C CYS B 328 -13.72 6.34 13.31
N ASP B 329 -14.73 7.13 13.72
CA ASP B 329 -15.12 7.17 15.13
C ASP B 329 -15.37 5.74 15.62
N PRO B 330 -14.84 5.36 16.79
CA PRO B 330 -15.07 3.99 17.27
C PRO B 330 -16.54 3.69 17.45
N HIS B 331 -17.36 4.69 17.70
CA HIS B 331 -18.79 4.52 17.91
C HIS B 331 -19.61 4.83 16.66
N ARG B 332 -18.97 5.05 15.52
CA ARG B 332 -19.64 5.17 14.23
C ARG B 332 -19.28 3.94 13.38
N TYR B 333 -18.86 4.09 12.11
CA TYR B 333 -18.61 2.90 11.30
C TYR B 333 -17.33 2.17 11.70
N ASN B 334 -16.41 2.84 12.38
CA ASN B 334 -15.26 2.18 13.03
C ASN B 334 -14.46 1.30 12.07
N ILE B 335 -14.11 1.85 10.91
CA ILE B 335 -13.41 1.05 9.90
C ILE B 335 -11.89 1.14 10.01
N LEU B 336 -11.36 1.86 10.99
CA LEU B 336 -9.95 2.24 11.01
C LEU B 336 -9.03 1.02 10.99
N GLU B 337 -9.30 0.06 11.87
CA GLU B 337 -8.39 -1.08 11.97
C GLU B 337 -8.50 -1.97 10.75
N ASP B 338 -9.71 -2.11 10.19
CA ASP B 338 -9.87 -2.91 8.98
C ASP B 338 -9.07 -2.31 7.83
N VAL B 339 -9.11 -0.98 7.69
CA VAL B 339 -8.30 -0.35 6.66
C VAL B 339 -6.80 -0.56 6.93
N ALA B 340 -6.36 -0.41 8.19
CA ALA B 340 -4.94 -0.53 8.50
C ALA B 340 -4.42 -1.94 8.24
N VAL B 341 -5.21 -2.96 8.58
CA VAL B 341 -4.84 -4.34 8.29
C VAL B 341 -4.65 -4.52 6.78
N CYS B 342 -5.60 -4.02 5.99
CA CYS B 342 -5.51 -4.14 4.54
C CYS B 342 -4.27 -3.45 4.00
N MET B 343 -3.91 -2.29 4.56
CA MET B 343 -2.71 -1.55 4.13
C MET B 343 -1.41 -2.22 4.55
N ASP B 344 -1.49 -3.37 5.24
CA ASP B 344 -0.35 -4.11 5.75
C ASP B 344 0.38 -3.37 6.88
N LEU B 345 -0.25 -2.39 7.54
CA LEU B 345 0.43 -1.71 8.63
C LEU B 345 0.56 -2.60 9.87
N ASP B 346 1.59 -2.35 10.67
CA ASP B 346 1.83 -3.07 11.91
C ASP B 346 0.87 -2.53 12.97
N THR B 347 -0.23 -3.26 13.18
CA THR B 347 -1.28 -2.85 14.11
C THR B 347 -1.07 -3.37 15.53
N ARG B 348 0.11 -3.86 15.88
CA ARG B 348 0.31 -4.36 17.23
C ARG B 348 1.02 -3.37 18.14
N THR B 349 1.50 -2.25 17.60
CA THR B 349 2.15 -1.21 18.37
C THR B 349 1.62 0.13 17.92
N THR B 350 1.30 1.00 18.89
CA THR B 350 0.82 2.33 18.55
C THR B 350 1.91 3.19 17.93
N SER B 351 3.18 2.93 18.27
CA SER B 351 4.25 3.82 17.82
C SER B 351 4.51 3.69 16.32
N SER B 352 4.01 2.63 15.68
CA SER B 352 4.01 2.60 14.21
C SER B 352 3.11 3.67 13.59
N LEU B 353 2.23 4.31 14.39
CA LEU B 353 1.30 5.34 13.93
C LEU B 353 0.35 4.79 12.86
N TRP B 354 -0.02 3.51 13.01
CA TRP B 354 -0.91 2.90 12.04
C TRP B 354 -2.26 3.61 11.97
N LYS B 355 -2.77 4.08 13.11
CA LYS B 355 -4.07 4.74 13.08
C LYS B 355 -3.99 6.00 12.25
N ASP B 356 -2.96 6.81 12.47
CA ASP B 356 -2.78 8.05 11.73
C ASP B 356 -2.63 7.78 10.24
N LYS B 357 -1.84 6.76 9.88
CA LYS B 357 -1.60 6.46 8.45
C LYS B 357 -2.88 5.98 7.77
N ALA B 358 -3.63 5.08 8.42
CA ALA B 358 -4.90 4.62 7.84
C ALA B 358 -5.90 5.77 7.71
N ALA B 359 -6.03 6.63 8.73
CA ALA B 359 -7.00 7.71 8.63
C ALA B 359 -6.66 8.68 7.51
N VAL B 360 -5.38 8.93 7.24
CA VAL B 360 -5.06 9.87 6.17
C VAL B 360 -5.54 9.31 4.83
N GLU B 361 -5.33 8.02 4.60
CA GLU B 361 -5.74 7.43 3.32
C GLU B 361 -7.26 7.37 3.17
N ILE B 362 -8.00 7.22 4.28
CA ILE B 362 -9.46 7.24 4.22
C ILE B 362 -9.96 8.61 3.80
N ASN B 363 -9.33 9.66 4.32
CA ASN B 363 -9.67 11.02 3.92
C ASN B 363 -9.31 11.28 2.47
N VAL B 364 -8.13 10.80 2.02
CA VAL B 364 -7.79 10.86 0.59
C VAL B 364 -8.89 10.23 -0.25
N ALA B 365 -9.35 9.04 0.16
CA ALA B 365 -10.38 8.32 -0.60
C ALA B 365 -11.69 9.12 -0.67
N VAL B 366 -12.05 9.81 0.42
CA VAL B 366 -13.29 10.59 0.41
C VAL B 366 -13.17 11.72 -0.61
N LEU B 367 -12.11 12.52 -0.49
CA LEU B 367 -11.87 13.64 -1.40
C LEU B 367 -11.85 13.17 -2.84
N HIS B 368 -11.06 12.13 -3.12
CA HIS B 368 -10.94 11.59 -4.46
C HIS B 368 -12.29 11.13 -4.99
N SER B 369 -13.04 10.41 -4.15
CA SER B 369 -14.31 9.87 -4.60
C SER B 369 -15.31 10.99 -4.90
N TYR B 370 -15.39 12.00 -4.03
CA TYR B 370 -16.31 13.10 -4.29
C TYR B 370 -15.86 13.94 -5.49
N GLN B 371 -14.54 14.07 -5.71
CA GLN B 371 -14.10 14.82 -6.87
C GLN B 371 -14.41 14.05 -8.14
N LEU B 372 -14.16 12.74 -8.13
CA LEU B 372 -14.49 11.88 -9.27
C LEU B 372 -15.98 11.94 -9.61
N ALA B 373 -16.84 11.89 -8.60
CA ALA B 373 -18.27 11.93 -8.81
C ALA B 373 -18.78 13.33 -9.15
N LYS B 374 -17.91 14.34 -9.11
CA LYS B 374 -18.29 15.75 -9.33
C LYS B 374 -19.35 16.21 -8.30
N VAL B 375 -19.08 15.92 -7.03
CA VAL B 375 -19.88 16.38 -5.91
C VAL B 375 -19.01 17.32 -5.09
N THR B 376 -19.49 18.54 -4.88
CA THR B 376 -18.79 19.51 -4.05
C THR B 376 -18.33 18.92 -2.73
N ILE B 377 -17.09 19.23 -2.37
CA ILE B 377 -16.50 18.83 -1.10
C ILE B 377 -15.31 19.76 -0.86
N VAL B 378 -15.02 20.06 0.42
CA VAL B 378 -13.88 20.90 0.77
C VAL B 378 -13.00 20.13 1.75
N ASP B 379 -11.69 20.23 1.56
CA ASP B 379 -10.76 19.57 2.48
C ASP B 379 -10.52 20.50 3.67
N HIS B 380 -10.02 19.92 4.78
CA HIS B 380 -9.88 20.69 6.01
C HIS B 380 -8.85 21.80 5.91
N HIS B 381 -7.91 21.73 4.97
CA HIS B 381 -6.96 22.82 4.81
C HIS B 381 -7.58 24.01 4.09
N ALA B 382 -8.31 23.76 2.99
CA ALA B 382 -9.00 24.84 2.30
C ALA B 382 -10.07 25.48 3.17
N ALA B 383 -10.80 24.67 3.95
CA ALA B 383 -11.89 25.20 4.77
C ALA B 383 -11.37 26.06 5.92
N THR B 384 -10.35 25.59 6.63
CA THR B 384 -9.80 26.39 7.72
C THR B 384 -9.14 27.65 7.18
N ALA B 385 -8.53 27.57 5.99
CA ALA B 385 -7.95 28.78 5.41
C ALA B 385 -9.02 29.78 5.07
N SER B 386 -10.17 29.31 4.59
CA SER B 386 -11.23 30.25 4.28
C SER B 386 -11.88 30.76 5.55
N PHE B 387 -11.89 29.95 6.63
CA PHE B 387 -12.44 30.47 7.89
C PHE B 387 -11.59 31.60 8.44
N MET B 388 -10.25 31.54 8.26
CA MET B 388 -9.39 32.63 8.70
C MET B 388 -9.72 33.93 7.99
N LYS B 389 -10.06 33.87 6.71
CA LYS B 389 -10.49 35.07 6.00
C LYS B 389 -11.80 35.59 6.59
N HIS B 390 -12.69 34.68 6.99
CA HIS B 390 -13.97 35.06 7.59
C HIS B 390 -13.75 35.83 8.88
N LEU B 391 -12.83 35.33 9.72
CA LEU B 391 -12.51 36.05 10.96
C LEU B 391 -12.00 37.45 10.66
N GLU B 392 -11.18 37.58 9.62
CA GLU B 392 -10.67 38.90 9.25
C GLU B 392 -11.79 39.80 8.72
N ASN B 393 -12.67 39.27 7.86
CA ASN B 393 -13.82 40.05 7.43
C ASN B 393 -14.68 40.43 8.62
N GLU B 394 -14.88 39.51 9.57
CA GLU B 394 -15.80 39.78 10.66
C GLU B 394 -15.21 40.73 11.69
N GLN B 395 -13.89 40.69 11.89
CA GLN B 395 -13.28 41.68 12.76
C GLN B 395 -13.53 43.08 12.22
N LYS B 396 -13.40 43.26 10.91
CA LYS B 396 -13.68 44.56 10.29
C LYS B 396 -15.15 44.91 10.42
N ALA B 397 -16.05 43.99 10.06
CA ALA B 397 -17.47 44.30 9.94
C ALA B 397 -18.15 44.48 11.29
N ARG B 398 -17.81 43.64 12.28
CA ARG B 398 -18.58 43.60 13.52
C ARG B 398 -17.72 43.73 14.78
N GLY B 399 -16.40 43.83 14.64
CA GLY B 399 -15.54 43.90 15.81
C GLY B 399 -15.32 42.57 16.52
N GLY B 400 -15.43 41.46 15.82
CA GLY B 400 -15.22 40.16 16.43
C GLY B 400 -16.01 39.09 15.71
N CYS B 401 -15.93 37.87 16.24
CA CYS B 401 -16.62 36.73 15.67
C CYS B 401 -16.73 35.56 16.65
N PRO B 402 -17.94 35.12 16.99
CA PRO B 402 -18.09 33.96 17.89
C PRO B 402 -17.57 32.67 17.27
N ALA B 403 -16.72 31.96 18.00
CA ALA B 403 -16.13 30.73 17.47
C ALA B 403 -15.78 29.77 18.60
N ASP B 404 -16.15 28.51 18.40
CA ASP B 404 -15.92 27.43 19.35
C ASP B 404 -14.67 26.68 18.86
N TRP B 405 -13.53 26.99 19.47
CA TRP B 405 -12.23 26.49 19.01
C TRP B 405 -12.21 24.98 18.81
N ALA B 406 -12.71 24.24 19.81
CA ALA B 406 -12.71 22.78 19.75
C ALA B 406 -13.52 22.23 18.58
N TRP B 407 -14.50 22.98 18.07
CA TRP B 407 -15.26 22.53 16.92
C TRP B 407 -14.66 23.01 15.60
N ILE B 408 -14.02 24.18 15.60
CA ILE B 408 -13.45 24.72 14.38
C ILE B 408 -12.17 23.95 13.96
N VAL B 409 -11.34 23.57 14.93
CA VAL B 409 -10.10 22.85 14.61
C VAL B 409 -10.45 21.44 14.14
N PRO B 410 -10.03 21.02 12.95
CA PRO B 410 -10.43 19.70 12.41
C PRO B 410 -9.94 18.55 13.27
N PRO B 411 -10.61 17.38 13.18
CA PRO B 411 -10.26 16.25 14.05
C PRO B 411 -9.04 15.44 13.64
N ILE B 412 -8.41 15.74 12.50
CA ILE B 412 -7.05 15.26 12.20
C ILE B 412 -6.24 16.49 11.79
N SER B 413 -4.93 16.41 12.02
CA SER B 413 -3.99 17.42 11.55
C SER B 413 -4.30 18.81 12.09
N GLY B 414 -4.80 18.87 13.33
CA GLY B 414 -5.22 20.15 13.89
C GLY B 414 -4.21 21.26 13.75
N SER B 415 -2.96 21.06 14.23
CA SER B 415 -2.01 22.16 14.24
C SER B 415 -1.37 22.42 12.88
N LEU B 416 -1.61 21.56 11.90
CA LEU B 416 -1.27 21.85 10.52
C LEU B 416 -2.22 22.85 9.86
N THR B 417 -3.40 23.18 10.52
CA THR B 417 -4.33 24.14 9.97
C THR B 417 -4.16 25.49 10.67
N PRO B 418 -4.43 26.62 10.03
CA PRO B 418 -4.16 27.89 10.68
C PRO B 418 -5.07 28.17 11.88
N VAL B 419 -6.25 27.56 11.95
CA VAL B 419 -7.16 27.86 13.05
C VAL B 419 -6.67 27.35 14.38
N PHE B 420 -5.78 26.35 14.40
CA PHE B 420 -5.23 25.86 15.66
C PHE B 420 -4.53 26.98 16.40
N HIS B 421 -3.83 27.85 15.68
CA HIS B 421 -2.95 28.86 16.27
C HIS B 421 -3.67 30.15 16.53
N GLN B 422 -4.99 30.17 16.36
CA GLN B 422 -5.83 31.34 16.55
C GLN B 422 -6.64 31.18 17.83
N GLU B 423 -6.43 32.09 18.77
CA GLU B 423 -7.30 32.17 19.93
C GLU B 423 -8.69 32.61 19.49
N MET B 424 -9.71 32.10 20.17
CA MET B 424 -11.10 32.42 19.80
C MET B 424 -11.94 32.70 21.04
N VAL B 425 -12.95 33.56 20.86
CA VAL B 425 -13.93 33.91 21.88
C VAL B 425 -15.25 33.29 21.50
N ASN B 426 -15.82 32.49 22.40
CA ASN B 426 -17.07 31.78 22.15
C ASN B 426 -18.20 32.45 22.91
N TYR B 427 -19.29 32.77 22.21
CA TYR B 427 -20.44 33.36 22.85
C TYR B 427 -21.66 33.19 21.94
N PHE B 428 -22.83 33.50 22.50
CA PHE B 428 -24.12 33.33 21.84
C PHE B 428 -24.63 34.69 21.39
N LEU B 429 -24.84 34.84 20.08
CA LEU B 429 -25.58 35.96 19.52
C LEU B 429 -26.87 35.45 18.89
N SER B 430 -27.88 36.32 18.86
CA SER B 430 -29.13 36.04 18.16
C SER B 430 -29.30 36.98 16.97
N PRO B 431 -29.91 36.53 15.85
CA PRO B 431 -30.53 35.24 15.52
C PRO B 431 -29.58 34.03 15.59
N ALA B 432 -30.15 32.85 15.82
CA ALA B 432 -29.30 31.72 16.17
C ALA B 432 -29.98 30.41 15.81
N PHE B 433 -29.14 29.39 15.53
CA PHE B 433 -29.58 28.01 15.53
C PHE B 433 -29.29 27.43 16.90
N ARG B 434 -30.31 26.86 17.53
CA ARG B 434 -30.25 26.31 18.88
C ARG B 434 -30.51 24.82 18.81
N TYR B 435 -29.99 24.07 19.78
CA TYR B 435 -30.45 22.69 19.89
C TYR B 435 -31.81 22.63 20.57
N GLN B 436 -32.52 21.53 20.37
CA GLN B 436 -33.80 21.33 21.02
C GLN B 436 -33.94 19.85 21.33
N PRO B 437 -34.76 19.49 22.31
CA PRO B 437 -34.90 18.06 22.62
C PRO B 437 -35.58 17.33 21.47
N ASP B 438 -35.26 16.06 21.34
CA ASP B 438 -35.93 15.21 20.38
C ASP B 438 -37.42 15.15 20.72
N PRO B 439 -38.30 15.16 19.71
CA PRO B 439 -39.74 15.24 20.01
C PRO B 439 -40.32 14.00 20.66
N TRP B 440 -39.55 12.94 20.87
CA TRP B 440 -40.08 11.73 21.49
C TRP B 440 -39.53 11.49 22.89
N LYS C 27 19.91 -35.39 -40.59
CA LYS C 27 19.73 -34.64 -39.35
C LYS C 27 18.27 -34.21 -39.22
N PHE C 28 17.45 -35.12 -38.73
CA PHE C 28 16.09 -34.80 -38.37
C PHE C 28 15.97 -34.86 -36.85
N PRO C 29 15.69 -33.73 -36.20
CA PRO C 29 15.64 -33.71 -34.74
C PRO C 29 14.69 -34.76 -34.18
N ARG C 30 15.19 -35.52 -33.19
CA ARG C 30 14.38 -36.43 -32.40
C ARG C 30 13.69 -35.65 -31.29
N VAL C 31 12.37 -35.80 -31.19
CA VAL C 31 11.56 -35.03 -30.25
C VAL C 31 10.81 -36.02 -29.36
N LYS C 32 10.94 -35.85 -28.05
CA LYS C 32 10.36 -36.77 -27.09
C LYS C 32 9.23 -36.11 -26.30
N ASN C 33 8.18 -36.87 -26.02
CA ASN C 33 7.19 -36.50 -25.03
C ASN C 33 7.48 -37.33 -23.78
N TRP C 34 7.69 -36.64 -22.66
CA TRP C 34 8.20 -37.25 -21.44
C TRP C 34 7.10 -37.84 -20.57
N GLU C 35 5.85 -37.43 -20.80
CA GLU C 35 4.71 -38.00 -20.09
C GLU C 35 4.34 -39.38 -20.64
N VAL C 36 4.47 -39.56 -21.96
CA VAL C 36 4.07 -40.79 -22.63
C VAL C 36 5.30 -41.60 -22.99
N GLY C 37 6.43 -40.92 -23.19
CA GLY C 37 7.63 -41.57 -23.67
C GLY C 37 7.68 -41.78 -25.17
N SER C 38 6.75 -41.19 -25.91
CA SER C 38 6.71 -41.38 -27.35
C SER C 38 7.74 -40.48 -28.04
N ILE C 39 8.16 -40.92 -29.23
CA ILE C 39 9.19 -40.26 -30.02
C ILE C 39 8.64 -39.96 -31.41
N THR C 40 8.88 -38.74 -31.90
CA THR C 40 8.72 -38.42 -33.32
C THR C 40 10.00 -37.74 -33.83
N TYR C 41 10.06 -37.53 -35.15
CA TYR C 41 11.17 -36.83 -35.78
C TYR C 41 10.62 -35.67 -36.59
N ASP C 42 11.14 -34.46 -36.37
CA ASP C 42 10.66 -33.28 -37.07
C ASP C 42 11.42 -33.13 -38.38
N THR C 43 10.82 -33.65 -39.46
CA THR C 43 11.42 -33.51 -40.77
C THR C 43 11.06 -32.20 -41.46
N LEU C 44 9.98 -31.54 -41.03
CA LEU C 44 9.59 -30.25 -41.60
C LEU C 44 10.57 -29.13 -41.27
N SER C 45 11.32 -29.23 -40.16
CA SER C 45 12.36 -28.25 -39.87
C SER C 45 13.44 -28.19 -40.93
N ALA C 46 13.55 -29.23 -41.77
CA ALA C 46 14.54 -29.20 -42.85
C ALA C 46 14.20 -28.13 -43.88
N GLN C 47 12.91 -27.86 -44.07
CA GLN C 47 12.41 -26.89 -45.03
C GLN C 47 12.35 -25.46 -44.45
N ALA C 48 12.91 -25.23 -43.27
CA ALA C 48 12.82 -23.90 -42.67
C ALA C 48 13.53 -22.88 -43.55
N GLN C 49 12.81 -21.83 -43.92
CA GLN C 49 13.34 -20.85 -44.86
C GLN C 49 14.33 -19.91 -44.19
N GLN C 50 13.85 -18.73 -43.76
CA GLN C 50 14.72 -17.74 -43.15
C GLN C 50 15.22 -18.25 -41.80
N ASP C 51 16.30 -17.63 -41.33
CA ASP C 51 17.07 -18.15 -40.21
C ASP C 51 16.73 -17.42 -38.91
N GLY C 52 16.75 -18.18 -37.81
CA GLY C 52 16.44 -17.65 -36.49
C GLY C 52 17.67 -17.21 -35.73
N PRO C 53 17.51 -16.95 -34.43
CA PRO C 53 18.54 -16.24 -33.67
C PRO C 53 19.59 -17.10 -33.00
N CYS C 54 19.42 -18.42 -32.98
CA CYS C 54 20.30 -19.28 -32.22
C CYS C 54 21.48 -19.70 -33.06
N THR C 55 22.60 -19.97 -32.40
CA THR C 55 23.77 -20.58 -33.02
C THR C 55 24.20 -21.77 -32.18
N PRO C 56 25.11 -22.59 -32.71
CA PRO C 56 25.70 -23.65 -31.87
C PRO C 56 26.37 -23.09 -30.63
N ARG C 57 26.78 -21.83 -30.65
CA ARG C 57 27.48 -21.27 -29.50
C ARG C 57 26.53 -20.89 -28.36
N ARG C 58 25.35 -20.37 -28.68
CA ARG C 58 24.42 -19.95 -27.63
C ARG C 58 23.00 -19.90 -28.19
N CYS C 59 22.05 -20.23 -27.32
CA CYS C 59 20.64 -20.29 -27.66
C CYS C 59 19.93 -19.01 -27.19
N LEU C 60 19.22 -18.37 -28.11
CA LEU C 60 18.45 -17.15 -27.86
C LEU C 60 16.95 -17.39 -27.97
N GLY C 61 16.51 -18.62 -27.65
CA GLY C 61 15.11 -18.96 -27.81
C GLY C 61 14.18 -18.14 -26.92
N SER C 62 14.67 -17.70 -25.76
CA SER C 62 13.86 -16.96 -24.80
C SER C 62 13.68 -15.47 -25.14
N LEU C 63 14.30 -14.96 -26.20
CA LEU C 63 14.13 -13.55 -26.54
C LEU C 63 12.79 -13.33 -27.23
N VAL C 64 12.13 -12.23 -26.89
CA VAL C 64 10.82 -11.93 -27.48
C VAL C 64 10.97 -11.46 -28.93
N PHE C 65 11.78 -10.43 -29.16
CA PHE C 65 12.11 -9.99 -30.51
C PHE C 65 13.56 -10.34 -30.81
N PRO C 66 13.83 -11.50 -31.44
CA PRO C 66 15.14 -12.11 -31.69
C PRO C 66 16.26 -11.12 -32.06
N ALA C 79 15.72 -5.34 -55.74
CA ALA C 79 15.71 -6.80 -55.86
C ALA C 79 14.42 -7.32 -56.48
N PRO C 80 14.31 -7.24 -57.81
CA PRO C 80 13.24 -7.99 -58.49
C PRO C 80 13.50 -9.48 -58.52
N GLU C 81 14.77 -9.90 -58.53
CA GLU C 81 15.09 -11.33 -58.54
C GLU C 81 14.80 -12.00 -57.21
N GLN C 82 15.01 -11.28 -56.10
CA GLN C 82 14.68 -11.86 -54.79
C GLN C 82 13.18 -12.08 -54.64
N LEU C 83 12.37 -11.16 -55.18
CA LEU C 83 10.92 -11.29 -55.05
C LEU C 83 10.41 -12.51 -55.81
N LEU C 84 11.06 -12.88 -56.91
CA LEU C 84 10.61 -13.99 -57.74
C LEU C 84 10.76 -15.32 -57.03
N SER C 85 11.92 -15.55 -56.42
CA SER C 85 12.21 -16.84 -55.82
C SER C 85 11.22 -17.17 -54.72
N GLN C 86 10.95 -16.21 -53.82
CA GLN C 86 9.93 -16.38 -52.79
C GLN C 86 8.56 -16.61 -53.41
N ALA C 87 8.20 -15.76 -54.39
CA ALA C 87 6.92 -15.90 -55.07
C ALA C 87 6.78 -17.27 -55.72
N ARG C 88 7.81 -17.69 -56.46
CA ARG C 88 7.84 -19.01 -57.05
C ARG C 88 7.50 -20.09 -56.02
N ASP C 89 8.26 -20.12 -54.92
CA ASP C 89 8.11 -21.25 -54.00
C ASP C 89 6.77 -21.26 -53.28
N PHE C 90 6.12 -20.11 -53.15
CA PHE C 90 4.76 -20.12 -52.61
C PHE C 90 3.80 -20.80 -53.58
N ILE C 91 3.96 -20.54 -54.89
CA ILE C 91 3.03 -21.07 -55.88
C ILE C 91 3.06 -22.59 -55.87
N ASN C 92 4.26 -23.17 -55.76
CA ASN C 92 4.39 -24.62 -55.71
C ASN C 92 3.75 -25.19 -54.46
N GLN C 93 3.96 -24.52 -53.31
CA GLN C 93 3.24 -24.88 -52.10
C GLN C 93 1.73 -24.92 -52.36
N TYR C 94 1.19 -23.82 -52.90
CA TYR C 94 -0.24 -23.72 -53.15
C TYR C 94 -0.72 -24.87 -54.03
N TYR C 95 -0.02 -25.12 -55.15
CA TYR C 95 -0.51 -26.12 -56.09
C TYR C 95 -0.31 -27.55 -55.59
N SER C 96 0.73 -27.80 -54.79
CA SER C 96 0.84 -29.08 -54.12
C SER C 96 -0.28 -29.27 -53.10
N SER C 97 -0.66 -28.19 -52.42
CA SER C 97 -1.75 -28.23 -51.44
C SER C 97 -3.10 -28.53 -52.07
N ILE C 98 -3.27 -28.27 -53.36
CA ILE C 98 -4.54 -28.54 -54.01
C ILE C 98 -4.42 -29.73 -54.97
N LYS C 99 -3.37 -30.55 -54.83
CA LYS C 99 -3.14 -31.73 -55.65
C LYS C 99 -3.07 -31.42 -57.13
N ARG C 100 -2.71 -30.18 -57.48
CA ARG C 100 -2.58 -29.73 -58.85
C ARG C 100 -1.11 -29.43 -59.18
N SER C 101 -0.22 -30.23 -58.61
CA SER C 101 1.21 -29.93 -58.68
C SER C 101 1.76 -30.25 -60.07
N GLY C 102 2.51 -29.30 -60.64
CA GLY C 102 3.13 -29.47 -61.93
C GLY C 102 2.17 -29.43 -63.11
N SER C 103 0.86 -29.35 -62.88
CA SER C 103 -0.14 -29.31 -63.93
C SER C 103 0.06 -28.11 -64.86
N GLN C 104 -0.86 -27.94 -65.81
CA GLN C 104 -0.76 -26.79 -66.70
C GLN C 104 -1.22 -25.51 -66.00
N ALA C 105 -2.16 -25.62 -65.05
CA ALA C 105 -2.54 -24.44 -64.26
C ALA C 105 -1.37 -23.92 -63.44
N HIS C 106 -0.49 -24.81 -62.98
CA HIS C 106 0.74 -24.38 -62.31
C HIS C 106 1.50 -23.36 -63.16
N GLU C 107 1.58 -23.61 -64.47
CA GLU C 107 2.52 -22.89 -65.32
C GLU C 107 2.05 -21.47 -65.67
N GLN C 108 0.74 -21.29 -65.92
CA GLN C 108 0.25 -19.95 -66.24
C GLN C 108 0.45 -18.98 -65.09
N ARG C 109 0.20 -19.47 -63.86
CA ARG C 109 0.41 -18.65 -62.67
C ARG C 109 1.89 -18.30 -62.50
N LEU C 110 2.79 -19.21 -62.84
CA LEU C 110 4.21 -18.91 -62.77
C LEU C 110 4.60 -17.80 -63.74
N GLN C 111 4.23 -17.96 -65.03
CA GLN C 111 4.57 -16.97 -66.04
C GLN C 111 3.88 -15.63 -65.79
N GLU C 112 2.65 -15.67 -65.27
CA GLU C 112 1.93 -14.43 -65.00
C GLU C 112 2.64 -13.59 -63.94
N VAL C 113 3.16 -14.24 -62.89
CA VAL C 113 3.86 -13.51 -61.83
C VAL C 113 5.12 -12.84 -62.39
N GLU C 114 5.88 -13.58 -63.18
CA GLU C 114 7.09 -13.04 -63.80
C GLU C 114 6.82 -11.75 -64.57
N ALA C 115 5.90 -11.80 -65.54
CA ALA C 115 5.65 -10.63 -66.38
C ALA C 115 5.12 -9.45 -65.58
N GLU C 116 4.37 -9.71 -64.50
CA GLU C 116 3.80 -8.62 -63.71
C GLU C 116 4.86 -7.92 -62.88
N VAL C 117 5.78 -8.67 -62.30
CA VAL C 117 6.88 -8.06 -61.58
C VAL C 117 7.86 -7.41 -62.56
N ALA C 118 7.92 -7.91 -63.79
CA ALA C 118 8.70 -7.23 -64.83
C ALA C 118 8.07 -5.89 -65.18
N ALA C 119 6.73 -5.82 -65.14
CA ALA C 119 6.02 -4.59 -65.49
C ALA C 119 6.01 -3.57 -64.36
N THR C 120 5.58 -3.97 -63.17
CA THR C 120 5.39 -3.01 -62.08
C THR C 120 6.36 -3.18 -60.92
N GLY C 121 7.09 -4.29 -60.83
CA GLY C 121 8.03 -4.54 -59.76
C GLY C 121 7.50 -5.47 -58.69
N THR C 122 6.20 -5.46 -58.44
CA THR C 122 5.52 -6.33 -57.49
C THR C 122 4.50 -7.15 -58.29
N TYR C 123 3.60 -7.84 -57.58
CA TYR C 123 2.54 -8.57 -58.30
C TYR C 123 1.34 -8.76 -57.38
N GLN C 124 0.22 -9.11 -58.02
CA GLN C 124 -1.05 -9.36 -57.33
C GLN C 124 -1.24 -10.85 -57.11
N LEU C 125 -1.77 -11.19 -55.93
CA LEU C 125 -2.18 -12.57 -55.62
C LEU C 125 -3.62 -12.80 -56.05
N ARG C 126 -3.89 -14.00 -56.59
CA ARG C 126 -5.27 -14.44 -56.77
C ARG C 126 -5.97 -14.52 -55.42
N GLU C 127 -7.28 -14.27 -55.44
CA GLU C 127 -8.06 -14.20 -54.20
C GLU C 127 -7.87 -15.44 -53.34
N SER C 128 -7.83 -16.61 -53.97
CA SER C 128 -7.74 -17.86 -53.23
C SER C 128 -6.31 -18.12 -52.75
N GLU C 129 -5.31 -17.79 -53.57
CA GLU C 129 -3.93 -17.78 -53.10
C GLU C 129 -3.80 -16.95 -51.84
N LEU C 130 -4.51 -15.82 -51.79
CA LEU C 130 -4.49 -14.96 -50.61
C LEU C 130 -5.14 -15.64 -49.42
N VAL C 131 -6.18 -16.44 -49.64
CA VAL C 131 -6.79 -17.16 -48.52
C VAL C 131 -5.89 -18.29 -48.05
N PHE C 132 -5.33 -19.07 -48.98
CA PHE C 132 -4.38 -20.12 -48.60
C PHE C 132 -3.20 -19.55 -47.84
N GLY C 133 -2.70 -18.38 -48.27
CA GLY C 133 -1.51 -17.81 -47.65
C GLY C 133 -1.78 -17.24 -46.26
N ALA C 134 -2.95 -16.64 -46.06
CA ALA C 134 -3.31 -16.17 -44.72
C ALA C 134 -3.46 -17.33 -43.75
N LYS C 135 -4.14 -18.41 -44.16
CA LYS C 135 -4.30 -19.56 -43.28
C LYS C 135 -2.97 -20.25 -43.00
N GLN C 136 -2.07 -20.29 -44.00
CA GLN C 136 -0.77 -20.90 -43.79
C GLN C 136 0.09 -20.06 -42.86
N ALA C 137 -0.03 -18.74 -42.93
CA ALA C 137 0.79 -17.91 -42.03
C ALA C 137 0.37 -18.10 -40.58
N TRP C 138 -0.93 -18.33 -40.33
CA TRP C 138 -1.40 -18.68 -38.99
C TRP C 138 -0.87 -20.06 -38.59
N ARG C 139 -1.12 -21.08 -39.41
CA ARG C 139 -0.65 -22.44 -39.18
C ARG C 139 0.86 -22.50 -38.92
N ASN C 140 1.62 -21.55 -39.45
CA ASN C 140 3.07 -21.59 -39.30
C ASN C 140 3.57 -20.81 -38.09
N ALA C 141 2.70 -20.14 -37.38
CA ALA C 141 3.10 -19.23 -36.33
C ALA C 141 3.52 -20.00 -35.08
N PRO C 142 4.80 -19.97 -34.69
CA PRO C 142 5.26 -20.87 -33.62
C PRO C 142 4.72 -20.53 -32.26
N ARG C 143 4.35 -19.28 -31.99
CA ARG C 143 3.96 -18.93 -30.64
C ARG C 143 2.45 -19.02 -30.41
N CYS C 144 1.65 -19.45 -31.40
CA CYS C 144 0.19 -19.51 -31.25
C CYS C 144 -0.24 -20.89 -30.80
N VAL C 145 -0.80 -20.98 -29.60
CA VAL C 145 -1.34 -22.24 -29.10
C VAL C 145 -2.69 -22.57 -29.71
N GLY C 146 -3.30 -21.66 -30.45
CA GLY C 146 -4.66 -21.90 -30.87
C GLY C 146 -4.78 -22.49 -32.26
N ARG C 147 -3.74 -23.17 -32.74
CA ARG C 147 -3.66 -23.48 -34.17
C ARG C 147 -4.46 -24.70 -34.58
N ILE C 148 -5.04 -25.46 -33.64
CA ILE C 148 -6.01 -26.47 -34.05
C ILE C 148 -7.06 -25.86 -34.99
N GLN C 149 -7.30 -24.56 -34.89
CA GLN C 149 -8.35 -23.84 -35.61
C GLN C 149 -7.92 -23.31 -36.97
N TRP C 150 -6.70 -23.62 -37.44
CA TRP C 150 -6.09 -22.81 -38.50
C TRP C 150 -6.85 -22.89 -39.82
N GLY C 151 -7.56 -23.98 -40.07
CA GLY C 151 -8.25 -24.07 -41.34
C GLY C 151 -9.56 -23.33 -41.41
N LYS C 152 -10.03 -22.84 -40.27
CA LYS C 152 -11.30 -22.15 -40.10
C LYS C 152 -10.98 -20.69 -39.84
N LEU C 153 -10.84 -19.92 -40.93
CA LEU C 153 -10.47 -18.50 -40.86
C LEU C 153 -11.20 -17.76 -41.95
N GLN C 154 -11.80 -16.61 -41.60
CA GLN C 154 -12.52 -15.77 -42.55
C GLN C 154 -11.59 -14.68 -43.04
N VAL C 155 -11.33 -14.66 -44.35
CA VAL C 155 -10.40 -13.71 -44.95
C VAL C 155 -11.21 -12.64 -45.66
N PHE C 156 -11.03 -11.39 -45.24
CA PHE C 156 -11.67 -10.25 -45.88
C PHE C 156 -10.62 -9.54 -46.73
N ASP C 157 -10.91 -9.40 -48.03
CA ASP C 157 -9.98 -8.79 -48.98
C ASP C 157 -10.26 -7.29 -49.02
N ALA C 158 -9.41 -6.51 -48.36
CA ALA C 158 -9.49 -5.05 -48.38
C ALA C 158 -8.45 -4.43 -49.28
N ARG C 159 -7.95 -5.17 -50.27
CA ARG C 159 -6.88 -4.67 -51.14
C ARG C 159 -7.35 -3.52 -52.04
N ASP C 160 -8.64 -3.19 -52.02
CA ASP C 160 -9.16 -2.04 -52.75
C ASP C 160 -9.25 -0.79 -51.89
N CYS C 161 -8.68 -0.82 -50.69
CA CYS C 161 -8.77 0.31 -49.79
C CYS C 161 -7.91 1.46 -50.28
N ARG C 162 -8.35 2.70 -50.00
CA ARG C 162 -7.58 3.85 -50.44
C ARG C 162 -7.70 5.08 -49.54
N SER C 163 -8.34 4.98 -48.37
CA SER C 163 -8.36 6.12 -47.46
C SER C 163 -8.49 5.62 -46.03
N ALA C 164 -8.15 6.51 -45.10
CA ALA C 164 -8.32 6.19 -43.68
C ALA C 164 -9.79 5.97 -43.33
N GLN C 165 -10.70 6.66 -44.02
CA GLN C 165 -12.11 6.45 -43.75
C GLN C 165 -12.57 5.09 -44.29
N GLU C 166 -12.07 4.70 -45.45
CA GLU C 166 -12.38 3.36 -45.97
C GLU C 166 -11.72 2.28 -45.13
N MET C 167 -10.50 2.53 -44.66
CA MET C 167 -9.85 1.61 -43.74
C MET C 167 -10.71 1.39 -42.51
N PHE C 168 -11.18 2.49 -41.90
CA PHE C 168 -12.02 2.41 -40.71
C PHE C 168 -13.31 1.64 -40.97
N THR C 169 -13.88 1.76 -42.17
CA THR C 169 -15.07 1.01 -42.51
C THR C 169 -14.79 -0.48 -42.64
N TYR C 170 -13.63 -0.82 -43.21
CA TYR C 170 -13.21 -2.23 -43.28
C TYR C 170 -12.96 -2.79 -41.88
N ILE C 171 -12.31 -2.03 -41.02
CA ILE C 171 -12.05 -2.50 -39.66
C ILE C 171 -13.36 -2.72 -38.93
N CYS C 172 -14.31 -1.80 -39.11
CA CYS C 172 -15.56 -1.88 -38.38
C CYS C 172 -16.38 -3.10 -38.77
N ASN C 173 -16.31 -3.50 -40.04
CA ASN C 173 -17.03 -4.72 -40.43
C ASN C 173 -16.29 -5.97 -39.99
N HIS C 174 -14.96 -5.94 -39.96
CA HIS C 174 -14.20 -7.01 -39.32
C HIS C 174 -14.67 -7.18 -37.88
N ILE C 175 -14.60 -6.10 -37.09
CA ILE C 175 -14.97 -6.17 -35.69
C ILE C 175 -16.38 -6.71 -35.55
N LYS C 176 -17.30 -6.18 -36.36
CA LYS C 176 -18.70 -6.62 -36.34
C LYS C 176 -18.82 -8.11 -36.64
N TYR C 177 -18.17 -8.56 -37.72
CA TYR C 177 -18.23 -9.98 -38.07
C TYR C 177 -17.58 -10.86 -37.00
N ALA C 178 -16.38 -10.48 -36.54
CA ALA C 178 -15.63 -11.36 -35.64
C ALA C 178 -16.29 -11.47 -34.27
N THR C 179 -16.89 -10.38 -33.80
CA THR C 179 -17.52 -10.38 -32.49
C THR C 179 -18.79 -11.23 -32.48
N ASN C 180 -19.71 -10.96 -33.41
CA ASN C 180 -20.84 -11.86 -33.64
C ASN C 180 -21.65 -12.07 -32.35
N ARG C 181 -21.78 -11.00 -31.57
CA ARG C 181 -22.58 -11.01 -30.33
C ARG C 181 -22.04 -12.01 -29.30
N GLY C 182 -20.72 -12.19 -29.25
CA GLY C 182 -20.09 -13.04 -28.27
C GLY C 182 -19.72 -14.42 -28.76
N ASN C 183 -20.28 -14.86 -29.88
CA ASN C 183 -19.90 -16.15 -30.46
C ASN C 183 -18.78 -15.89 -31.46
N LEU C 184 -17.55 -15.86 -30.96
CA LEU C 184 -16.43 -15.32 -31.72
C LEU C 184 -16.06 -16.22 -32.89
N ARG C 185 -15.68 -15.58 -34.01
CA ARG C 185 -15.27 -16.24 -35.25
C ARG C 185 -13.94 -15.65 -35.67
N SER C 186 -12.99 -16.51 -36.00
CA SER C 186 -11.68 -16.02 -36.43
C SER C 186 -11.80 -15.29 -37.77
N ALA C 187 -11.03 -14.21 -37.92
CA ALA C 187 -11.04 -13.43 -39.16
C ALA C 187 -9.71 -12.72 -39.34
N ILE C 188 -9.44 -12.31 -40.59
CA ILE C 188 -8.35 -11.42 -40.93
C ILE C 188 -8.79 -10.53 -42.09
N THR C 189 -8.34 -9.28 -42.09
CA THR C 189 -8.62 -8.32 -43.16
C THR C 189 -7.29 -7.85 -43.73
N VAL C 190 -7.11 -7.99 -45.03
CA VAL C 190 -5.83 -7.72 -45.70
C VAL C 190 -5.95 -6.46 -46.54
N PHE C 191 -5.22 -5.42 -46.15
CA PHE C 191 -5.17 -4.13 -46.81
C PHE C 191 -4.11 -4.13 -47.91
N PRO C 192 -4.01 -3.08 -48.73
CA PRO C 192 -3.05 -3.12 -49.84
C PRO C 192 -1.61 -3.40 -49.40
N GLN C 193 -0.94 -4.22 -50.20
CA GLN C 193 0.45 -4.57 -49.99
C GLN C 193 1.34 -3.33 -50.18
N ARG C 194 2.60 -3.48 -49.77
CA ARG C 194 3.58 -2.44 -50.00
C ARG C 194 4.17 -2.57 -51.39
N CYS C 195 4.65 -1.45 -51.92
CA CYS C 195 5.33 -1.41 -53.20
C CYS C 195 6.19 -0.15 -53.25
N PRO C 196 7.23 -0.13 -54.09
CA PRO C 196 8.22 0.95 -54.02
C PRO C 196 7.65 2.30 -54.46
N GLY C 197 8.26 3.36 -53.94
CA GLY C 197 7.83 4.71 -54.25
C GLY C 197 6.55 5.11 -53.54
N ARG C 198 5.67 4.13 -53.36
CA ARG C 198 4.42 4.29 -52.66
C ARG C 198 4.61 4.02 -51.17
N GLY C 199 3.79 4.64 -50.35
CA GLY C 199 3.87 4.42 -48.91
C GLY C 199 3.30 3.08 -48.49
N ASP C 200 2.86 3.01 -47.23
CA ASP C 200 2.24 1.80 -46.69
C ASP C 200 0.93 2.15 -46.00
N PHE C 201 0.07 1.15 -45.88
CA PHE C 201 -1.07 1.20 -44.98
C PHE C 201 -0.63 0.66 -43.62
N ARG C 202 -0.90 1.43 -42.56
CA ARG C 202 -0.48 1.04 -41.22
C ARG C 202 -1.59 1.37 -40.23
N ILE C 203 -1.98 0.38 -39.45
CA ILE C 203 -2.75 0.60 -38.23
C ILE C 203 -1.75 0.88 -37.12
N TRP C 204 -1.83 2.07 -36.53
CA TRP C 204 -0.84 2.44 -35.52
C TRP C 204 -1.08 1.71 -34.20
N ASN C 205 -2.35 1.57 -33.79
CA ASN C 205 -2.68 0.80 -32.60
C ASN C 205 -2.13 -0.62 -32.72
N SER C 206 -1.59 -1.14 -31.61
CA SER C 206 -1.14 -2.54 -31.61
C SER C 206 -2.30 -3.52 -31.67
N GLN C 207 -3.49 -3.11 -31.21
CA GLN C 207 -4.70 -3.92 -31.31
C GLN C 207 -5.87 -3.00 -31.62
N LEU C 208 -6.90 -3.57 -32.25
CA LEU C 208 -8.10 -2.80 -32.55
C LEU C 208 -8.75 -2.29 -31.28
N VAL C 209 -8.75 -3.09 -30.21
CA VAL C 209 -9.25 -2.69 -28.91
C VAL C 209 -8.08 -2.67 -27.94
N ARG C 210 -7.79 -1.48 -27.41
CA ARG C 210 -6.77 -1.28 -26.39
C ARG C 210 -7.29 -0.24 -25.39
N TYR C 211 -7.00 -0.46 -24.12
CA TYR C 211 -7.35 0.50 -23.08
C TYR C 211 -6.27 1.57 -22.94
N ALA C 212 -6.70 2.81 -22.76
CA ALA C 212 -5.76 3.91 -22.60
C ALA C 212 -4.90 3.75 -21.35
N GLY C 213 -3.69 4.30 -21.43
CA GLY C 213 -2.81 4.38 -20.28
C GLY C 213 -2.25 5.78 -20.14
N TYR C 214 -2.56 6.45 -19.04
CA TYR C 214 -2.22 7.85 -18.83
C TYR C 214 -1.14 7.98 -17.76
N ARG C 215 -0.18 8.86 -18.00
CA ARG C 215 0.86 9.13 -17.01
C ARG C 215 0.37 10.14 -15.98
N GLN C 216 0.71 9.90 -14.72
CA GLN C 216 0.31 10.76 -13.61
C GLN C 216 1.47 11.64 -13.17
N GLN C 217 1.14 12.67 -12.38
CA GLN C 217 2.15 13.46 -11.67
C GLN C 217 2.76 12.68 -10.52
N ASP C 218 2.32 11.45 -10.35
CA ASP C 218 2.91 10.44 -9.47
C ASP C 218 4.03 9.64 -10.15
N GLY C 219 4.20 9.81 -11.47
CA GLY C 219 5.03 8.92 -12.26
C GLY C 219 4.37 7.63 -12.66
N SER C 220 3.25 7.26 -12.02
CA SER C 220 2.55 6.02 -12.28
C SER C 220 1.74 6.12 -13.56
N VAL C 221 0.89 5.12 -13.80
CA VAL C 221 0.02 5.09 -14.98
C VAL C 221 -1.37 4.67 -14.54
N ARG C 222 -2.37 5.46 -14.91
CA ARG C 222 -3.77 5.07 -14.78
C ARG C 222 -4.19 4.41 -16.10
N GLY C 223 -4.68 3.18 -16.01
CA GLY C 223 -5.02 2.41 -17.19
C GLY C 223 -4.03 1.31 -17.48
N ASP C 224 -3.76 1.06 -18.76
CA ASP C 224 -2.86 0.00 -19.17
C ASP C 224 -1.48 0.59 -19.41
N PRO C 225 -0.47 0.22 -18.63
CA PRO C 225 0.88 0.75 -18.86
C PRO C 225 1.46 0.39 -20.23
N ALA C 226 0.99 -0.69 -20.86
CA ALA C 226 1.49 -1.06 -22.18
C ALA C 226 1.09 -0.07 -23.26
N ASN C 227 0.09 0.76 -23.01
CA ASN C 227 -0.46 1.65 -24.03
C ASN C 227 -0.21 3.12 -23.75
N VAL C 228 0.80 3.44 -22.92
CA VAL C 228 1.08 4.84 -22.61
C VAL C 228 1.53 5.57 -23.86
N GLU C 229 2.31 4.89 -24.72
CA GLU C 229 2.85 5.56 -25.90
C GLU C 229 1.76 5.89 -26.91
N ILE C 230 0.91 4.91 -27.24
CA ILE C 230 -0.16 5.16 -28.19
C ILE C 230 -1.20 6.11 -27.61
N THR C 231 -1.37 6.12 -26.28
CA THR C 231 -2.33 7.05 -25.68
C THR C 231 -1.89 8.50 -25.88
N GLU C 232 -0.58 8.77 -25.85
CA GLU C 232 -0.10 10.12 -26.13
C GLU C 232 -0.21 10.46 -27.61
N LEU C 233 -0.11 9.46 -28.49
CA LEU C 233 -0.20 9.73 -29.92
C LEU C 233 -1.63 10.07 -30.33
N CYS C 234 -2.60 9.27 -29.88
CA CYS C 234 -3.99 9.63 -30.07
C CYS C 234 -4.30 10.98 -29.44
N ILE C 235 -3.65 11.31 -28.32
CA ILE C 235 -3.91 12.59 -27.66
C ILE C 235 -3.45 13.75 -28.52
N GLN C 236 -2.25 13.64 -29.09
CA GLN C 236 -1.76 14.67 -30.00
C GLN C 236 -2.65 14.74 -31.23
N HIS C 237 -2.66 13.67 -32.02
CA HIS C 237 -3.39 13.64 -33.28
C HIS C 237 -4.91 13.65 -33.07
N GLY C 238 -5.41 14.54 -32.21
CA GLY C 238 -6.84 14.72 -32.11
C GLY C 238 -7.47 14.42 -30.76
N TRP C 239 -7.40 13.16 -30.33
CA TRP C 239 -8.27 12.66 -29.28
C TRP C 239 -8.12 13.47 -28.00
N THR C 240 -9.25 13.88 -27.46
CA THR C 240 -9.22 14.32 -26.07
C THR C 240 -9.51 13.12 -25.16
N PRO C 241 -8.79 13.00 -24.05
CA PRO C 241 -8.79 11.73 -23.31
C PRO C 241 -9.84 11.68 -22.20
N GLY C 242 -10.01 10.47 -21.66
CA GLY C 242 -10.80 10.24 -20.47
C GLY C 242 -9.93 10.15 -19.24
N ASN C 243 -10.49 9.55 -18.19
CA ASN C 243 -9.72 9.42 -16.94
C ASN C 243 -10.09 8.16 -16.16
N GLY C 244 -10.46 7.08 -16.86
CA GLY C 244 -10.76 5.82 -16.22
C GLY C 244 -9.65 4.82 -16.43
N ARG C 245 -9.76 3.68 -15.73
CA ARG C 245 -8.79 2.60 -15.90
C ARG C 245 -9.04 1.81 -17.16
N PHE C 246 -10.22 1.91 -17.77
CA PHE C 246 -10.56 1.10 -18.94
C PHE C 246 -11.22 1.95 -20.01
N ASP C 247 -10.60 3.07 -20.38
CA ASP C 247 -11.07 3.88 -21.52
C ASP C 247 -10.55 3.30 -22.84
N VAL C 248 -11.48 2.91 -23.72
CA VAL C 248 -11.10 2.32 -24.99
C VAL C 248 -10.50 3.37 -25.90
N LEU C 249 -9.34 3.07 -26.48
CA LEU C 249 -8.60 4.03 -27.28
C LEU C 249 -9.25 4.21 -28.66
N PRO C 250 -9.10 5.39 -29.24
CA PRO C 250 -9.45 5.55 -30.66
C PRO C 250 -8.46 4.81 -31.55
N LEU C 251 -8.79 4.76 -32.84
CA LEU C 251 -7.90 4.16 -33.83
C LEU C 251 -7.15 5.25 -34.56
N LEU C 252 -5.84 5.08 -34.69
CA LEU C 252 -4.97 5.94 -35.49
C LEU C 252 -4.57 5.15 -36.73
N LEU C 253 -5.34 5.33 -37.81
CA LEU C 253 -5.11 4.63 -39.06
C LEU C 253 -4.38 5.53 -40.04
N GLN C 254 -3.53 4.92 -40.86
CA GLN C 254 -2.67 5.65 -41.77
C GLN C 254 -2.72 5.01 -43.15
N ALA C 255 -3.19 5.78 -44.12
CA ALA C 255 -3.16 5.53 -45.55
C ALA C 255 -1.87 6.09 -46.13
N PRO C 256 -1.38 5.51 -47.22
CA PRO C 256 -0.01 5.81 -47.69
C PRO C 256 0.25 7.30 -47.90
N ASP C 257 1.38 7.76 -47.35
CA ASP C 257 1.97 9.07 -47.60
C ASP C 257 1.09 10.21 -47.11
N GLU C 258 0.14 9.92 -46.22
CA GLU C 258 -0.64 10.94 -45.53
C GLU C 258 -0.53 10.71 -44.03
N PRO C 259 -0.36 11.77 -43.24
CA PRO C 259 -0.39 11.62 -41.78
C PRO C 259 -1.65 10.90 -41.32
N PRO C 260 -1.57 10.13 -40.24
CA PRO C 260 -2.70 9.29 -39.84
C PRO C 260 -3.84 10.13 -39.28
N GLU C 261 -5.05 9.56 -39.34
CA GLU C 261 -6.25 10.24 -38.90
C GLU C 261 -6.94 9.43 -37.79
N LEU C 262 -7.64 10.15 -36.92
CA LEU C 262 -8.18 9.61 -35.68
C LEU C 262 -9.64 9.22 -35.87
N PHE C 263 -9.99 8.00 -35.45
CA PHE C 263 -11.36 7.49 -35.57
C PHE C 263 -11.79 6.88 -34.25
N LEU C 264 -13.00 7.22 -33.80
CA LEU C 264 -13.58 6.67 -32.58
C LEU C 264 -14.37 5.40 -32.91
N LEU C 265 -14.25 4.40 -32.04
CA LEU C 265 -14.97 3.15 -32.24
C LEU C 265 -16.39 3.26 -31.69
N PRO C 266 -17.41 2.94 -32.47
CA PRO C 266 -18.79 2.99 -31.97
C PRO C 266 -18.94 2.09 -30.76
N PRO C 267 -19.33 2.65 -29.61
CA PRO C 267 -19.26 1.88 -28.35
C PRO C 267 -20.04 0.57 -28.37
N GLU C 268 -21.11 0.47 -29.17
CA GLU C 268 -21.82 -0.79 -29.33
C GLU C 268 -21.08 -1.76 -30.25
N LEU C 269 -20.01 -1.32 -30.92
CA LEU C 269 -19.18 -2.27 -31.67
C LEU C 269 -18.29 -3.07 -30.74
N VAL C 270 -17.85 -2.47 -29.62
CA VAL C 270 -16.78 -3.00 -28.79
C VAL C 270 -17.42 -3.77 -27.65
N LEU C 271 -17.43 -5.10 -27.75
CA LEU C 271 -18.05 -5.93 -26.73
C LEU C 271 -17.10 -6.08 -25.54
N GLU C 272 -17.58 -5.74 -24.35
CA GLU C 272 -16.80 -5.81 -23.13
C GLU C 272 -17.50 -6.68 -22.11
N VAL C 273 -16.69 -7.27 -21.23
CA VAL C 273 -17.14 -8.25 -20.25
C VAL C 273 -16.75 -7.77 -18.86
N PRO C 274 -17.70 -7.30 -18.05
CA PRO C 274 -17.35 -6.93 -16.67
C PRO C 274 -17.01 -8.17 -15.87
N LEU C 275 -16.03 -8.05 -14.98
CA LEU C 275 -15.48 -9.23 -14.31
C LEU C 275 -16.06 -9.36 -12.91
N GLU C 276 -16.62 -10.54 -12.63
CA GLU C 276 -17.10 -10.91 -11.31
C GLU C 276 -16.66 -12.34 -11.04
N HIS C 277 -16.76 -12.72 -9.79
CA HIS C 277 -16.33 -14.02 -9.34
C HIS C 277 -17.53 -14.86 -8.95
N PRO C 278 -17.53 -16.17 -9.25
CA PRO C 278 -18.70 -16.99 -8.92
C PRO C 278 -19.08 -17.02 -7.45
N THR C 279 -18.11 -16.88 -6.53
CA THR C 279 -18.40 -16.99 -5.10
C THR C 279 -17.85 -15.86 -4.25
N LEU C 280 -16.89 -15.06 -4.74
CA LEU C 280 -16.31 -13.95 -3.98
C LEU C 280 -17.09 -12.70 -4.38
N GLU C 281 -18.08 -12.34 -3.54
CA GLU C 281 -19.04 -11.30 -3.94
C GLU C 281 -18.36 -9.95 -4.13
N TRP C 282 -17.25 -9.68 -3.43
CA TRP C 282 -16.60 -8.39 -3.54
C TRP C 282 -15.79 -8.21 -4.83
N PHE C 283 -15.62 -9.26 -5.63
CA PHE C 283 -14.75 -9.13 -6.80
C PHE C 283 -15.33 -8.13 -7.80
N ALA C 284 -16.64 -8.18 -8.02
CA ALA C 284 -17.28 -7.22 -8.91
C ALA C 284 -16.97 -5.79 -8.53
N ALA C 285 -16.88 -5.49 -7.23
CA ALA C 285 -16.67 -4.12 -6.78
C ALA C 285 -15.30 -3.58 -7.17
N LEU C 286 -14.36 -4.45 -7.54
CA LEU C 286 -13.07 -3.95 -7.99
C LEU C 286 -13.19 -3.17 -9.30
N GLY C 287 -14.25 -3.41 -10.06
CA GLY C 287 -14.48 -2.68 -11.29
C GLY C 287 -13.65 -3.15 -12.47
N LEU C 288 -13.15 -4.38 -12.42
CA LEU C 288 -12.33 -4.90 -13.50
C LEU C 288 -13.20 -5.30 -14.69
N ARG C 289 -12.65 -5.12 -15.88
CA ARG C 289 -13.33 -5.44 -17.13
C ARG C 289 -12.29 -5.93 -18.11
N TRP C 290 -12.74 -6.60 -19.17
CA TRP C 290 -11.89 -6.77 -20.34
C TRP C 290 -12.77 -6.87 -21.57
N TYR C 291 -12.16 -6.75 -22.74
CA TYR C 291 -12.89 -6.75 -23.99
C TYR C 291 -12.92 -8.15 -24.59
N ALA C 292 -13.89 -8.37 -25.50
CA ALA C 292 -14.14 -9.69 -26.07
C ALA C 292 -13.08 -10.10 -27.10
N LEU C 293 -12.63 -9.16 -27.92
CA LEU C 293 -11.99 -9.52 -29.18
C LEU C 293 -10.48 -9.29 -29.14
N PRO C 294 -9.65 -10.34 -29.11
CA PRO C 294 -8.21 -10.16 -29.33
C PRO C 294 -7.93 -10.01 -30.82
N ALA C 295 -7.55 -8.80 -31.24
CA ALA C 295 -7.44 -8.46 -32.66
C ALA C 295 -6.11 -7.74 -32.87
N VAL C 296 -5.12 -8.50 -33.35
CA VAL C 296 -3.75 -8.02 -33.50
C VAL C 296 -3.64 -7.21 -34.78
N SER C 297 -3.14 -5.97 -34.67
CA SER C 297 -3.16 -5.00 -35.76
C SER C 297 -1.79 -4.36 -36.02
N ASN C 298 -0.70 -4.93 -35.50
CA ASN C 298 0.62 -4.34 -35.70
C ASN C 298 1.63 -5.34 -36.29
N MET C 299 1.16 -6.45 -36.85
CA MET C 299 2.04 -7.44 -37.46
C MET C 299 1.94 -7.40 -38.98
N LEU C 300 3.02 -7.79 -39.63
CA LEU C 300 3.11 -7.83 -41.07
C LEU C 300 2.85 -9.25 -41.56
N LEU C 301 2.04 -9.36 -42.60
CA LEU C 301 1.75 -10.63 -43.23
C LEU C 301 2.62 -10.75 -44.48
N GLU C 302 3.30 -11.88 -44.63
CA GLU C 302 4.21 -12.11 -45.74
C GLU C 302 3.75 -13.35 -46.49
N ILE C 303 3.50 -13.19 -47.80
CA ILE C 303 3.01 -14.27 -48.66
C ILE C 303 3.79 -14.21 -49.97
N GLY C 304 4.60 -15.24 -50.23
CA GLY C 304 5.37 -15.31 -51.47
C GLY C 304 6.14 -14.05 -51.78
N GLY C 305 6.95 -13.57 -50.85
CA GLY C 305 7.70 -12.35 -51.03
C GLY C 305 6.89 -11.08 -50.88
N LEU C 306 5.57 -11.13 -51.05
CA LEU C 306 4.73 -9.97 -50.82
C LEU C 306 4.55 -9.73 -49.33
N GLU C 307 4.43 -8.46 -48.96
CA GLU C 307 4.39 -8.05 -47.56
C GLU C 307 3.23 -7.09 -47.36
N PHE C 308 2.32 -7.42 -46.45
CA PHE C 308 1.15 -6.61 -46.16
C PHE C 308 1.29 -5.98 -44.78
N PRO C 309 1.71 -4.71 -44.68
CA PRO C 309 1.99 -4.14 -43.36
C PRO C 309 0.74 -3.90 -42.51
N ALA C 310 -0.44 -3.92 -43.11
CA ALA C 310 -1.69 -3.85 -42.36
C ALA C 310 -2.55 -5.04 -42.75
N ALA C 311 -2.67 -6.01 -41.84
CA ALA C 311 -3.56 -7.15 -42.02
C ALA C 311 -4.02 -7.61 -40.64
N PRO C 312 -4.93 -6.87 -40.02
CA PRO C 312 -5.38 -7.24 -38.68
C PRO C 312 -6.06 -8.59 -38.69
N PHE C 313 -5.83 -9.37 -37.62
CA PHE C 313 -6.42 -10.69 -37.46
C PHE C 313 -6.91 -10.85 -36.03
N SER C 314 -7.87 -11.75 -35.84
CA SER C 314 -8.52 -11.89 -34.54
C SER C 314 -9.00 -13.32 -34.35
N GLY C 315 -9.07 -13.74 -33.09
CA GLY C 315 -9.59 -15.05 -32.75
C GLY C 315 -10.45 -14.89 -31.51
N TRP C 316 -10.28 -15.78 -30.54
CA TRP C 316 -10.82 -15.56 -29.19
C TRP C 316 -9.72 -15.78 -28.16
N TYR C 317 -10.02 -15.36 -26.93
CA TYR C 317 -9.02 -15.32 -25.88
C TYR C 317 -8.87 -16.67 -25.19
N MET C 318 -7.63 -16.96 -24.78
CA MET C 318 -7.36 -17.97 -23.77
C MET C 318 -7.37 -17.25 -22.42
N SER C 319 -8.00 -17.86 -21.41
CA SER C 319 -8.28 -17.08 -20.21
C SER C 319 -7.01 -16.60 -19.52
N THR C 320 -5.88 -17.33 -19.62
CA THR C 320 -4.70 -16.87 -18.92
C THR C 320 -4.14 -15.59 -19.53
N GLU C 321 -4.45 -15.29 -20.79
CA GLU C 321 -3.96 -14.02 -21.34
C GLU C 321 -4.55 -12.85 -20.57
N ILE C 322 -5.83 -12.95 -20.20
CA ILE C 322 -6.48 -11.86 -19.48
C ILE C 322 -6.18 -11.95 -17.99
N GLY C 323 -6.44 -13.12 -17.40
CA GLY C 323 -6.39 -13.22 -15.95
C GLY C 323 -4.98 -13.16 -15.40
N THR C 324 -4.03 -13.78 -16.07
CA THR C 324 -2.65 -13.82 -15.56
C THR C 324 -1.79 -12.70 -16.14
N ARG C 325 -1.72 -12.60 -17.47
CA ARG C 325 -0.77 -11.66 -18.08
C ARG C 325 -1.28 -10.22 -18.03
N ASN C 326 -2.48 -9.96 -18.57
CA ASN C 326 -2.93 -8.57 -18.68
C ASN C 326 -3.28 -7.98 -17.31
N LEU C 327 -3.87 -8.77 -16.41
CA LEU C 327 -4.26 -8.21 -15.12
C LEU C 327 -3.20 -8.39 -14.04
N CYS C 328 -2.34 -9.40 -14.13
CA CYS C 328 -1.39 -9.66 -13.04
C CYS C 328 0.08 -9.41 -13.37
N ASP C 329 0.47 -9.12 -14.61
CA ASP C 329 1.87 -8.82 -14.86
C ASP C 329 2.28 -7.58 -14.08
N PRO C 330 3.50 -7.53 -13.54
CA PRO C 330 3.91 -6.35 -12.75
C PRO C 330 3.93 -5.07 -13.54
N HIS C 331 4.07 -5.17 -14.85
CA HIS C 331 4.09 -4.01 -15.73
C HIS C 331 2.78 -3.84 -16.48
N ARG C 332 1.75 -4.59 -16.12
CA ARG C 332 0.43 -4.32 -16.68
C ARG C 332 -0.46 -3.77 -15.59
N TYR C 333 -1.70 -4.28 -15.46
CA TYR C 333 -2.57 -3.75 -14.41
C TYR C 333 -2.07 -4.10 -13.01
N ASN C 334 -1.36 -5.21 -12.85
CA ASN C 334 -0.64 -5.52 -11.62
C ASN C 334 -1.58 -5.56 -10.41
N ILE C 335 -2.68 -6.31 -10.53
CA ILE C 335 -3.74 -6.28 -9.51
C ILE C 335 -3.56 -7.37 -8.48
N LEU C 336 -2.46 -8.12 -8.55
CA LEU C 336 -2.36 -9.34 -7.75
C LEU C 336 -2.52 -9.07 -6.25
N GLU C 337 -1.85 -8.04 -5.74
CA GLU C 337 -1.88 -7.82 -4.30
C GLU C 337 -3.24 -7.30 -3.84
N ASP C 338 -3.91 -6.49 -4.67
CA ASP C 338 -5.25 -6.02 -4.35
C ASP C 338 -6.19 -7.18 -4.08
N VAL C 339 -6.20 -8.16 -4.98
CA VAL C 339 -7.04 -9.35 -4.83
C VAL C 339 -6.66 -10.13 -3.57
N ALA C 340 -5.36 -10.34 -3.35
CA ALA C 340 -4.91 -11.07 -2.15
C ALA C 340 -5.35 -10.38 -0.86
N VAL C 341 -5.26 -9.05 -0.83
CA VAL C 341 -5.74 -8.31 0.34
C VAL C 341 -7.23 -8.59 0.56
N CYS C 342 -8.01 -8.61 -0.52
CA CYS C 342 -9.44 -8.85 -0.37
C CYS C 342 -9.73 -10.28 0.04
N MET C 343 -8.92 -11.24 -0.42
CA MET C 343 -9.06 -12.62 0.02
C MET C 343 -8.52 -12.84 1.41
N ASP C 344 -8.04 -11.78 2.08
CA ASP C 344 -7.47 -11.87 3.42
C ASP C 344 -6.32 -12.87 3.48
N LEU C 345 -5.44 -12.83 2.50
CA LEU C 345 -4.28 -13.72 2.49
C LEU C 345 -3.13 -13.07 3.25
N ASP C 346 -2.25 -13.91 3.79
CA ASP C 346 -1.06 -13.43 4.47
C ASP C 346 -0.04 -13.03 3.41
N THR C 347 0.05 -11.73 3.10
CA THR C 347 1.01 -11.30 2.09
C THR C 347 2.36 -10.97 2.69
N ARG C 348 2.59 -11.30 3.96
CA ARG C 348 3.86 -10.97 4.61
C ARG C 348 4.99 -11.92 4.20
N THR C 349 4.66 -13.16 3.81
CA THR C 349 5.67 -14.14 3.42
C THR C 349 5.28 -14.79 2.10
N THR C 350 6.30 -15.09 1.27
CA THR C 350 6.05 -15.75 -0.01
C THR C 350 5.58 -17.18 0.16
N SER C 351 5.97 -17.85 1.25
CA SER C 351 5.67 -19.28 1.40
C SER C 351 4.21 -19.56 1.72
N SER C 352 3.40 -18.54 1.99
CA SER C 352 1.96 -18.77 2.05
C SER C 352 1.35 -18.97 0.67
N LEU C 353 2.10 -18.69 -0.40
CA LEU C 353 1.64 -18.83 -1.78
C LEU C 353 0.42 -17.96 -2.05
N TRP C 354 0.39 -16.78 -1.42
CA TRP C 354 -0.70 -15.84 -1.65
C TRP C 354 -0.73 -15.35 -3.10
N LYS C 355 0.42 -15.30 -3.77
CA LYS C 355 0.40 -14.87 -5.16
C LYS C 355 -0.27 -15.93 -6.03
N ASP C 356 -0.05 -17.20 -5.69
CA ASP C 356 -0.60 -18.28 -6.51
C ASP C 356 -2.10 -18.42 -6.29
N LYS C 357 -2.56 -18.24 -5.07
CA LYS C 357 -3.99 -18.38 -4.78
C LYS C 357 -4.80 -17.26 -5.42
N ALA C 358 -4.33 -16.02 -5.29
CA ALA C 358 -5.04 -14.91 -5.90
C ALA C 358 -5.06 -15.02 -7.42
N ALA C 359 -3.95 -15.48 -8.02
CA ALA C 359 -3.91 -15.59 -9.47
C ALA C 359 -4.93 -16.62 -9.96
N VAL C 360 -5.07 -17.74 -9.26
CA VAL C 360 -6.03 -18.75 -9.66
C VAL C 360 -7.46 -18.20 -9.56
N GLU C 361 -7.73 -17.36 -8.57
CA GLU C 361 -9.08 -16.84 -8.43
C GLU C 361 -9.39 -15.79 -9.47
N ILE C 362 -8.39 -15.01 -9.89
CA ILE C 362 -8.59 -14.05 -10.98
C ILE C 362 -8.93 -14.76 -12.27
N ASN C 363 -8.25 -15.87 -12.55
CA ASN C 363 -8.55 -16.64 -13.74
C ASN C 363 -9.90 -17.29 -13.65
N VAL C 364 -10.32 -17.71 -12.45
CA VAL C 364 -11.68 -18.22 -12.24
C VAL C 364 -12.70 -17.14 -12.59
N ALA C 365 -12.50 -15.94 -12.04
CA ALA C 365 -13.36 -14.81 -12.37
C ALA C 365 -13.45 -14.59 -13.87
N VAL C 366 -12.33 -14.68 -14.58
CA VAL C 366 -12.32 -14.41 -16.02
C VAL C 366 -13.18 -15.43 -16.76
N LEU C 367 -12.90 -16.71 -16.53
CA LEU C 367 -13.66 -17.78 -17.16
C LEU C 367 -15.15 -17.65 -16.84
N HIS C 368 -15.49 -17.45 -15.56
CA HIS C 368 -16.88 -17.38 -15.13
C HIS C 368 -17.60 -16.20 -15.78
N SER C 369 -16.94 -15.04 -15.79
CA SER C 369 -17.50 -13.81 -16.33
C SER C 369 -17.76 -13.89 -17.83
N TYR C 370 -16.80 -14.43 -18.59
CA TYR C 370 -17.00 -14.62 -20.02
C TYR C 370 -18.09 -15.65 -20.30
N GLN C 371 -18.08 -16.77 -19.58
CA GLN C 371 -19.10 -17.79 -19.79
C GLN C 371 -20.48 -17.24 -19.48
N LEU C 372 -20.58 -16.44 -18.42
CA LEU C 372 -21.88 -15.91 -18.04
C LEU C 372 -22.39 -14.93 -19.09
N ALA C 373 -21.47 -14.21 -19.72
CA ALA C 373 -21.81 -13.23 -20.75
C ALA C 373 -21.90 -13.83 -22.14
N LYS C 374 -21.70 -15.14 -22.29
CA LYS C 374 -21.82 -15.83 -23.57
C LYS C 374 -20.80 -15.31 -24.58
N VAL C 375 -19.59 -15.02 -24.10
CA VAL C 375 -18.48 -14.61 -24.94
C VAL C 375 -17.49 -15.74 -25.00
N THR C 376 -17.13 -16.15 -26.21
CA THR C 376 -16.21 -17.27 -26.39
C THR C 376 -14.91 -17.04 -25.64
N ILE C 377 -14.52 -18.02 -24.83
CA ILE C 377 -13.21 -18.04 -24.17
C ILE C 377 -12.80 -19.49 -23.98
N VAL C 378 -11.50 -19.74 -23.86
CA VAL C 378 -10.99 -21.09 -23.67
C VAL C 378 -10.01 -21.08 -22.49
N ASP C 379 -10.14 -22.06 -21.60
CA ASP C 379 -9.19 -22.15 -20.50
C ASP C 379 -7.89 -22.81 -20.96
N HIS C 380 -6.83 -22.65 -20.17
CA HIS C 380 -5.52 -23.10 -20.65
C HIS C 380 -5.37 -24.61 -20.66
N HIS C 381 -6.13 -25.35 -19.86
CA HIS C 381 -6.07 -26.81 -19.96
C HIS C 381 -6.65 -27.27 -21.29
N ALA C 382 -7.87 -26.81 -21.62
CA ALA C 382 -8.50 -27.23 -22.86
C ALA C 382 -7.67 -26.79 -24.06
N ALA C 383 -7.08 -25.59 -23.99
CA ALA C 383 -6.36 -25.07 -25.13
C ALA C 383 -5.06 -25.84 -25.38
N THR C 384 -4.31 -26.17 -24.31
CA THR C 384 -3.11 -26.98 -24.49
C THR C 384 -3.46 -28.40 -24.95
N ALA C 385 -4.58 -28.94 -24.49
CA ALA C 385 -4.99 -30.25 -24.97
C ALA C 385 -5.28 -30.23 -26.47
N SER C 386 -5.83 -29.12 -26.98
CA SER C 386 -6.09 -29.03 -28.41
CA SER C 386 -6.09 -29.03 -28.41
C SER C 386 -4.79 -28.85 -29.19
N PHE C 387 -3.82 -28.16 -28.62
CA PHE C 387 -2.56 -28.01 -29.31
C PHE C 387 -1.82 -29.34 -29.42
N MET C 388 -1.95 -30.20 -28.42
CA MET C 388 -1.38 -31.54 -28.55
C MET C 388 -2.02 -32.28 -29.73
N LYS C 389 -3.34 -32.15 -29.89
CA LYS C 389 -4.01 -32.75 -31.04
C LYS C 389 -3.52 -32.15 -32.33
N HIS C 390 -3.33 -30.83 -32.37
CA HIS C 390 -2.74 -30.19 -33.53
C HIS C 390 -1.35 -30.73 -33.84
N LEU C 391 -0.51 -30.94 -32.81
CA LEU C 391 0.83 -31.49 -33.04
C LEU C 391 0.75 -32.85 -33.73
N GLU C 392 -0.16 -33.71 -33.27
CA GLU C 392 -0.36 -35.01 -33.89
C GLU C 392 -0.85 -34.88 -35.34
N ASN C 393 -1.86 -34.02 -35.57
CA ASN C 393 -2.36 -33.83 -36.95
C ASN C 393 -1.25 -33.35 -37.87
N GLU C 394 -0.49 -32.35 -37.43
CA GLU C 394 0.56 -31.80 -38.27
C GLU C 394 1.70 -32.77 -38.45
N GLN C 395 1.93 -33.67 -37.49
CA GLN C 395 2.98 -34.67 -37.68
C GLN C 395 2.66 -35.56 -38.88
N LYS C 396 1.40 -35.97 -39.02
CA LYS C 396 0.97 -36.73 -40.19
C LYS C 396 0.86 -35.84 -41.43
N ALA C 397 0.31 -34.63 -41.27
CA ALA C 397 0.10 -33.75 -42.41
C ALA C 397 1.41 -33.32 -43.06
N ARG C 398 2.34 -32.75 -42.28
CA ARG C 398 3.52 -32.09 -42.80
C ARG C 398 4.83 -32.62 -42.26
N GLY C 399 4.81 -33.58 -41.33
CA GLY C 399 6.02 -34.12 -40.76
C GLY C 399 6.62 -33.29 -39.65
N GLY C 400 5.83 -32.48 -38.97
CA GLY C 400 6.33 -31.66 -37.88
C GLY C 400 5.50 -30.39 -37.77
N CYS C 401 5.87 -29.58 -36.80
CA CYS C 401 5.14 -28.36 -36.54
C CYS C 401 6.01 -27.40 -35.74
N PRO C 402 6.33 -26.21 -36.28
CA PRO C 402 7.15 -25.26 -35.52
C PRO C 402 6.42 -24.74 -34.30
N ALA C 403 7.08 -24.85 -33.16
CA ALA C 403 6.45 -24.50 -31.89
C ALA C 403 7.50 -23.92 -30.98
N ASP C 404 7.13 -22.83 -30.29
CA ASP C 404 7.96 -22.08 -29.38
C ASP C 404 7.48 -22.39 -27.97
N TRP C 405 8.17 -23.34 -27.34
CA TRP C 405 7.79 -23.88 -26.04
C TRP C 405 7.53 -22.79 -25.01
N ALA C 406 8.41 -21.78 -24.95
CA ALA C 406 8.26 -20.72 -23.95
C ALA C 406 6.91 -20.00 -24.06
N TRP C 407 6.31 -19.98 -25.26
CA TRP C 407 5.04 -19.30 -25.49
C TRP C 407 3.85 -20.27 -25.54
N ILE C 408 4.07 -21.54 -25.89
CA ILE C 408 3.01 -22.53 -25.86
C ILE C 408 2.65 -22.89 -24.42
N VAL C 409 3.64 -23.08 -23.55
CA VAL C 409 3.34 -23.41 -22.14
C VAL C 409 2.65 -22.22 -21.47
N PRO C 410 1.49 -22.40 -20.85
CA PRO C 410 0.74 -21.28 -20.22
C PRO C 410 1.51 -20.62 -19.10
N PRO C 411 1.20 -19.36 -18.75
CA PRO C 411 1.94 -18.65 -17.69
C PRO C 411 1.52 -18.97 -16.27
N ILE C 412 0.60 -19.91 -16.05
CA ILE C 412 0.35 -20.48 -14.72
C ILE C 412 0.13 -21.96 -14.94
N SER C 413 0.42 -22.76 -13.91
CA SER C 413 0.18 -24.20 -13.95
C SER C 413 0.86 -24.87 -15.15
N GLY C 414 2.03 -24.34 -15.56
CA GLY C 414 2.77 -24.88 -16.68
C GLY C 414 2.81 -26.38 -16.77
N SER C 415 3.30 -27.05 -15.71
CA SER C 415 3.52 -28.49 -15.78
C SER C 415 2.26 -29.30 -15.54
N LEU C 416 1.15 -28.66 -15.15
CA LEU C 416 -0.15 -29.33 -15.11
C LEU C 416 -0.75 -29.49 -16.51
N THR C 417 -0.17 -28.86 -17.54
CA THR C 417 -0.66 -28.97 -18.92
C THR C 417 0.27 -29.86 -19.75
N PRO C 418 -0.27 -30.57 -20.75
CA PRO C 418 0.55 -31.57 -21.46
C PRO C 418 1.70 -30.97 -22.27
N VAL C 419 1.56 -29.74 -22.75
CA VAL C 419 2.62 -29.16 -23.57
C VAL C 419 3.91 -28.99 -22.79
N PHE C 420 3.84 -28.90 -21.45
CA PHE C 420 5.06 -28.74 -20.66
C PHE C 420 6.01 -29.89 -20.92
N HIS C 421 5.46 -31.09 -21.08
CA HIS C 421 6.24 -32.32 -21.17
C HIS C 421 6.57 -32.69 -22.60
N GLN C 422 6.21 -31.85 -23.56
CA GLN C 422 6.40 -32.11 -24.98
C GLN C 422 7.59 -31.31 -25.48
N GLU C 423 8.63 -31.99 -25.93
CA GLU C 423 9.75 -31.30 -26.57
C GLU C 423 9.29 -30.67 -27.87
N MET C 424 9.84 -29.50 -28.20
CA MET C 424 9.40 -28.79 -29.38
C MET C 424 10.58 -28.30 -30.20
N VAL C 425 10.35 -28.15 -31.50
CA VAL C 425 11.33 -27.59 -32.44
C VAL C 425 10.76 -26.29 -32.98
N ASN C 426 11.54 -25.21 -32.88
CA ASN C 426 11.12 -23.90 -33.36
C ASN C 426 11.92 -23.50 -34.59
N TYR C 427 11.22 -22.99 -35.61
CA TYR C 427 11.83 -22.58 -36.88
C TYR C 427 10.81 -21.75 -37.66
N PHE C 428 11.29 -21.07 -38.70
CA PHE C 428 10.48 -20.11 -39.44
C PHE C 428 10.09 -20.69 -40.80
N LEU C 429 8.80 -20.76 -41.06
CA LEU C 429 8.27 -21.09 -42.38
C LEU C 429 7.55 -19.89 -42.96
N SER C 430 7.40 -19.90 -44.27
CA SER C 430 6.62 -18.90 -45.00
C SER C 430 5.47 -19.59 -45.73
N PRO C 431 4.31 -18.92 -45.88
CA PRO C 431 3.86 -17.61 -45.38
C PRO C 431 3.96 -17.45 -43.87
N ALA C 432 4.01 -16.21 -43.40
CA ALA C 432 4.29 -15.95 -41.99
C ALA C 432 3.71 -14.62 -41.56
N PHE C 433 3.38 -14.53 -40.27
CA PHE C 433 3.19 -13.27 -39.58
C PHE C 433 4.52 -12.86 -38.94
N ARG C 434 4.94 -11.61 -39.17
CA ARG C 434 6.21 -11.10 -38.67
C ARG C 434 5.99 -9.80 -37.90
N TYR C 435 6.87 -9.56 -36.93
CA TYR C 435 6.88 -8.25 -36.29
C TYR C 435 7.46 -7.21 -37.25
N GLN C 436 7.16 -5.95 -36.98
CA GLN C 436 7.64 -4.85 -37.82
C GLN C 436 7.87 -3.65 -36.92
N PRO C 437 8.72 -2.71 -37.34
CA PRO C 437 8.89 -1.50 -36.52
C PRO C 437 7.60 -0.72 -36.46
N ASP C 438 7.46 0.09 -35.42
CA ASP C 438 6.32 0.98 -35.33
C ASP C 438 6.41 2.05 -36.43
N PRO C 439 5.27 2.60 -36.87
CA PRO C 439 5.33 3.60 -37.93
C PRO C 439 6.08 4.86 -37.56
N TRP C 440 6.25 5.15 -36.28
CA TRP C 440 7.00 6.33 -35.87
C TRP C 440 8.46 5.96 -35.53
N PHE D 28 27.32 -9.26 -29.57
CA PHE D 28 26.86 -9.63 -28.23
C PHE D 28 25.36 -9.53 -28.08
N PRO D 29 24.74 -10.61 -27.60
CA PRO D 29 23.26 -10.66 -27.53
C PRO D 29 22.69 -9.61 -26.59
N ARG D 30 21.72 -8.84 -27.09
CA ARG D 30 20.98 -7.87 -26.29
C ARG D 30 19.83 -8.59 -25.58
N VAL D 31 19.69 -8.31 -24.29
CA VAL D 31 18.84 -9.09 -23.39
C VAL D 31 17.99 -8.13 -22.57
N LYS D 32 16.69 -8.34 -22.54
CA LYS D 32 15.77 -7.40 -21.92
C LYS D 32 15.05 -8.03 -20.73
N ASN D 33 14.86 -7.24 -19.68
CA ASN D 33 13.90 -7.54 -18.63
C ASN D 33 12.61 -6.79 -18.94
N TRP D 34 11.54 -7.53 -19.21
CA TRP D 34 10.29 -6.88 -19.62
C TRP D 34 9.53 -6.28 -18.45
N GLU D 35 9.81 -6.71 -17.23
CA GLU D 35 9.15 -6.11 -16.07
C GLU D 35 9.68 -4.71 -15.81
N VAL D 36 11.00 -4.55 -15.94
CA VAL D 36 11.70 -3.31 -15.62
C VAL D 36 11.98 -2.46 -16.87
N GLY D 37 12.07 -3.07 -18.04
CA GLY D 37 12.51 -2.38 -19.23
C GLY D 37 14.01 -2.36 -19.43
N SER D 38 14.78 -2.85 -18.46
CA SER D 38 16.23 -2.71 -18.49
C SER D 38 16.87 -3.66 -19.51
N ILE D 39 18.05 -3.26 -19.99
CA ILE D 39 18.72 -3.95 -21.09
C ILE D 39 20.18 -4.22 -20.74
N THR D 40 20.65 -5.43 -21.01
CA THR D 40 22.05 -5.79 -20.88
C THR D 40 22.51 -6.51 -22.15
N TYR D 41 23.83 -6.70 -22.25
CA TYR D 41 24.45 -7.49 -23.29
C TYR D 41 25.25 -8.61 -22.64
N ASP D 42 25.02 -9.85 -23.08
CA ASP D 42 25.71 -11.00 -22.51
C ASP D 42 27.02 -11.23 -23.26
N THR D 43 28.07 -10.52 -22.85
CA THR D 43 29.38 -10.69 -23.47
C THR D 43 30.05 -12.01 -23.08
N LEU D 44 29.68 -12.56 -21.92
CA LEU D 44 30.26 -13.84 -21.51
C LEU D 44 30.00 -14.95 -22.52
N SER D 45 28.85 -14.94 -23.20
CA SER D 45 28.50 -16.00 -24.16
C SER D 45 29.49 -16.08 -25.31
N ALA D 46 30.21 -15.00 -25.58
CA ALA D 46 31.25 -15.04 -26.61
C ALA D 46 32.36 -16.02 -26.27
N GLN D 47 32.48 -16.41 -25.00
CA GLN D 47 33.53 -17.32 -24.56
C GLN D 47 33.07 -18.78 -24.51
N ALA D 48 31.83 -19.05 -24.91
CA ALA D 48 31.26 -20.39 -24.84
C ALA D 48 32.13 -21.39 -25.58
N GLN D 49 32.56 -22.43 -24.87
CA GLN D 49 33.46 -23.42 -25.43
C GLN D 49 32.70 -24.48 -26.22
N GLN D 50 32.17 -25.49 -25.54
CA GLN D 50 31.46 -26.55 -26.23
C GLN D 50 30.18 -25.99 -26.87
N ASP D 51 29.72 -26.68 -27.91
CA ASP D 51 28.64 -26.19 -28.73
C ASP D 51 27.32 -26.85 -28.37
N GLY D 52 26.25 -26.09 -28.49
CA GLY D 52 24.94 -26.54 -28.11
C GLY D 52 24.19 -27.14 -29.29
N PRO D 53 22.89 -27.37 -29.12
CA PRO D 53 22.10 -28.10 -30.12
C PRO D 53 21.37 -27.25 -31.15
N CYS D 54 21.42 -25.93 -31.05
CA CYS D 54 20.68 -25.04 -31.93
C CYS D 54 21.53 -24.61 -33.10
N THR D 55 20.86 -24.25 -34.20
CA THR D 55 21.46 -23.66 -35.39
C THR D 55 20.57 -22.50 -35.81
N PRO D 56 21.03 -21.66 -36.76
CA PRO D 56 20.13 -20.63 -37.29
C PRO D 56 18.89 -21.20 -37.98
N ARG D 57 18.91 -22.48 -38.34
CA ARG D 57 17.77 -23.09 -39.00
C ARG D 57 16.66 -23.44 -38.00
N ARG D 58 17.03 -23.89 -36.80
CA ARG D 58 16.07 -24.44 -35.86
C ARG D 58 16.66 -24.37 -34.46
N CYS D 59 15.85 -23.91 -33.49
CA CYS D 59 16.20 -23.92 -32.07
C CYS D 59 15.68 -25.19 -31.43
N LEU D 60 16.52 -25.81 -30.59
CA LEU D 60 16.24 -27.05 -29.88
C LEU D 60 16.39 -26.83 -28.37
N GLY D 61 16.18 -25.58 -27.95
CA GLY D 61 16.32 -25.21 -26.55
C GLY D 61 15.39 -25.94 -25.60
N SER D 62 14.32 -26.55 -26.09
CA SER D 62 13.39 -27.24 -25.21
C SER D 62 13.72 -28.72 -25.03
N LEU D 63 14.73 -29.25 -25.73
CA LEU D 63 15.06 -30.66 -25.58
C LEU D 63 15.78 -30.90 -24.25
N VAL D 64 15.47 -32.03 -23.60
CA VAL D 64 16.05 -32.29 -22.28
C VAL D 64 17.50 -32.75 -22.41
N PHE D 65 17.74 -33.74 -23.27
CA PHE D 65 19.06 -34.35 -23.48
C PHE D 65 19.40 -34.16 -24.94
N PRO D 66 19.89 -32.97 -25.33
CA PRO D 66 20.18 -32.72 -26.75
C PRO D 66 21.29 -33.62 -27.30
N ARG D 67 22.03 -34.32 -26.45
CA ARG D 67 23.24 -35.00 -26.87
C ARG D 67 23.13 -36.52 -26.78
N ALA D 79 44.19 -37.06 -27.13
CA ALA D 79 44.30 -35.68 -27.57
C ALA D 79 45.05 -34.86 -26.53
N PRO D 80 46.38 -34.96 -26.55
CA PRO D 80 47.18 -34.24 -25.53
C PRO D 80 47.04 -32.74 -25.62
N GLU D 81 47.10 -32.17 -26.82
CA GLU D 81 47.00 -30.73 -26.98
C GLU D 81 45.59 -30.22 -26.66
N GLN D 82 44.55 -31.01 -26.89
CA GLN D 82 43.21 -30.56 -26.52
C GLN D 82 43.06 -30.53 -25.00
N LEU D 83 43.61 -31.53 -24.31
CA LEU D 83 43.64 -31.48 -22.85
C LEU D 83 44.35 -30.23 -22.35
N LEU D 84 45.48 -29.89 -22.95
CA LEU D 84 46.29 -28.79 -22.46
C LEU D 84 45.59 -27.44 -22.62
N SER D 85 44.93 -27.22 -23.76
CA SER D 85 44.27 -25.93 -23.95
C SER D 85 43.08 -25.77 -23.00
N GLN D 86 42.40 -26.88 -22.68
CA GLN D 86 41.38 -26.85 -21.63
C GLN D 86 41.99 -26.62 -20.26
N ALA D 87 43.13 -27.27 -19.98
CA ALA D 87 43.81 -27.09 -18.71
C ALA D 87 44.31 -25.65 -18.57
N ARG D 88 45.01 -25.14 -19.59
CA ARG D 88 45.48 -23.76 -19.51
C ARG D 88 44.34 -22.80 -19.24
N ASP D 89 43.22 -22.95 -19.95
CA ASP D 89 42.10 -22.05 -19.71
C ASP D 89 41.65 -22.12 -18.26
N PHE D 90 41.57 -23.32 -17.70
CA PHE D 90 41.12 -23.47 -16.31
C PHE D 90 42.08 -22.81 -15.34
N ILE D 91 43.39 -23.06 -15.51
CA ILE D 91 44.40 -22.43 -14.65
C ILE D 91 44.31 -20.92 -14.75
N ASN D 92 44.11 -20.41 -15.97
CA ASN D 92 43.93 -18.96 -16.11
C ASN D 92 42.70 -18.50 -15.36
N GLN D 93 41.62 -19.28 -15.39
CA GLN D 93 40.42 -18.91 -14.63
C GLN D 93 40.72 -18.87 -13.14
N TYR D 94 41.39 -19.91 -12.64
CA TYR D 94 41.73 -19.97 -11.22
C TYR D 94 42.55 -18.75 -10.79
N TYR D 95 43.59 -18.42 -11.56
CA TYR D 95 44.47 -17.35 -11.09
C TYR D 95 43.79 -15.99 -11.18
N SER D 96 42.85 -15.84 -12.12
CA SER D 96 42.02 -14.64 -12.14
C SER D 96 41.16 -14.54 -10.88
N SER D 97 40.62 -15.68 -10.43
CA SER D 97 39.67 -15.63 -9.33
C SER D 97 40.32 -15.12 -8.06
N ILE D 98 41.60 -15.45 -7.85
CA ILE D 98 42.32 -14.97 -6.67
C ILE D 98 43.14 -13.72 -6.99
N LYS D 99 42.85 -13.06 -8.11
CA LYS D 99 43.45 -11.77 -8.44
C LYS D 99 44.97 -11.84 -8.56
N ARG D 100 45.48 -12.95 -9.11
CA ARG D 100 46.93 -13.10 -9.25
C ARG D 100 47.32 -13.46 -10.69
N SER D 101 46.60 -12.92 -11.68
CA SER D 101 46.87 -13.25 -13.07
C SER D 101 48.25 -12.76 -13.50
N GLY D 102 48.92 -13.56 -14.33
CA GLY D 102 50.25 -13.22 -14.80
C GLY D 102 51.34 -13.29 -13.77
N SER D 103 51.05 -13.67 -12.52
CA SER D 103 52.06 -13.73 -11.47
C SER D 103 53.07 -14.83 -11.77
N GLN D 104 54.15 -14.87 -10.97
CA GLN D 104 55.11 -15.98 -11.07
C GLN D 104 54.42 -17.31 -10.81
N ALA D 105 53.55 -17.37 -9.80
CA ALA D 105 52.91 -18.63 -9.47
C ALA D 105 51.99 -19.10 -10.59
N HIS D 106 51.38 -18.16 -11.31
CA HIS D 106 50.50 -18.50 -12.43
C HIS D 106 51.32 -19.13 -13.57
N GLU D 107 52.39 -18.46 -14.00
CA GLU D 107 53.28 -19.01 -15.03
C GLU D 107 53.80 -20.39 -14.62
N GLN D 108 54.27 -20.50 -13.37
CA GLN D 108 54.88 -21.76 -12.94
C GLN D 108 53.88 -22.90 -12.92
N ARG D 109 52.62 -22.62 -12.55
CA ARG D 109 51.63 -23.68 -12.53
C ARG D 109 51.30 -24.15 -13.94
N LEU D 110 51.19 -23.21 -14.90
CA LEU D 110 51.01 -23.59 -16.30
C LEU D 110 52.16 -24.46 -16.79
N GLN D 111 53.40 -24.03 -16.52
CA GLN D 111 54.56 -24.84 -16.89
C GLN D 111 54.49 -26.20 -16.23
N GLU D 112 54.06 -26.24 -14.97
CA GLU D 112 53.95 -27.48 -14.24
C GLU D 112 52.92 -28.41 -14.85
N VAL D 113 51.76 -27.87 -15.24
CA VAL D 113 50.73 -28.72 -15.84
C VAL D 113 51.21 -29.27 -17.17
N GLU D 114 51.84 -28.42 -17.99
CA GLU D 114 52.40 -28.85 -19.27
C GLU D 114 53.36 -30.01 -19.10
N ALA D 115 54.23 -29.95 -18.08
CA ALA D 115 55.24 -30.98 -17.91
C ALA D 115 54.60 -32.31 -17.54
N GLU D 116 53.56 -32.27 -16.70
CA GLU D 116 52.91 -33.51 -16.29
C GLU D 116 52.17 -34.14 -17.45
N VAL D 117 51.46 -33.33 -18.23
CA VAL D 117 50.77 -33.84 -19.40
C VAL D 117 51.78 -34.46 -20.36
N ALA D 118 52.92 -33.80 -20.57
CA ALA D 118 53.95 -34.31 -21.48
C ALA D 118 54.48 -35.67 -21.02
N ALA D 119 54.71 -35.81 -19.72
CA ALA D 119 55.26 -37.04 -19.15
C ALA D 119 54.24 -38.16 -19.05
N THR D 120 52.98 -37.84 -18.75
CA THR D 120 52.02 -38.86 -18.39
C THR D 120 50.75 -38.83 -19.24
N GLY D 121 50.58 -37.84 -20.12
CA GLY D 121 49.32 -37.69 -20.81
C GLY D 121 48.16 -37.17 -19.97
N THR D 122 48.38 -36.85 -18.69
CA THR D 122 47.33 -36.32 -17.83
C THR D 122 47.97 -35.47 -16.73
N TYR D 123 47.14 -34.95 -15.82
CA TYR D 123 47.68 -34.16 -14.72
C TYR D 123 46.71 -34.21 -13.56
N GLN D 124 47.16 -33.70 -12.43
CA GLN D 124 46.42 -33.71 -11.17
C GLN D 124 46.11 -32.28 -10.76
N LEU D 125 44.88 -32.03 -10.33
CA LEU D 125 44.56 -30.74 -9.79
C LEU D 125 45.16 -30.55 -8.40
N ARG D 126 45.57 -29.32 -8.11
CA ARG D 126 45.80 -28.96 -6.73
C ARG D 126 44.48 -28.94 -5.96
N GLU D 127 44.56 -29.19 -4.66
CA GLU D 127 43.37 -29.12 -3.82
C GLU D 127 42.59 -27.81 -4.02
N SER D 128 43.29 -26.68 -3.99
CA SER D 128 42.61 -25.40 -4.16
CA SER D 128 42.62 -25.39 -4.16
C SER D 128 41.89 -25.31 -5.49
N GLU D 129 42.50 -25.85 -6.55
CA GLU D 129 41.93 -25.87 -7.91
C GLU D 129 40.67 -26.72 -7.97
N LEU D 130 40.66 -27.86 -7.27
CA LEU D 130 39.45 -28.68 -7.22
C LEU D 130 38.32 -27.93 -6.52
N VAL D 131 38.61 -27.22 -5.44
CA VAL D 131 37.57 -26.49 -4.72
C VAL D 131 36.98 -25.39 -5.62
N PHE D 132 37.85 -24.59 -6.21
CA PHE D 132 37.42 -23.59 -7.19
C PHE D 132 36.68 -24.22 -8.36
N GLY D 133 37.21 -25.31 -8.90
CA GLY D 133 36.59 -25.96 -10.05
C GLY D 133 35.17 -26.42 -9.77
N ALA D 134 34.93 -27.00 -8.60
CA ALA D 134 33.58 -27.49 -8.31
C ALA D 134 32.60 -26.34 -8.15
N LYS D 135 33.03 -25.26 -7.51
CA LYS D 135 32.17 -24.08 -7.40
C LYS D 135 31.88 -23.47 -8.76
N GLN D 136 32.88 -23.44 -9.65
CA GLN D 136 32.66 -22.86 -10.97
C GLN D 136 31.69 -23.69 -11.79
N ALA D 137 31.75 -25.00 -11.66
CA ALA D 137 30.84 -25.87 -12.39
C ALA D 137 29.38 -25.58 -11.99
N TRP D 138 29.12 -25.46 -10.68
CA TRP D 138 27.81 -25.01 -10.20
C TRP D 138 27.45 -23.65 -10.77
N ARG D 139 28.37 -22.70 -10.67
CA ARG D 139 28.09 -21.36 -11.18
C ARG D 139 27.75 -21.36 -12.67
N ASN D 140 28.32 -22.29 -13.43
CA ASN D 140 28.11 -22.37 -14.87
C ASN D 140 26.86 -23.17 -15.26
N ALA D 141 26.19 -23.86 -14.32
CA ALA D 141 25.11 -24.75 -14.70
C ALA D 141 23.86 -23.97 -15.10
N PRO D 142 23.48 -23.99 -16.38
CA PRO D 142 22.39 -23.09 -16.85
C PRO D 142 21.03 -23.45 -16.32
N ARG D 143 20.80 -24.71 -15.94
CA ARG D 143 19.49 -25.13 -15.49
C ARG D 143 19.27 -24.99 -13.98
N CYS D 144 20.21 -24.39 -13.22
CA CYS D 144 20.10 -24.31 -11.76
C CYS D 144 19.63 -22.92 -11.35
N VAL D 145 18.46 -22.86 -10.70
CA VAL D 145 17.97 -21.60 -10.14
C VAL D 145 18.62 -21.27 -8.79
N GLY D 146 19.28 -22.24 -8.15
CA GLY D 146 19.86 -21.96 -6.86
C GLY D 146 21.27 -21.37 -6.83
N ARG D 147 21.76 -20.77 -7.92
CA ARG D 147 23.18 -20.41 -8.00
C ARG D 147 23.55 -19.14 -7.25
N ILE D 148 22.61 -18.45 -6.59
CA ILE D 148 23.03 -17.38 -5.69
C ILE D 148 24.01 -17.91 -4.65
N GLN D 149 23.89 -19.21 -4.32
CA GLN D 149 24.66 -19.85 -3.27
C GLN D 149 26.03 -20.35 -3.74
N TRP D 150 26.41 -20.13 -5.00
CA TRP D 150 27.46 -20.95 -5.63
C TRP D 150 28.80 -20.90 -4.89
N GLY D 151 29.06 -19.82 -4.15
CA GLY D 151 30.32 -19.70 -3.44
C GLY D 151 30.35 -20.42 -2.10
N LYS D 152 29.19 -20.86 -1.61
CA LYS D 152 29.08 -21.56 -0.34
C LYS D 152 28.83 -23.02 -0.68
N LEU D 153 29.90 -23.78 -0.68
CA LEU D 153 29.88 -25.14 -1.19
C LEU D 153 31.00 -25.86 -0.47
N GLN D 154 30.64 -26.89 0.29
CA GLN D 154 31.62 -27.72 0.97
C GLN D 154 32.12 -28.79 0.01
N VAL D 155 33.41 -28.76 -0.30
CA VAL D 155 34.00 -29.70 -1.26
C VAL D 155 34.76 -30.76 -0.48
N PHE D 156 34.27 -31.99 -0.51
CA PHE D 156 34.98 -33.12 0.08
C PHE D 156 35.87 -33.81 -0.95
N ASP D 157 37.16 -33.90 -0.65
CA ASP D 157 38.13 -34.48 -1.58
C ASP D 157 38.21 -35.99 -1.33
N ALA D 158 37.59 -36.78 -2.21
CA ALA D 158 37.68 -38.22 -2.09
C ALA D 158 38.56 -38.83 -3.20
N ARG D 159 39.52 -38.07 -3.73
CA ARG D 159 40.30 -38.60 -4.86
C ARG D 159 41.22 -39.73 -4.47
N ASP D 160 41.43 -39.99 -3.17
CA ASP D 160 42.24 -41.10 -2.71
C ASP D 160 41.43 -42.37 -2.44
N CYS D 161 40.16 -42.36 -2.85
CA CYS D 161 39.26 -43.49 -2.60
C CYS D 161 39.70 -44.70 -3.42
N ARG D 162 39.57 -45.89 -2.83
CA ARG D 162 40.11 -47.04 -3.53
C ARG D 162 39.19 -48.27 -3.60
N SER D 163 38.04 -48.24 -2.95
CA SER D 163 37.15 -49.38 -3.04
C SER D 163 35.71 -48.87 -2.94
N ALA D 164 34.77 -49.78 -3.25
CA ALA D 164 33.36 -49.40 -3.15
C ALA D 164 32.97 -49.20 -1.70
N GLN D 165 33.56 -50.00 -0.80
CA GLN D 165 33.37 -49.80 0.63
C GLN D 165 33.81 -48.40 1.06
N GLU D 166 34.95 -47.91 0.56
CA GLU D 166 35.36 -46.57 0.96
C GLU D 166 34.51 -45.51 0.27
N MET D 167 33.96 -45.83 -0.90
CA MET D 167 32.98 -44.95 -1.52
C MET D 167 31.81 -44.73 -0.58
N PHE D 168 31.30 -45.81 0.02
CA PHE D 168 30.10 -45.71 0.84
C PHE D 168 30.39 -44.91 2.11
N THR D 169 31.60 -45.03 2.66
CA THR D 169 31.96 -44.24 3.85
C THR D 169 31.97 -42.76 3.52
N TYR D 170 32.58 -42.39 2.39
CA TYR D 170 32.55 -41.01 1.93
C TYR D 170 31.13 -40.53 1.68
N ILE D 171 30.26 -41.38 1.14
CA ILE D 171 28.91 -40.92 0.83
C ILE D 171 28.11 -40.71 2.11
N CYS D 172 28.29 -41.60 3.09
CA CYS D 172 27.61 -41.41 4.37
C CYS D 172 28.08 -40.14 5.08
N ASN D 173 29.38 -39.84 5.03
CA ASN D 173 29.85 -38.60 5.64
C ASN D 173 29.29 -37.38 4.91
N HIS D 174 29.13 -37.48 3.57
CA HIS D 174 28.51 -36.40 2.80
C HIS D 174 27.08 -36.17 3.25
N ILE D 175 26.28 -37.24 3.36
CA ILE D 175 24.88 -37.11 3.77
C ILE D 175 24.76 -36.53 5.17
N LYS D 176 25.57 -37.04 6.10
CA LYS D 176 25.53 -36.51 7.46
C LYS D 176 25.86 -35.01 7.49
N TYR D 177 26.92 -34.60 6.77
CA TYR D 177 27.30 -33.18 6.75
C TYR D 177 26.20 -32.32 6.12
N ALA D 178 25.70 -32.76 4.97
CA ALA D 178 24.79 -31.93 4.18
C ALA D 178 23.41 -31.86 4.81
N THR D 179 22.96 -32.97 5.40
CA THR D 179 21.68 -32.99 6.10
C THR D 179 21.73 -32.12 7.35
N ASN D 180 22.69 -32.37 8.24
CA ASN D 180 22.91 -31.52 9.39
C ASN D 180 21.63 -31.37 10.21
N ARG D 181 20.94 -32.50 10.39
CA ARG D 181 19.65 -32.65 11.09
C ARG D 181 18.60 -31.62 10.68
N GLY D 182 18.55 -31.28 9.38
CA GLY D 182 17.54 -30.41 8.83
C GLY D 182 18.05 -29.06 8.39
N ASN D 183 19.19 -28.60 8.92
CA ASN D 183 19.75 -27.31 8.52
C ASN D 183 20.73 -27.56 7.38
N LEU D 184 20.18 -27.66 6.17
CA LEU D 184 20.88 -28.26 5.03
C LEU D 184 22.05 -27.41 4.57
N ARG D 185 23.16 -28.07 4.18
CA ARG D 185 24.35 -27.40 3.70
C ARG D 185 24.77 -27.97 2.36
N SER D 186 25.08 -27.10 1.41
CA SER D 186 25.46 -27.55 0.08
C SER D 186 26.83 -28.23 0.15
N ALA D 187 26.99 -29.31 -0.61
CA ALA D 187 28.22 -30.08 -0.57
C ALA D 187 28.38 -30.86 -1.85
N ILE D 188 29.63 -31.27 -2.10
CA ILE D 188 29.99 -32.16 -3.20
C ILE D 188 31.16 -33.02 -2.71
N THR D 189 31.13 -34.31 -3.03
CA THR D 189 32.25 -35.22 -2.79
C THR D 189 32.80 -35.65 -4.13
N VAL D 190 34.11 -35.46 -4.33
CA VAL D 190 34.74 -35.73 -5.63
C VAL D 190 35.60 -36.98 -5.51
N PHE D 191 35.18 -38.03 -6.22
CA PHE D 191 35.90 -39.29 -6.32
C PHE D 191 36.97 -39.20 -7.42
N PRO D 192 37.87 -40.20 -7.49
CA PRO D 192 39.01 -40.08 -8.42
C PRO D 192 38.58 -39.86 -9.87
N GLN D 193 39.42 -39.12 -10.59
CA GLN D 193 39.16 -38.82 -11.99
C GLN D 193 39.29 -40.06 -12.86
N ARG D 194 38.67 -39.98 -14.03
CA ARG D 194 38.84 -40.99 -15.06
C ARG D 194 40.29 -41.02 -15.50
N CYS D 195 40.80 -42.21 -15.78
CA CYS D 195 42.13 -42.28 -16.35
C CYS D 195 42.28 -43.53 -17.20
N PRO D 196 43.14 -43.51 -18.20
CA PRO D 196 43.31 -44.70 -19.04
C PRO D 196 43.90 -45.85 -18.24
N GLY D 197 43.46 -47.06 -18.59
CA GLY D 197 43.98 -48.25 -17.93
C GLY D 197 43.23 -48.68 -16.70
N ARG D 198 42.05 -48.12 -16.46
CA ARG D 198 41.30 -48.34 -15.23
C ARG D 198 39.86 -47.89 -15.47
N GLY D 199 38.92 -48.61 -14.88
CA GLY D 199 37.53 -48.24 -14.99
C GLY D 199 37.19 -46.99 -14.20
N ASP D 200 36.01 -46.46 -14.48
CA ASP D 200 35.48 -45.31 -13.74
C ASP D 200 34.89 -45.75 -12.39
N PHE D 201 35.04 -44.88 -11.40
CA PHE D 201 34.10 -44.91 -10.29
C PHE D 201 32.72 -44.43 -10.79
N ARG D 202 31.66 -45.11 -10.37
CA ARG D 202 30.30 -44.65 -10.67
C ARG D 202 29.36 -44.95 -9.52
N ILE D 203 28.39 -44.05 -9.32
CA ILE D 203 27.21 -44.30 -8.50
C ILE D 203 26.08 -44.60 -9.47
N TRP D 204 25.47 -45.78 -9.35
CA TRP D 204 24.46 -46.14 -10.34
C TRP D 204 23.15 -45.39 -10.10
N ASN D 205 22.80 -45.14 -8.85
CA ASN D 205 21.60 -44.38 -8.51
C ASN D 205 21.70 -42.95 -9.03
N SER D 206 20.55 -42.40 -9.43
CA SER D 206 20.54 -41.04 -9.97
C SER D 206 20.63 -40.00 -8.87
N GLN D 207 20.17 -40.34 -7.67
CA GLN D 207 20.31 -39.51 -6.49
C GLN D 207 20.68 -40.42 -5.34
N LEU D 208 21.22 -39.83 -4.28
CA LEU D 208 21.61 -40.65 -3.15
C LEU D 208 20.39 -41.18 -2.41
N VAL D 209 19.31 -40.41 -2.34
CA VAL D 209 18.07 -40.86 -1.72
C VAL D 209 17.01 -40.93 -2.79
N ARG D 210 16.45 -42.13 -3.00
CA ARG D 210 15.39 -42.32 -4.00
C ARG D 210 14.40 -43.33 -3.47
N TYR D 211 13.12 -43.09 -3.77
CA TYR D 211 12.10 -44.06 -3.42
C TYR D 211 11.99 -45.12 -4.51
N ALA D 212 11.77 -46.36 -4.08
CA ALA D 212 11.65 -47.47 -5.01
C ALA D 212 10.42 -47.34 -5.89
N GLY D 213 10.51 -47.91 -7.09
CA GLY D 213 9.37 -48.00 -7.97
C GLY D 213 9.19 -49.41 -8.48
N TYR D 214 8.11 -50.06 -8.08
CA TYR D 214 7.88 -51.47 -8.39
C TYR D 214 6.89 -51.57 -9.55
N ARG D 215 7.37 -52.04 -10.71
CA ARG D 215 6.49 -52.39 -11.82
C ARG D 215 5.43 -53.35 -11.33
N GLN D 216 4.20 -52.87 -11.21
CA GLN D 216 3.16 -53.67 -10.57
C GLN D 216 2.81 -54.88 -11.43
N GLN D 217 1.93 -55.72 -10.86
CA GLN D 217 1.45 -56.88 -11.59
C GLN D 217 0.68 -56.51 -12.85
N ASP D 218 0.14 -55.29 -12.92
CA ASP D 218 -0.78 -54.86 -13.97
C ASP D 218 -0.13 -54.01 -15.05
N GLY D 219 1.19 -53.82 -15.01
CA GLY D 219 1.81 -52.82 -15.86
C GLY D 219 1.79 -51.42 -15.30
N SER D 220 1.20 -51.24 -14.11
CA SER D 220 1.25 -49.98 -13.39
C SER D 220 2.51 -49.96 -12.52
N VAL D 221 2.57 -49.05 -11.54
CA VAL D 221 3.73 -48.91 -10.66
C VAL D 221 3.24 -48.57 -9.27
N ARG D 222 3.88 -49.16 -8.26
CA ARG D 222 3.76 -48.72 -6.88
C ARG D 222 5.07 -48.05 -6.48
N GLY D 223 4.97 -46.86 -5.87
CA GLY D 223 6.17 -46.09 -5.58
C GLY D 223 6.42 -45.05 -6.64
N ASP D 224 7.70 -44.77 -6.91
CA ASP D 224 8.07 -43.70 -7.81
C ASP D 224 8.36 -44.26 -9.20
N PRO D 225 7.55 -43.95 -10.22
CA PRO D 225 7.80 -44.51 -11.55
C PRO D 225 9.14 -44.07 -12.15
N ALA D 226 9.65 -42.91 -11.75
CA ALA D 226 10.96 -42.47 -12.21
C ALA D 226 12.07 -43.45 -11.87
N ASN D 227 11.89 -44.31 -10.86
CA ASN D 227 12.95 -45.18 -10.36
C ASN D 227 12.69 -46.66 -10.62
N VAL D 228 11.89 -46.97 -11.63
CA VAL D 228 11.59 -48.36 -11.96
C VAL D 228 12.86 -49.10 -12.40
N GLU D 229 13.68 -48.47 -13.25
CA GLU D 229 14.86 -49.15 -13.78
C GLU D 229 15.85 -49.45 -12.66
N ILE D 230 16.19 -48.45 -11.85
CA ILE D 230 17.21 -48.67 -10.82
C ILE D 230 16.68 -49.60 -9.74
N THR D 231 15.36 -49.63 -9.53
CA THR D 231 14.77 -50.56 -8.58
C THR D 231 15.01 -52.00 -9.02
N GLU D 232 14.77 -52.29 -10.31
CA GLU D 232 14.96 -53.64 -10.81
C GLU D 232 16.43 -54.07 -10.78
N LEU D 233 17.36 -53.14 -11.01
CA LEU D 233 18.77 -53.48 -10.87
C LEU D 233 19.13 -53.78 -9.41
N CYS D 234 18.57 -53.01 -8.46
CA CYS D 234 18.81 -53.32 -7.06
C CYS D 234 18.31 -54.70 -6.70
N ILE D 235 17.09 -55.04 -7.13
CA ILE D 235 16.52 -56.37 -6.84
C ILE D 235 17.46 -57.44 -7.35
N GLN D 236 17.80 -57.38 -8.64
CA GLN D 236 18.58 -58.41 -9.29
C GLN D 236 20.02 -58.45 -8.80
N HIS D 237 20.47 -57.46 -8.03
CA HIS D 237 21.75 -57.50 -7.34
C HIS D 237 21.59 -57.88 -5.88
N GLY D 238 20.48 -58.51 -5.51
CA GLY D 238 20.32 -59.10 -4.20
C GLY D 238 19.60 -58.30 -3.15
N TRP D 239 18.96 -57.18 -3.50
CA TRP D 239 18.23 -56.40 -2.49
C TRP D 239 16.86 -57.01 -2.24
N THR D 240 16.52 -57.19 -0.98
CA THR D 240 15.18 -57.64 -0.61
C THR D 240 14.20 -56.49 -0.75
N PRO D 241 13.22 -56.57 -1.66
CA PRO D 241 12.37 -55.41 -1.93
C PRO D 241 11.39 -55.15 -0.80
N GLY D 242 10.82 -53.94 -0.82
CA GLY D 242 9.67 -53.60 -0.02
C GLY D 242 8.41 -53.77 -0.82
N ASN D 243 7.32 -53.17 -0.32
CA ASN D 243 6.10 -53.06 -1.11
C ASN D 243 5.32 -51.79 -0.76
N GLY D 244 6.02 -50.72 -0.39
CA GLY D 244 5.40 -49.45 -0.11
C GLY D 244 5.72 -48.43 -1.19
N ARG D 245 5.08 -47.26 -1.05
CA ARG D 245 5.28 -46.16 -1.99
C ARG D 245 6.48 -45.29 -1.65
N PHE D 246 7.05 -45.41 -0.45
CA PHE D 246 8.16 -44.57 -0.07
C PHE D 246 9.31 -45.40 0.52
N ASP D 247 9.69 -46.47 -0.18
CA ASP D 247 10.80 -47.33 0.25
C ASP D 247 12.11 -46.74 -0.26
N VAL D 248 13.03 -46.43 0.66
CA VAL D 248 14.30 -45.84 0.27
C VAL D 248 15.17 -46.91 -0.38
N LEU D 249 15.67 -46.62 -1.59
CA LEU D 249 16.48 -47.59 -2.31
C LEU D 249 17.87 -47.73 -1.68
N PRO D 250 18.51 -48.89 -1.83
CA PRO D 250 19.93 -49.01 -1.48
C PRO D 250 20.78 -48.37 -2.56
N LEU D 251 22.06 -48.18 -2.25
CA LEU D 251 23.01 -47.66 -3.22
C LEU D 251 23.67 -48.81 -3.97
N LEU D 252 23.80 -48.66 -5.28
CA LEU D 252 24.67 -49.50 -6.08
C LEU D 252 25.92 -48.70 -6.40
N LEU D 253 27.05 -49.13 -5.85
CA LEU D 253 28.32 -48.42 -5.97
C LEU D 253 29.30 -49.22 -6.80
N GLN D 254 29.91 -48.57 -7.77
CA GLN D 254 30.81 -49.21 -8.70
C GLN D 254 32.19 -48.60 -8.54
N ALA D 255 33.13 -49.41 -8.12
CA ALA D 255 34.55 -49.11 -8.11
C ALA D 255 35.16 -49.63 -9.42
N PRO D 256 36.35 -49.17 -9.80
CA PRO D 256 36.90 -49.51 -11.12
C PRO D 256 36.92 -51.01 -11.40
N ASP D 257 36.38 -51.39 -12.56
CA ASP D 257 36.50 -52.73 -13.15
C ASP D 257 35.87 -53.80 -12.28
N GLU D 258 34.90 -53.42 -11.47
CA GLU D 258 34.17 -54.32 -10.60
C GLU D 258 32.68 -54.18 -10.90
N PRO D 259 31.90 -55.23 -10.74
CA PRO D 259 30.45 -55.08 -10.81
C PRO D 259 29.96 -54.20 -9.67
N PRO D 260 28.79 -53.58 -9.81
CA PRO D 260 28.29 -52.73 -8.72
C PRO D 260 28.09 -53.51 -7.44
N GLU D 261 28.26 -52.83 -6.32
CA GLU D 261 28.04 -53.41 -5.01
C GLU D 261 26.89 -52.70 -4.31
N LEU D 262 26.09 -53.47 -3.57
CA LEU D 262 24.90 -52.97 -2.90
C LEU D 262 25.21 -52.53 -1.48
N PHE D 263 24.75 -51.34 -1.10
CA PHE D 263 24.90 -50.81 0.25
C PHE D 263 23.58 -50.20 0.70
N LEU D 264 23.18 -50.51 1.93
CA LEU D 264 21.98 -49.94 2.52
C LEU D 264 22.33 -48.68 3.31
N LEU D 265 21.58 -47.62 3.08
CA LEU D 265 21.81 -46.42 3.88
C LEU D 265 21.27 -46.64 5.29
N PRO D 266 22.02 -46.26 6.33
CA PRO D 266 21.47 -46.29 7.70
C PRO D 266 20.21 -45.45 7.79
N PRO D 267 19.09 -46.04 8.19
CA PRO D 267 17.85 -45.25 8.28
C PRO D 267 18.00 -43.95 9.05
N GLU D 268 18.84 -43.91 10.09
CA GLU D 268 19.03 -42.67 10.84
C GLU D 268 19.71 -41.57 10.06
N LEU D 269 20.25 -41.89 8.88
CA LEU D 269 20.95 -40.94 8.03
C LEU D 269 20.03 -40.29 6.99
N VAL D 270 18.90 -40.92 6.67
CA VAL D 270 17.98 -40.48 5.62
C VAL D 270 16.86 -39.72 6.30
N LEU D 271 16.94 -38.38 6.31
CA LEU D 271 15.92 -37.57 6.95
C LEU D 271 14.74 -37.36 6.02
N GLU D 272 13.53 -37.52 6.56
CA GLU D 272 12.31 -37.51 5.77
C GLU D 272 11.27 -36.62 6.44
N VAL D 273 10.36 -36.07 5.64
CA VAL D 273 9.35 -35.16 6.14
C VAL D 273 7.97 -35.74 5.85
N PRO D 274 7.17 -36.07 6.85
CA PRO D 274 5.77 -36.44 6.59
C PRO D 274 5.01 -35.19 6.16
N LEU D 275 4.15 -35.34 5.15
CA LEU D 275 3.46 -34.19 4.59
C LEU D 275 2.08 -34.02 5.20
N GLU D 276 1.83 -32.85 5.75
CA GLU D 276 0.52 -32.49 6.24
C GLU D 276 0.19 -31.08 5.77
N HIS D 277 -1.12 -30.76 5.75
CA HIS D 277 -1.54 -29.44 5.30
C HIS D 277 -1.96 -28.59 6.49
N PRO D 278 -1.65 -27.29 6.51
CA PRO D 278 -1.89 -26.53 7.74
C PRO D 278 -3.36 -26.42 8.09
N THR D 279 -4.23 -26.37 7.09
CA THR D 279 -5.64 -26.34 7.35
C THR D 279 -6.41 -27.52 6.77
N LEU D 280 -5.83 -28.40 5.96
CA LEU D 280 -6.59 -29.54 5.43
C LEU D 280 -6.14 -30.81 6.15
N GLU D 281 -6.88 -31.18 7.20
CA GLU D 281 -6.40 -32.21 8.13
C GLU D 281 -6.48 -33.61 7.56
N TRP D 282 -7.35 -33.86 6.55
CA TRP D 282 -7.34 -35.17 5.92
C TRP D 282 -6.09 -35.40 5.07
N PHE D 283 -5.41 -34.34 4.66
CA PHE D 283 -4.21 -34.50 3.83
C PHE D 283 -3.23 -35.46 4.48
N ALA D 284 -3.06 -35.35 5.81
CA ALA D 284 -2.18 -36.25 6.54
C ALA D 284 -2.49 -37.71 6.27
N ALA D 285 -3.76 -38.06 6.05
CA ALA D 285 -4.13 -39.46 5.87
C ALA D 285 -3.76 -40.01 4.50
N LEU D 286 -3.38 -39.14 3.55
CA LEU D 286 -2.81 -39.61 2.30
C LEU D 286 -1.49 -40.34 2.52
N GLY D 287 -0.84 -40.12 3.66
CA GLY D 287 0.41 -40.82 3.96
C GLY D 287 1.55 -40.45 3.03
N LEU D 288 1.63 -39.19 2.65
CA LEU D 288 2.69 -38.76 1.76
C LEU D 288 3.90 -38.33 2.59
N ARG D 289 5.07 -38.38 1.97
CA ARG D 289 6.30 -37.95 2.59
C ARG D 289 7.31 -37.71 1.48
N TRP D 290 8.30 -36.90 1.78
CA TRP D 290 9.45 -36.79 0.87
C TRP D 290 10.71 -36.73 1.71
N TYR D 291 11.87 -36.87 1.05
CA TYR D 291 13.12 -36.83 1.76
C TYR D 291 13.68 -35.41 1.78
N ALA D 292 14.58 -35.16 2.74
CA ALA D 292 15.08 -33.80 2.95
C ALA D 292 16.12 -33.39 1.92
N LEU D 293 16.90 -34.33 1.42
CA LEU D 293 18.19 -34.03 0.79
C LEU D 293 18.16 -34.39 -0.69
N PRO D 294 18.14 -33.41 -1.59
CA PRO D 294 18.31 -33.70 -3.02
C PRO D 294 19.80 -33.79 -3.34
N ALA D 295 20.26 -34.98 -3.71
CA ALA D 295 21.69 -35.23 -3.92
C ALA D 295 21.88 -35.96 -5.24
N VAL D 296 22.17 -35.20 -6.31
CA VAL D 296 22.38 -35.76 -7.64
C VAL D 296 23.70 -36.51 -7.68
N SER D 297 23.66 -37.78 -8.12
CA SER D 297 24.84 -38.64 -8.09
C SER D 297 25.18 -39.26 -9.43
N ASN D 298 24.55 -38.84 -10.53
CA ASN D 298 24.76 -39.47 -11.82
C ASN D 298 25.37 -38.53 -12.85
N MET D 299 25.74 -37.31 -12.47
CA MET D 299 26.36 -36.43 -13.45
C MET D 299 27.90 -36.54 -13.39
N LEU D 300 28.53 -36.05 -14.44
CA LEU D 300 29.99 -36.03 -14.55
C LEU D 300 30.45 -34.61 -14.33
N LEU D 301 31.40 -34.43 -13.44
CA LEU D 301 32.02 -33.12 -13.25
C LEU D 301 33.26 -33.04 -14.14
N GLU D 302 33.38 -31.95 -14.90
CA GLU D 302 34.53 -31.72 -15.77
C GLU D 302 35.23 -30.44 -15.34
N ILE D 303 36.54 -30.54 -15.09
CA ILE D 303 37.39 -29.44 -14.61
C ILE D 303 38.71 -29.49 -15.37
N GLY D 304 38.98 -28.46 -16.18
CA GLY D 304 40.26 -28.39 -16.87
C GLY D 304 40.56 -29.55 -17.79
N GLY D 305 39.54 -30.11 -18.45
CA GLY D 305 39.73 -31.29 -19.25
C GLY D 305 39.78 -32.59 -18.48
N LEU D 306 39.87 -32.57 -17.16
CA LEU D 306 39.77 -33.78 -16.38
C LEU D 306 38.30 -34.10 -16.11
N GLU D 307 37.98 -35.38 -16.02
CA GLU D 307 36.60 -35.81 -15.86
C GLU D 307 36.46 -36.61 -14.57
N PHE D 308 35.45 -36.29 -13.80
CA PHE D 308 35.16 -37.02 -12.56
C PHE D 308 33.78 -37.64 -12.72
N PRO D 309 33.70 -38.92 -13.11
CA PRO D 309 32.36 -39.49 -13.39
C PRO D 309 31.54 -39.73 -12.15
N ALA D 310 32.16 -39.70 -10.97
CA ALA D 310 31.45 -39.82 -9.70
C ALA D 310 31.81 -38.61 -8.86
N ALA D 311 30.85 -37.71 -8.68
CA ALA D 311 31.04 -36.52 -7.88
C ALA D 311 29.69 -36.04 -7.41
N PRO D 312 29.04 -36.74 -6.46
CA PRO D 312 27.67 -36.37 -6.05
C PRO D 312 27.62 -35.01 -5.36
N PHE D 313 26.55 -34.24 -5.63
CA PHE D 313 26.40 -32.92 -5.04
C PHE D 313 24.97 -32.73 -4.54
N SER D 314 24.81 -31.86 -3.56
CA SER D 314 23.51 -31.71 -2.93
C SER D 314 23.35 -30.28 -2.45
N GLY D 315 22.10 -29.80 -2.43
CA GLY D 315 21.75 -28.55 -1.77
C GLY D 315 20.49 -28.74 -0.94
N TRP D 316 19.48 -27.89 -1.15
CA TRP D 316 18.17 -28.09 -0.52
C TRP D 316 17.07 -27.90 -1.58
N TYR D 317 15.86 -28.29 -1.23
CA TYR D 317 14.83 -28.34 -2.25
C TYR D 317 14.19 -26.98 -2.46
N MET D 318 13.77 -26.74 -3.70
CA MET D 318 12.75 -25.73 -4.00
C MET D 318 11.39 -26.44 -4.03
N SER D 319 10.40 -25.89 -3.32
CA SER D 319 9.21 -26.71 -3.02
C SER D 319 8.46 -27.16 -4.27
N THR D 320 8.53 -26.43 -5.39
CA THR D 320 7.82 -26.93 -6.56
C THR D 320 8.38 -28.24 -7.09
N GLU D 321 9.66 -28.57 -6.80
CA GLU D 321 10.17 -29.85 -7.31
C GLU D 321 9.45 -31.02 -6.67
N ILE D 322 9.13 -30.90 -5.38
CA ILE D 322 8.37 -31.94 -4.69
C ILE D 322 6.88 -31.77 -4.95
N GLY D 323 6.35 -30.59 -4.69
CA GLY D 323 4.89 -30.43 -4.71
C GLY D 323 4.29 -30.59 -6.10
N THR D 324 4.89 -29.95 -7.09
CA THR D 324 4.37 -29.94 -8.46
C THR D 324 4.90 -31.08 -9.31
N ARG D 325 6.23 -31.25 -9.39
CA ARG D 325 6.74 -32.26 -10.32
C ARG D 325 6.64 -33.66 -9.70
N ASN D 326 7.32 -33.89 -8.58
CA ASN D 326 7.41 -35.25 -8.04
C ASN D 326 6.04 -35.80 -7.63
N LEU D 327 5.15 -34.97 -7.10
CA LEU D 327 3.87 -35.50 -6.65
C LEU D 327 2.72 -35.31 -7.64
N CYS D 328 2.80 -34.32 -8.55
CA CYS D 328 1.69 -34.08 -9.49
C CYS D 328 1.95 -34.47 -10.94
N ASP D 329 3.21 -34.66 -11.38
CA ASP D 329 3.43 -35.12 -12.75
C ASP D 329 2.58 -36.37 -12.99
N PRO D 330 1.91 -36.48 -14.13
CA PRO D 330 1.10 -37.68 -14.39
C PRO D 330 1.94 -38.95 -14.36
N HIS D 331 3.20 -38.88 -14.75
CA HIS D 331 4.09 -40.03 -14.81
C HIS D 331 4.94 -40.17 -13.55
N ARG D 332 4.63 -39.43 -12.50
CA ARG D 332 5.25 -39.63 -11.19
C ARG D 332 4.18 -40.14 -10.23
N TYR D 333 4.04 -39.52 -9.06
CA TYR D 333 3.06 -40.02 -8.08
C TYR D 333 1.64 -39.68 -8.44
N ASN D 334 1.43 -38.62 -9.24
CA ASN D 334 0.15 -38.40 -9.91
C ASN D 334 -1.03 -38.33 -8.92
N ILE D 335 -0.91 -37.46 -7.91
CA ILE D 335 -1.92 -37.39 -6.84
C ILE D 335 -2.95 -36.27 -7.06
N LEU D 336 -2.83 -35.51 -8.15
CA LEU D 336 -3.64 -34.30 -8.34
C LEU D 336 -5.13 -34.58 -8.25
N GLU D 337 -5.60 -35.61 -8.96
CA GLU D 337 -7.04 -35.85 -9.04
C GLU D 337 -7.57 -36.28 -7.69
N ASP D 338 -6.78 -37.05 -6.93
CA ASP D 338 -7.25 -37.55 -5.64
C ASP D 338 -7.36 -36.42 -4.64
N VAL D 339 -6.36 -35.53 -4.61
CA VAL D 339 -6.44 -34.37 -3.74
C VAL D 339 -7.64 -33.52 -4.09
N ALA D 340 -7.84 -33.26 -5.38
CA ALA D 340 -8.92 -32.36 -5.82
C ALA D 340 -10.30 -32.91 -5.45
N VAL D 341 -10.48 -34.22 -5.56
CA VAL D 341 -11.73 -34.86 -5.13
C VAL D 341 -11.92 -34.68 -3.64
N CYS D 342 -10.85 -34.89 -2.87
CA CYS D 342 -10.90 -34.68 -1.42
C CYS D 342 -11.20 -33.24 -1.06
N MET D 343 -10.76 -32.28 -1.88
CA MET D 343 -11.08 -30.88 -1.66
C MET D 343 -12.48 -30.51 -2.12
N ASP D 344 -13.22 -31.48 -2.66
CA ASP D 344 -14.59 -31.29 -3.13
C ASP D 344 -14.65 -30.39 -4.36
N LEU D 345 -13.63 -30.47 -5.21
CA LEU D 345 -13.61 -29.66 -6.42
C LEU D 345 -14.35 -30.36 -7.55
N ASP D 346 -14.83 -29.56 -8.51
CA ASP D 346 -15.56 -30.10 -9.66
C ASP D 346 -14.55 -30.54 -10.71
N THR D 347 -14.19 -31.83 -10.69
CA THR D 347 -13.17 -32.36 -11.58
C THR D 347 -13.70 -32.76 -12.96
N ARG D 348 -14.98 -32.51 -13.25
CA ARG D 348 -15.55 -32.93 -14.52
C ARG D 348 -15.48 -31.84 -15.60
N THR D 349 -14.94 -30.67 -15.29
CA THR D 349 -14.69 -29.65 -16.31
C THR D 349 -13.36 -28.96 -16.00
N THR D 350 -12.57 -28.73 -17.05
CA THR D 350 -11.29 -28.05 -16.86
C THR D 350 -11.49 -26.62 -16.35
N SER D 351 -12.58 -25.98 -16.77
CA SER D 351 -12.75 -24.55 -16.52
C SER D 351 -13.04 -24.22 -15.06
N SER D 352 -13.26 -25.21 -14.20
CA SER D 352 -13.25 -24.89 -12.78
C SER D 352 -11.82 -24.66 -12.24
N LEU D 353 -10.78 -24.96 -13.02
CA LEU D 353 -9.40 -24.83 -12.55
C LEU D 353 -9.17 -25.65 -11.29
N TRP D 354 -9.84 -26.80 -11.19
CA TRP D 354 -9.59 -27.72 -10.08
C TRP D 354 -8.12 -28.14 -10.02
N LYS D 355 -7.48 -28.39 -11.18
CA LYS D 355 -6.09 -28.80 -11.18
C LYS D 355 -5.20 -27.75 -10.54
N ASP D 356 -5.39 -26.49 -10.94
CA ASP D 356 -4.58 -25.40 -10.41
C ASP D 356 -4.76 -25.26 -8.90
N LYS D 357 -6.01 -25.41 -8.42
CA LYS D 357 -6.29 -25.24 -7.00
C LYS D 357 -5.69 -26.38 -6.18
N ALA D 358 -5.83 -27.62 -6.64
CA ALA D 358 -5.24 -28.73 -5.89
C ALA D 358 -3.72 -28.62 -5.87
N ALA D 359 -3.10 -28.22 -6.98
CA ALA D 359 -1.64 -28.12 -7.01
C ALA D 359 -1.13 -27.08 -6.03
N VAL D 360 -1.78 -25.92 -5.97
CA VAL D 360 -1.41 -24.89 -5.00
C VAL D 360 -1.48 -25.45 -3.58
N GLU D 361 -2.57 -26.13 -3.23
CA GLU D 361 -2.65 -26.65 -1.87
C GLU D 361 -1.58 -27.71 -1.60
N ILE D 362 -1.16 -28.47 -2.61
CA ILE D 362 -0.11 -29.47 -2.37
C ILE D 362 1.21 -28.79 -2.11
N ASN D 363 1.49 -27.72 -2.86
CA ASN D 363 2.69 -26.93 -2.61
C ASN D 363 2.67 -26.27 -1.25
N VAL D 364 1.50 -25.76 -0.82
CA VAL D 364 1.35 -25.23 0.53
C VAL D 364 1.66 -26.31 1.55
N ALA D 365 1.16 -27.54 1.34
CA ALA D 365 1.46 -28.60 2.29
C ALA D 365 2.96 -28.90 2.38
N VAL D 366 3.65 -28.98 1.24
CA VAL D 366 5.09 -29.26 1.25
C VAL D 366 5.84 -28.21 2.05
N LEU D 367 5.63 -26.93 1.71
CA LEU D 367 6.28 -25.84 2.44
C LEU D 367 6.00 -25.93 3.92
N HIS D 368 4.71 -26.03 4.27
CA HIS D 368 4.35 -26.06 5.67
C HIS D 368 4.96 -27.27 6.39
N SER D 369 4.98 -28.44 5.74
CA SER D 369 5.52 -29.61 6.41
C SER D 369 7.04 -29.51 6.60
N TYR D 370 7.76 -28.92 5.65
CA TYR D 370 9.20 -28.81 5.83
C TYR D 370 9.54 -27.77 6.88
N GLN D 371 8.81 -26.63 6.89
CA GLN D 371 9.05 -25.64 7.93
C GLN D 371 8.72 -26.21 9.30
N LEU D 372 7.60 -26.94 9.41
CA LEU D 372 7.27 -27.63 10.65
C LEU D 372 8.40 -28.55 11.10
N ALA D 373 8.93 -29.37 10.20
CA ALA D 373 9.99 -30.30 10.55
C ALA D 373 11.34 -29.62 10.74
N LYS D 374 11.43 -28.31 10.47
CA LYS D 374 12.70 -27.57 10.55
C LYS D 374 13.73 -28.09 9.56
N VAL D 375 13.25 -28.45 8.36
CA VAL D 375 14.11 -28.81 7.23
C VAL D 375 14.09 -27.66 6.23
N THR D 376 15.28 -27.20 5.86
CA THR D 376 15.44 -26.15 4.86
C THR D 376 14.63 -26.46 3.62
N ILE D 377 13.84 -25.48 3.19
CA ILE D 377 13.18 -25.54 1.89
C ILE D 377 13.05 -24.11 1.42
N VAL D 378 13.02 -23.92 0.11
CA VAL D 378 12.75 -22.58 -0.43
C VAL D 378 11.56 -22.66 -1.38
N ASP D 379 10.71 -21.65 -1.36
CA ASP D 379 9.59 -21.63 -2.28
C ASP D 379 10.02 -20.94 -3.57
N HIS D 380 9.23 -21.17 -4.64
CA HIS D 380 9.62 -20.72 -5.97
C HIS D 380 9.68 -19.19 -6.09
N HIS D 381 8.92 -18.45 -5.26
CA HIS D 381 8.99 -17.00 -5.29
C HIS D 381 10.32 -16.48 -4.74
N ALA D 382 10.74 -17.03 -3.60
CA ALA D 382 11.98 -16.57 -3.01
C ALA D 382 13.18 -17.04 -3.84
N ALA D 383 13.11 -18.25 -4.40
CA ALA D 383 14.23 -18.78 -5.18
C ALA D 383 14.42 -18.00 -6.46
N THR D 384 13.34 -17.72 -7.19
CA THR D 384 13.47 -16.95 -8.43
C THR D 384 13.87 -15.51 -8.13
N ALA D 385 13.44 -14.94 -6.99
CA ALA D 385 13.94 -13.61 -6.63
C ALA D 385 15.43 -13.64 -6.33
N SER D 386 15.91 -14.69 -5.66
CA SER D 386 17.34 -14.76 -5.39
C SER D 386 18.11 -14.93 -6.70
N PHE D 387 17.54 -15.69 -7.64
CA PHE D 387 18.21 -15.87 -8.93
C PHE D 387 18.35 -14.55 -9.67
N MET D 388 17.35 -13.67 -9.58
CA MET D 388 17.48 -12.37 -10.24
C MET D 388 18.65 -11.59 -9.67
N LYS D 389 18.88 -11.67 -8.36
CA LYS D 389 20.03 -11.01 -7.76
C LYS D 389 21.32 -11.63 -8.27
N HIS D 390 21.34 -12.97 -8.41
CA HIS D 390 22.47 -13.66 -9.01
C HIS D 390 22.77 -13.15 -10.42
N LEU D 391 21.74 -13.04 -11.25
CA LEU D 391 21.94 -12.50 -12.59
C LEU D 391 22.60 -11.13 -12.52
N GLU D 392 22.10 -10.26 -11.65
CA GLU D 392 22.70 -8.95 -11.49
C GLU D 392 24.17 -9.04 -11.05
N ASN D 393 24.48 -9.93 -10.09
CA ASN D 393 25.87 -10.08 -9.65
C ASN D 393 26.76 -10.55 -10.80
N GLU D 394 26.27 -11.52 -11.57
CA GLU D 394 27.09 -12.09 -12.64
C GLU D 394 27.28 -11.14 -13.81
N GLN D 395 26.25 -10.34 -14.11
CA GLN D 395 26.42 -9.28 -15.10
C GLN D 395 27.62 -8.41 -14.74
N LYS D 396 27.70 -7.97 -13.48
CA LYS D 396 28.84 -7.21 -12.98
C LYS D 396 30.13 -8.00 -13.07
N ALA D 397 30.13 -9.20 -12.48
CA ALA D 397 31.38 -9.94 -12.29
C ALA D 397 31.95 -10.47 -13.61
N ARG D 398 31.10 -11.01 -14.48
CA ARG D 398 31.51 -11.71 -15.69
C ARG D 398 30.91 -11.18 -16.99
N GLY D 399 29.92 -10.29 -16.93
CA GLY D 399 29.29 -9.82 -18.15
C GLY D 399 28.26 -10.76 -18.72
N GLY D 400 27.71 -11.64 -17.89
CA GLY D 400 26.67 -12.53 -18.36
C GLY D 400 26.56 -13.72 -17.45
N CYS D 401 25.59 -14.56 -17.77
CA CYS D 401 25.24 -15.73 -16.99
C CYS D 401 24.50 -16.69 -17.90
N PRO D 402 24.99 -17.92 -18.11
CA PRO D 402 24.21 -18.88 -18.90
C PRO D 402 23.01 -19.34 -18.11
N ALA D 403 21.84 -19.28 -18.74
CA ALA D 403 20.62 -19.70 -18.07
C ALA D 403 19.65 -20.28 -19.10
N ASP D 404 19.02 -21.38 -18.73
CA ASP D 404 18.07 -22.11 -19.56
C ASP D 404 16.67 -21.71 -19.07
N TRP D 405 16.04 -20.78 -19.78
CA TRP D 405 14.76 -20.18 -19.36
C TRP D 405 13.72 -21.23 -18.98
N ALA D 406 13.59 -22.28 -19.81
CA ALA D 406 12.57 -23.30 -19.56
C ALA D 406 12.75 -24.00 -18.22
N TRP D 407 14.01 -24.19 -17.78
CA TRP D 407 14.29 -24.83 -16.50
C TRP D 407 14.27 -23.88 -15.33
N ILE D 408 14.63 -22.61 -15.58
CA ILE D 408 14.65 -21.61 -14.52
C ILE D 408 13.23 -21.21 -14.08
N VAL D 409 12.31 -21.08 -15.03
CA VAL D 409 10.93 -20.67 -14.70
C VAL D 409 10.22 -21.83 -13.99
N PRO D 410 9.61 -21.60 -12.82
CA PRO D 410 9.01 -22.71 -12.04
C PRO D 410 7.88 -23.37 -12.82
N PRO D 411 7.54 -24.62 -12.48
CA PRO D 411 6.49 -25.34 -13.21
C PRO D 411 5.06 -24.93 -12.84
N ILE D 412 4.87 -24.08 -11.84
CA ILE D 412 3.59 -23.42 -11.62
C ILE D 412 3.88 -21.93 -11.46
N SER D 413 2.86 -21.12 -11.74
CA SER D 413 2.89 -19.68 -11.45
C SER D 413 4.01 -18.94 -12.18
N GLY D 414 4.42 -19.42 -13.35
CA GLY D 414 5.63 -18.93 -14.00
C GLY D 414 5.68 -17.42 -14.13
N SER D 415 4.65 -16.81 -14.73
CA SER D 415 4.65 -15.36 -14.92
C SER D 415 4.44 -14.60 -13.62
N LEU D 416 4.12 -15.27 -12.52
CA LEU D 416 4.09 -14.59 -11.23
C LEU D 416 5.48 -14.44 -10.62
N THR D 417 6.51 -14.97 -11.26
CA THR D 417 7.87 -14.86 -10.77
C THR D 417 8.67 -13.97 -11.71
N PRO D 418 9.66 -13.23 -11.20
CA PRO D 418 10.36 -12.26 -12.06
C PRO D 418 11.19 -12.91 -13.16
N VAL D 419 11.60 -14.18 -13.01
CA VAL D 419 12.45 -14.75 -14.04
C VAL D 419 11.68 -14.94 -15.34
N PHE D 420 10.33 -15.08 -15.25
CA PHE D 420 9.54 -15.28 -16.45
C PHE D 420 9.77 -14.13 -17.42
N HIS D 421 9.92 -12.93 -16.87
CA HIS D 421 10.01 -11.72 -17.66
C HIS D 421 11.44 -11.35 -18.02
N GLN D 422 12.41 -12.20 -17.68
CA GLN D 422 13.82 -11.97 -17.99
C GLN D 422 14.21 -12.81 -19.21
N GLU D 423 14.61 -12.14 -20.29
CA GLU D 423 15.26 -12.83 -21.40
C GLU D 423 16.59 -13.41 -20.92
N MET D 424 16.94 -14.60 -21.44
CA MET D 424 18.14 -15.32 -21.00
C MET D 424 18.88 -15.87 -22.22
N VAL D 425 20.18 -16.14 -22.03
CA VAL D 425 21.04 -16.69 -23.06
C VAL D 425 21.61 -18.00 -22.52
N ASN D 426 21.41 -19.08 -23.25
CA ASN D 426 21.85 -20.39 -22.79
C ASN D 426 23.13 -20.77 -23.54
N TYR D 427 24.19 -21.16 -22.81
CA TYR D 427 25.45 -21.58 -23.45
C TYR D 427 26.26 -22.38 -22.45
N PHE D 428 27.33 -23.03 -22.95
CA PHE D 428 28.09 -24.00 -22.17
C PHE D 428 29.45 -23.43 -21.82
N LEU D 429 29.68 -23.18 -20.54
CA LEU D 429 30.99 -22.84 -20.03
C LEU D 429 31.56 -24.04 -19.26
N SER D 430 32.88 -24.05 -19.14
CA SER D 430 33.60 -25.05 -18.37
C SER D 430 34.43 -24.36 -17.29
N PRO D 431 34.59 -24.97 -16.10
CA PRO D 431 34.11 -26.24 -15.53
C PRO D 431 32.58 -26.43 -15.62
N ALA D 432 32.13 -27.67 -15.72
CA ALA D 432 30.72 -27.93 -15.96
C ALA D 432 30.31 -29.24 -15.33
N PHE D 433 29.04 -29.32 -14.94
CA PHE D 433 28.38 -30.58 -14.68
C PHE D 433 27.72 -31.02 -15.99
N ARG D 434 27.91 -32.29 -16.35
CA ARG D 434 27.48 -32.82 -17.64
C ARG D 434 26.70 -34.11 -17.41
N TYR D 435 25.74 -34.38 -18.30
CA TYR D 435 25.12 -35.68 -18.27
C TYR D 435 26.04 -36.72 -18.90
N GLN D 436 25.82 -37.98 -18.51
CA GLN D 436 26.63 -39.09 -18.99
C GLN D 436 25.74 -40.32 -19.07
N PRO D 437 26.05 -41.27 -19.95
CA PRO D 437 25.19 -42.45 -20.07
C PRO D 437 25.08 -43.22 -18.77
N ASP D 438 23.91 -43.83 -18.57
CA ASP D 438 23.74 -44.78 -17.47
C ASP D 438 24.77 -45.89 -17.57
N PRO D 439 25.44 -46.25 -16.47
CA PRO D 439 26.58 -47.18 -16.58
C PRO D 439 26.21 -48.60 -16.95
N TRP D 440 24.93 -48.94 -17.07
CA TRP D 440 24.55 -50.27 -17.48
C TRP D 440 24.01 -50.26 -18.91
CHA HEM E . 2.26 20.34 29.87
CHB HEM E . 3.46 15.79 28.68
CHC HEM E . 5.92 15.47 32.85
CHD HEM E . 3.90 19.61 34.38
C1A HEM E . 2.47 19.19 29.12
C2A HEM E . 2.25 19.02 27.70
C3A HEM E . 2.58 17.77 27.38
C4A HEM E . 3.03 17.09 28.58
CMA HEM E . 2.52 17.12 25.99
CAA HEM E . 1.74 20.10 26.72
CBA HEM E . 2.78 21.22 26.73
CGA HEM E . 2.88 21.91 25.41
O1A HEM E . 2.13 21.55 24.47
O2A HEM E . 3.74 22.82 25.30
C1B HEM E . 4.23 15.28 29.70
C2B HEM E . 4.76 13.94 29.80
C3B HEM E . 5.44 13.83 30.95
C4B HEM E . 5.36 15.12 31.63
CMB HEM E . 4.57 12.83 28.74
CAB HEM E . 6.18 12.53 31.40
CBB HEM E . 6.77 12.37 32.60
C1C HEM E . 5.61 16.57 33.61
C2C HEM E . 6.19 16.88 34.91
C3C HEM E . 5.64 18.04 35.35
C4C HEM E . 4.70 18.48 34.34
CMC HEM E . 7.25 16.00 35.60
CAC HEM E . 5.88 18.81 36.68
CBC HEM E . 6.52 18.31 37.75
C1D HEM E . 3.35 20.22 33.27
C2D HEM E . 2.85 21.58 33.18
C3D HEM E . 2.39 21.78 31.94
C4D HEM E . 2.59 20.54 31.19
CMD HEM E . 2.85 22.63 34.32
CAD HEM E . 1.79 23.07 31.37
CBD HEM E . 2.90 23.57 30.45
CGD HEM E . 2.55 24.87 29.77
O1D HEM E . 1.49 25.43 30.13
O2D HEM E . 3.33 25.32 28.89
NA HEM E . 2.93 17.99 29.62
NB HEM E . 4.60 15.97 30.84
NC HEM E . 4.72 17.57 33.31
ND HEM E . 3.16 19.62 32.04
FE HEM E . 3.59 17.67 31.55
N1 H4B F . -2.13 22.48 23.11
C2 H4B F . -0.88 22.19 23.55
N2 H4B F . -0.62 21.00 24.15
N3 H4B F . 0.12 23.09 23.39
C4 H4B F . -0.10 24.28 22.79
O4 H4B F . 0.86 25.08 22.66
C4A H4B F . -1.39 24.59 22.35
C8A H4B F . -2.41 23.67 22.51
N5 H4B F . -1.64 25.77 21.75
N8 H4B F . -3.68 23.93 22.08
C6 H4B F . -3.01 26.26 21.80
C7 H4B F . -4.01 25.17 21.40
C9 H4B F . -3.15 27.53 20.94
O9 H4B F . -2.59 27.31 19.65
C10 H4B F . -4.61 27.94 20.78
C11 H4B F . -4.69 29.33 20.16
O10 H4B F . -5.25 27.92 22.05
C02 M5L G . 6.75 17.42 28.26
C03 M5L G . 7.05 17.48 29.62
C04 M5L G . 7.21 18.72 30.22
C05 M5L G . 7.05 19.88 29.48
C06 M5L G . 6.74 19.79 28.12
C07 M5L G . 7.53 18.79 31.68
C08 M5L G . 6.57 21.01 27.23
C09 M5L G . 6.26 22.32 27.94
C10 M5L G . 6.50 23.47 26.97
C12 M5L G . 5.94 25.75 26.44
C13 M5L G . 5.40 27.08 26.96
C14 M5L G . 6.25 27.60 28.12
C15 M5L G . 6.40 26.51 29.17
C16 M5L G . 6.95 25.22 28.56
F17 M5L G . 7.45 27.92 27.68
F18 M5L G . 5.66 28.66 28.65
N01 M5L G . 6.62 18.58 27.57
N02 M5L G . 6.59 16.23 27.61
N11 M5L G . 6.01 24.75 27.51
C1 BTB H . 14.95 14.14 -2.60
O1 BTB H . 14.59 15.50 -2.85
C2 BTB H . 14.63 13.33 -3.84
C3 BTB H . 13.13 13.52 -4.10
O3 BTB H . 12.56 13.21 -5.39
C4 BTB H . 15.52 13.90 -4.96
O4 BTB H . 14.82 14.33 -6.14
N BTB H . 15.03 11.91 -3.56
C5 BTB H . 14.02 11.19 -2.76
C6 BTB H . 13.84 9.81 -3.40
O6 BTB H . 12.83 9.84 -4.43
C7 BTB H . 16.37 11.74 -2.98
C8 BTB H . 17.46 11.41 -4.00
O8 BTB H . 16.97 10.64 -5.11
C1 BTB I . 5.08 27.62 -5.21
O1 BTB I . 5.48 26.39 -5.84
C2 BTB I . 4.44 27.35 -3.84
C3 BTB I . 5.31 26.38 -3.07
O3 BTB I . 4.90 26.41 -1.70
C4 BTB I . 4.40 28.65 -3.05
O4 BTB I . 4.63 28.42 -1.66
N BTB I . 3.10 26.74 -3.98
C5 BTB I . 2.51 26.94 -5.33
C6 BTB I . 2.22 25.56 -5.91
O6 BTB I . 3.21 24.63 -5.48
C7 BTB I . 2.14 27.23 -2.97
C8 BTB I . 1.65 26.05 -2.13
O8 BTB I . 2.59 24.97 -2.19
C1 BTB J . 27.92 45.69 42.71
O1 BTB J . 28.07 46.06 41.33
C2 BTB J . 27.46 44.23 42.81
C3 BTB J . 26.49 43.93 41.67
O3 BTB J . 27.20 43.73 40.44
C4 BTB J . 28.68 43.31 42.66
O4 BTB J . 28.26 41.95 42.52
N BTB J . 26.77 43.96 44.11
C5 BTB J . 26.03 45.17 44.55
C6 BTB J . 24.66 44.80 45.11
O6 BTB J . 23.91 44.04 44.16
C7 BTB J . 27.72 43.57 45.17
C8 BTB J . 27.25 42.29 45.84
O8 BTB J . 27.02 41.28 44.83
C1 GOL K . 16.35 14.70 54.03
O1 GOL K . 15.50 13.65 53.65
C2 GOL K . 16.34 15.76 52.93
O2 GOL K . 16.65 15.16 51.69
C3 GOL K . 17.37 16.83 53.26
O3 GOL K . 16.88 17.59 54.34
C1 GOL L . 19.06 44.78 0.75
O1 GOL L . 18.24 45.53 -0.13
C2 GOL L . 18.30 44.28 1.98
O2 GOL L . 18.84 43.05 2.42
C3 GOL L . 16.83 44.02 1.69
O3 GOL L . 16.36 43.10 2.64
C1 GOL M . 14.11 45.19 51.83
O1 GOL M . 14.62 44.22 52.73
C2 GOL M . 15.23 45.72 50.93
O2 GOL M . 14.73 46.20 49.71
C3 GOL M . 16.29 44.63 50.67
O3 GOL M . 16.93 44.85 49.42
CL CL N . 9.43 21.51 23.50
GD GD O . 14.59 11.64 -6.01
ZN ZN P . -14.92 28.44 29.06
C1 GOL Q . 6.56 15.12 -7.10
O1 GOL Q . 6.01 14.51 -8.24
C2 GOL Q . 6.16 16.54 -7.38
O2 GOL Q . 6.02 16.32 -8.74
C3 GOL Q . 7.26 17.57 -7.11
O3 GOL Q . 7.02 18.26 -5.90
CHA HEM R . -21.51 22.88 11.96
CHB HEM R . -18.98 23.22 7.84
CHC HEM R . -22.92 25.13 5.68
CHD HEM R . -24.79 25.96 10.07
C1A HEM R . -20.55 22.65 11.01
C2A HEM R . -19.43 21.73 11.11
C3A HEM R . -18.73 21.82 9.96
C4A HEM R . -19.35 22.81 9.11
CMA HEM R . -17.45 21.01 9.61
CAA HEM R . -19.16 20.81 12.31
CBA HEM R . -20.16 19.68 12.19
CGA HEM R . -19.91 18.51 13.10
O1A HEM R . -18.74 18.25 13.48
O2A HEM R . -20.91 17.81 13.42
C1B HEM R . -19.84 23.72 6.86
C2B HEM R . -19.58 23.84 5.42
C3B HEM R . -20.65 24.38 4.83
C4B HEM R . -21.65 24.60 5.85
CMB HEM R . -18.28 23.44 4.66
CAB HEM R . -20.73 24.64 3.30
CBB HEM R . -21.47 25.60 2.77
C1C HEM R . -23.78 25.53 6.67
C2C HEM R . -25.07 26.19 6.47
C3C HEM R . -25.60 26.41 7.71
C4C HEM R . -24.65 25.91 8.69
CMC HEM R . -25.63 26.51 5.08
CAC HEM R . -26.91 27.11 8.12
CBC HEM R . -27.56 27.93 7.26
C1D HEM R . -24.10 25.17 10.98
C2D HEM R . -24.42 24.95 12.37
C3D HEM R . -23.53 24.11 12.88
C4D HEM R . -22.59 23.73 11.83
CMD HEM R . -25.59 25.59 13.12
CAD HEM R . -23.50 23.59 14.34
CBD HEM R . -23.88 22.11 14.30
CGD HEM R . -23.89 21.60 15.72
O1D HEM R . -23.68 22.43 16.64
O2D HEM R . -24.11 20.40 15.95
NA HEM R . -20.46 23.28 9.78
NB HEM R . -21.11 24.21 7.06
NC HEM R . -23.58 25.39 8.02
ND HEM R . -22.98 24.41 10.69
FE HEM R . -21.87 24.59 8.96
N1 H4B S . -15.77 19.29 16.79
C2 H4B S . -16.60 19.07 15.73
N2 H4B S . -16.45 19.82 14.61
N3 H4B S . -17.57 18.14 15.80
C4 H4B S . -17.72 17.38 16.91
O4 H4B S . -18.64 16.51 16.90
C4A H4B S . -16.89 17.59 18.01
C8A H4B S . -15.90 18.56 17.93
N5 H4B S . -17.00 16.87 19.15
N8 H4B S . -15.04 18.79 18.98
C6 H4B S . -16.46 17.42 20.37
C7 H4B S . -15.05 17.97 20.18
C9 H4B S . -16.54 16.42 21.53
O9 H4B S . -15.97 15.17 21.19
C10 H4B S . -15.83 16.93 22.77
C11 H4B S . -16.28 16.07 23.94
O10 H4B S . -16.16 18.30 23.02
C02 M5L T . -21.66 20.45 7.03
C03 M5L T . -22.70 21.35 6.72
C04 M5L T . -23.84 21.37 7.54
C05 M5L T . -23.91 20.52 8.65
C06 M5L T . -22.85 19.63 8.92
C07 M5L T . -24.96 22.33 7.23
C08 M5L T . -22.86 18.65 10.07
C09 M5L T . -23.68 19.06 11.29
C10 M5L T . -23.81 17.91 12.28
C12 M5L T . -24.18 17.28 14.56
C13 M5L T . -24.92 17.52 15.89
C14 M5L T . -26.41 17.83 15.68
C15 M5L T . -26.54 18.99 14.67
C16 M5L T . -25.77 18.71 13.38
F17 M5L T . -27.04 16.76 15.19
F18 M5L T . -26.96 18.17 16.84
N01 M5L T . -21.77 19.63 8.09
N02 M5L T . -20.54 20.37 6.26
N11 M5L T . -24.34 18.36 13.58
C1 BTB U . 1.06 1.25 -9.57
O1 BTB U . 0.43 1.48 -10.83
C2 BTB U . -0.02 1.23 -8.49
C3 BTB U . 0.43 2.05 -7.29
O3 BTB U . -0.77 2.41 -6.59
C4 BTB U . -1.28 1.90 -9.06
O4 BTB U . -2.40 1.86 -8.16
N BTB U . -0.26 -0.17 -8.04
C5 BTB U . 0.96 -0.74 -7.45
C6 BTB U . 0.75 -1.09 -6.00
O6 BTB U . -0.27 -2.11 -5.93
C7 BTB U . -0.89 -1.05 -9.06
C8 BTB U . -2.37 -1.33 -8.77
O8 BTB U . -2.59 -2.03 -7.53
C1 BTB V . -57.14 14.70 10.12
O1 BTB V . -56.73 14.58 8.74
C2 BTB V . -55.87 14.62 10.98
C3 BTB V . -55.16 13.31 10.67
O3 BTB V . -53.81 13.60 10.30
C4 BTB V . -55.02 15.81 10.57
O4 BTB V . -55.85 16.93 10.19
N BTB V . -56.16 14.59 12.42
C5 BTB V . -57.52 14.08 12.69
C6 BTB V . -57.42 12.84 13.57
O6 BTB V . -56.03 12.54 13.74
C7 BTB V . -56.04 15.93 13.04
C8 BTB V . -55.62 15.76 14.49
O8 BTB V . -55.06 14.44 14.63
C1 GOL W . -20.99 15.03 18.57
O1 GOL W . -20.59 16.27 19.12
C2 GOL W . -20.43 13.91 19.42
O2 GOL W . -19.03 14.10 19.56
C3 GOL W . -20.68 12.57 18.72
O3 GOL W . -19.60 11.70 18.97
CL CL X . -22.55 14.07 8.98
GD GD Y . -2.11 0.22 -6.13
GD GD Z . -13.46 -8.07 5.22
CHA HEM AA . -0.13 -15.94 -30.43
CHB HEM AA . -4.08 -18.25 -28.72
CHC HEM AA . -6.21 -17.21 -33.02
CHD HEM AA . -1.91 -15.99 -34.99
C1A HEM AA . -1.04 -16.51 -29.54
C2A HEM AA . -0.95 -16.60 -28.08
C3A HEM AA . -2.02 -17.23 -27.62
C4A HEM AA . -2.86 -17.58 -28.75
CMA HEM AA . -2.32 -17.52 -26.14
CAA HEM AA . 0.19 -16.04 -27.20
CBA HEM AA . 0.00 -14.52 -27.30
CGA HEM AA . 0.65 -13.77 -26.17
O1A HEM AA . 0.87 -14.37 -25.10
O2A HEM AA . 0.91 -12.55 -26.36
C1B HEM AA . -5.03 -18.18 -29.74
C2B HEM AA . -6.40 -18.67 -29.71
C3B HEM AA . -6.99 -18.39 -30.87
C4B HEM AA . -6.03 -17.70 -31.72
CMB HEM AA . -7.07 -19.38 -28.52
CAB HEM AA . -8.47 -18.76 -31.20
CBB HEM AA . -9.01 -18.61 -32.41
C1C HEM AA . -5.25 -16.79 -33.92
C2C HEM AA . -5.48 -16.40 -35.31
C3C HEM AA . -4.29 -16.05 -35.85
C4C HEM AA . -3.28 -16.22 -34.84
CMC HEM AA . -6.88 -16.39 -35.97
CAC HEM AA . -3.95 -15.57 -37.29
CBC HEM AA . -4.76 -15.68 -38.34
C1D HEM AA . -1.07 -15.80 -33.92
C2D HEM AA . 0.25 -15.18 -33.95
C3D HEM AA . 0.74 -15.19 -32.71
C4D HEM AA . -0.24 -15.78 -31.81
CMD HEM AA . 0.95 -14.64 -35.20
CAD HEM AA . 2.10 -14.60 -32.28
CBD HEM AA . 1.65 -13.41 -31.41
CGD HEM AA . 2.79 -12.55 -31.01
O1D HEM AA . 3.89 -13.10 -30.74
O2D HEM AA . 2.61 -11.32 -30.93
NA HEM AA . -2.24 -17.13 -29.89
NB HEM AA . -4.85 -17.60 -30.98
NC HEM AA . -3.89 -16.67 -33.69
ND HEM AA . -1.33 -16.14 -32.60
FE HEM AA . -3.03 -17.11 -31.85
N1 H4B BA . 4.56 -16.60 -23.63
C2 H4B BA . 3.43 -15.99 -24.10
N2 H4B BA . 2.38 -16.72 -24.50
N3 H4B BA . 3.37 -14.65 -24.15
C4 H4B BA . 4.41 -13.88 -23.74
O4 H4B BA . 4.29 -12.62 -23.81
C4A H4B BA . 5.57 -14.49 -23.28
C8A H4B BA . 5.63 -15.87 -23.23
N5 H4B BA . 6.64 -13.78 -22.86
N8 H4B BA . 6.74 -16.50 -22.79
C6 H4B BA . 7.95 -14.41 -22.91
C7 H4B BA . 7.89 -15.79 -22.26
C9 H4B BA . 9.01 -13.52 -22.25
O9 H4B BA . 8.69 -13.25 -20.89
C10 H4B BA . 10.34 -14.22 -22.20
C11 H4B BA . 11.43 -13.22 -21.83
O10 H4B BA . 10.58 -14.87 -23.44
C02 M5L CA . -5.29 -14.57 -28.98
C03 M5L CA . -5.58 -14.47 -30.32
C04 M5L CA . -4.88 -13.55 -31.11
C05 M5L CA . -3.88 -12.78 -30.54
C06 M5L CA . -3.60 -12.91 -29.19
C07 M5L CA . -5.18 -13.41 -32.56
C08 M5L CA . -2.52 -12.08 -28.49
C09 M5L CA . -1.43 -11.52 -29.40
C10 M5L CA . -0.56 -10.51 -28.66
C12 M5L CA . 1.56 -9.42 -28.49
C13 M5L CA . 2.77 -8.81 -29.21
C14 M5L CA . 2.36 -7.87 -30.34
C15 M5L CA . 1.35 -8.54 -31.25
C16 M5L CA . 0.18 -9.08 -30.45
F17 M5L CA . 1.81 -6.78 -29.82
F18 M5L CA . 3.43 -7.54 -31.04
N01 M5L CA . -4.31 -13.78 -28.46
N02 M5L CA . -5.95 -15.43 -28.16
N11 M5L CA . 0.61 -10.06 -29.42
C1 BTB DA . -11.03 -6.46 1.60
O1 BTB DA . -11.31 -5.12 1.15
C2 BTB DA . -11.74 -6.87 2.88
C3 BTB DA . -10.97 -8.08 3.39
O3 BTB DA . -11.26 -8.70 4.65
C4 BTB DA . -11.60 -5.70 3.87
O4 BTB DA . -12.63 -5.60 4.85
N BTB DA . -13.13 -7.25 2.56
C5 BTB DA . -13.11 -8.34 1.56
C6 BTB DA . -14.01 -9.46 2.05
O6 BTB DA . -13.37 -10.12 3.16
C7 BTB DA . -14.01 -6.17 2.08
C8 BTB DA . -15.21 -6.01 3.02
O8 BTB DA . -15.75 -7.28 3.41
C1 BTB EA . 4.02 -6.89 0.79
O1 BTB EA . 3.65 -6.67 -0.58
C2 BTB EA . 4.80 -5.73 1.41
C3 BTB EA . 4.42 -5.72 2.88
O3 BTB EA . 3.76 -6.95 3.21
C4 BTB EA . 6.34 -5.97 1.42
O4 BTB EA . 6.81 -6.82 0.36
N BTB EA . 4.45 -4.44 0.77
C5 BTB EA . 5.49 -3.97 -0.15
C6 BTB EA . 5.00 -4.20 -1.56
O6 BTB EA . 3.67 -4.73 -1.42
C7 BTB EA . 4.22 -3.42 1.80
C8 BTB EA . 4.12 -2.03 1.16
O8 BTB EA . 3.16 -2.07 0.11
C1 BTB FA . -2.67 14.07 -51.30
O1 BTB FA . -3.45 12.87 -51.20
C2 BTB FA . -3.51 15.27 -50.86
C3 BTB FA . -3.55 16.29 -51.99
O3 BTB FA . -3.88 15.65 -53.23
C4 BTB FA . -4.92 14.79 -50.55
O4 BTB FA . -5.50 14.15 -51.69
N BTB FA . -2.88 15.85 -49.64
C5 BTB FA . -3.89 16.53 -48.80
C6 BTB FA . -3.41 16.65 -47.36
O6 BTB FA . -2.56 15.53 -47.03
C7 BTB FA . -1.81 16.80 -50.01
C8 BTB FA . -0.50 16.57 -49.25
O8 BTB FA . -0.39 15.20 -48.84
C1 GOL GA . -15.48 -13.64 -53.09
O1 GOL GA . -14.87 -14.49 -54.04
C2 GOL GA . -15.23 -12.20 -53.53
O2 GOL GA . -14.47 -12.25 -54.71
C3 GOL GA . -14.43 -11.42 -52.48
O3 GOL GA . -13.98 -10.19 -53.00
C1 GOL HA . -3.37 -38.48 -26.45
O1 GOL HA . -4.49 -38.96 -27.16
C2 GOL HA . -3.00 -39.48 -25.35
O2 GOL HA . -2.93 -38.86 -24.08
C3 GOL HA . -1.66 -40.13 -25.67
O3 GOL HA . -1.45 -41.21 -24.79
C1 GOL IA . 7.56 8.64 -54.96
O1 GOL IA . 7.87 7.62 -55.89
C2 GOL IA . 8.62 8.72 -53.87
O2 GOL IA . 8.02 8.47 -52.61
C3 GOL IA . 9.23 10.12 -53.85
O3 GOL IA . 8.30 11.04 -53.31
CL CL JA . -4.04 -9.36 -25.20
ZN ZN KA . 17.85 -22.13 -29.34
CHA HEM LA . 19.17 -28.00 -11.28
CHB HEM LA . 17.81 -25.60 -7.28
CHC HEM LA . 22.07 -26.48 -5.15
CHD HEM LA . 23.71 -27.91 -9.44
C1A HEM LA . 18.36 -27.39 -10.32
C2A HEM LA . 16.92 -27.27 -10.32
C3A HEM LA . 16.54 -26.62 -9.21
C4A HEM LA . 17.74 -26.29 -8.47
CMA HEM LA . 15.09 -26.28 -8.79
CAA HEM LA . 15.99 -27.87 -11.40
CBA HEM LA . 15.96 -29.33 -10.99
CGA HEM LA . 14.96 -30.11 -11.80
O1A HEM LA . 14.00 -29.48 -12.32
O2A HEM LA . 15.11 -31.35 -11.90
C1B HEM LA . 18.82 -25.65 -6.35
C2B HEM LA . 18.76 -25.11 -5.00
C3B HEM LA . 19.94 -25.34 -4.40
C4B HEM LA . 20.78 -26.04 -5.36
CMB HEM LA . 17.56 -24.39 -4.36
CAB HEM LA . 20.28 -24.92 -2.96
CBB HEM LA . 21.54 -24.81 -2.49
C1C HEM LA . 22.92 -26.97 -6.13
C2C HEM LA . 24.29 -27.40 -5.92
C3C HEM LA . 24.76 -27.81 -7.11
C4C HEM LA . 23.69 -27.64 -8.09
CMC HEM LA . 24.98 -27.35 -4.53
CAC HEM LA . 26.16 -28.35 -7.52
CBC HEM LA . 27.25 -28.18 -6.77
C1D HEM LA . 22.64 -28.09 -10.30
C2D HEM LA . 22.73 -28.63 -11.64
C3D HEM LA . 21.49 -28.64 -12.16
C4D HEM LA . 20.55 -28.14 -11.17
CMD HEM LA . 24.01 -29.09 -12.36
CAD HEM LA . 21.17 -29.16 -13.56
CBD HEM LA . 20.95 -30.65 -13.30
CGD HEM LA . 19.90 -31.26 -14.19
O1D HEM LA . 19.86 -30.98 -15.40
O2D HEM LA . 19.09 -32.04 -13.64
NA HEM LA . 18.81 -26.77 -9.18
NB HEM LA . 20.07 -26.21 -6.54
NC HEM LA . 22.60 -27.12 -7.45
ND HEM LA . 21.30 -27.81 -10.05
FE HEM LA . 20.74 -26.67 -8.42
N1 H4B MA . 12.31 -27.51 -16.01
C2 H4B MA . 12.84 -28.05 -14.89
N2 H4B MA . 13.31 -27.25 -13.89
N3 H4B MA . 12.93 -29.39 -14.76
C4 H4B MA . 12.48 -30.22 -15.72
O4 H4B MA . 12.58 -31.45 -15.54
C4A H4B MA . 11.91 -29.67 -16.88
C8A H4B MA . 11.84 -28.29 -16.99
N5 H4B MA . 11.45 -30.44 -17.88
N8 H4B MA . 11.33 -27.69 -18.09
C6 H4B MA . 11.41 -29.85 -19.22
C7 H4B MA . 10.78 -28.46 -19.20
C9 H4B MA . 10.72 -30.77 -20.25
O9 H4B MA . 9.42 -31.19 -19.81
C10 H4B MA . 10.56 -30.02 -21.58
C11 H4B MA . 10.08 -30.96 -22.68
O10 H4B MA . 11.81 -29.41 -21.92
C02 M5L NA . 17.87 -29.22 -5.90
C03 M5L NA . 19.25 -29.33 -5.65
C04 M5L NA . 20.01 -30.24 -6.38
C05 M5L NA . 19.37 -31.02 -7.36
C06 M5L NA . 17.99 -30.88 -7.57
C07 M5L NA . 21.51 -30.34 -6.10
C08 M5L NA . 17.19 -31.70 -8.57
C09 M5L NA . 17.91 -32.18 -9.81
C10 M5L NA . 17.16 -33.33 -10.48
C12 M5L NA . 16.95 -34.37 -12.67
C13 M5L NA . 17.70 -34.82 -13.93
C14 M5L NA . 18.98 -35.61 -13.60
C15 M5L NA . 19.85 -34.81 -12.64
C16 M5L NA . 19.03 -34.46 -11.41
F17 M5L NA . 18.66 -36.74 -13.00
F18 M5L NA . 19.68 -35.85 -14.69
N01 M5L NA . 17.29 -30.00 -6.83
N02 M5L NA . 17.07 -28.36 -5.20
N11 M5L NA . 17.85 -33.65 -11.75
C1 BTB OA . -10.49 -24.09 11.73
O1 BTB OA . -10.15 -22.73 11.40
C2 BTB OA . -9.95 -25.01 10.64
C3 BTB OA . -9.82 -24.21 9.35
O3 BTB OA . -9.23 -25.01 8.31
C4 BTB OA . -8.55 -25.48 11.01
O4 BTB OA . -8.28 -26.76 10.44
N BTB OA . -10.90 -26.15 10.47
C5 BTB OA . -12.12 -25.71 9.76
C6 BTB OA . -12.29 -26.44 8.45
O6 BTB OA . -12.46 -27.83 8.72
C7 BTB OA . -11.25 -26.90 11.70
C8 BTB OA . -10.54 -28.26 11.77
O8 BTB OA . -10.70 -29.04 10.57
C1 BTB PA . 35.50 -59.11 -9.88
O1 BTB PA . 35.52 -59.36 -11.29
C2 BTB PA . 36.94 -58.98 -9.43
C3 BTB PA . 37.63 -60.31 -9.65
O3 BTB PA . 38.46 -60.24 -10.81
C4 BTB PA . 37.53 -57.90 -10.33
O4 BTB PA . 38.77 -57.33 -9.87
N BTB PA . 36.91 -58.66 -7.99
C5 BTB PA . 38.24 -58.66 -7.34
C6 BTB PA . 38.36 -57.54 -6.30
O6 BTB PA . 37.14 -57.39 -5.58
C7 BTB PA . 36.03 -59.65 -7.30
C8 BTB PA . 36.77 -60.64 -6.39
O8 BTB PA . 36.18 -60.63 -5.08
C1 GOL QA . 9.70 -34.93 -17.13
O1 GOL QA . 8.76 -34.08 -17.79
C2 GOL QA . 11.12 -34.57 -17.53
O2 GOL QA . 11.38 -33.21 -17.24
C3 GOL QA . 12.15 -35.43 -16.82
O3 GOL QA . 13.36 -34.71 -16.76
CL CL RA . 13.89 -34.63 -7.11
CL CL SA . 51.79 -35.00 -8.74
GD GD TA . -9.75 -27.63 8.42
#